data_9LKW
# 
_entry.id   9LKW 
# 
_audit_conform.dict_name       mmcif_pdbx.dic 
_audit_conform.dict_version    5.404 
_audit_conform.dict_location   http://mmcif.pdb.org/dictionaries/ascii/mmcif_pdbx.dic 
# 
loop_
_database_2.database_id 
_database_2.database_code 
_database_2.pdbx_database_accession 
_database_2.pdbx_DOI 
PDB   9LKW         pdb_00009lkw 10.2210/pdb9lkw/pdb 
WWPDB D_1300055885 ?            ?                   
# 
_pdbx_audit_revision_history.ordinal             1 
_pdbx_audit_revision_history.data_content_type   'Structure model' 
_pdbx_audit_revision_history.major_revision      1 
_pdbx_audit_revision_history.minor_revision      0 
_pdbx_audit_revision_history.revision_date       2025-08-20 
_pdbx_audit_revision_history.part_number         ? 
# 
_pdbx_audit_revision_details.ordinal             1 
_pdbx_audit_revision_details.revision_ordinal    1 
_pdbx_audit_revision_details.data_content_type   'Structure model' 
_pdbx_audit_revision_details.provider            repository 
_pdbx_audit_revision_details.type                'Initial release' 
_pdbx_audit_revision_details.description         ? 
_pdbx_audit_revision_details.details             ? 
# 
_pdbx_database_status.status_code                     REL 
_pdbx_database_status.status_code_sf                  REL 
_pdbx_database_status.status_code_mr                  ? 
_pdbx_database_status.entry_id                        9LKW 
_pdbx_database_status.recvd_initial_deposition_date   2025-01-16 
_pdbx_database_status.SG_entry                        N 
_pdbx_database_status.deposit_site                    PDBJ 
_pdbx_database_status.process_site                    PDBC 
_pdbx_database_status.status_code_cs                  ? 
_pdbx_database_status.status_code_nmr_data            ? 
_pdbx_database_status.methods_development_category    ? 
_pdbx_database_status.pdb_format_compatible           Y 
# 
_pdbx_contact_author.id                 2 
_pdbx_contact_author.email              aimingren@zju.edu.cn 
_pdbx_contact_author.name_first         Aiming 
_pdbx_contact_author.name_last          Ren 
_pdbx_contact_author.name_mi            ? 
_pdbx_contact_author.role               'principal investigator/group leader' 
_pdbx_contact_author.identifier_ORCID   0000-0002-5420-4899 
# 
loop_
_audit_author.name 
_audit_author.pdbx_ordinal 
_audit_author.identifier_ORCID 
'Shen, X.'  1 ? 
'Ren, A.M.' 2 ? 
# 
_citation.abstract                  ? 
_citation.abstract_id_CAS           ? 
_citation.book_id_ISBN              ? 
_citation.book_publisher            ? 
_citation.book_publisher_city       ? 
_citation.book_title                ? 
_citation.coordinate_linkage        ? 
_citation.country                   UK 
_citation.database_id_Medline       ? 
_citation.details                   ? 
_citation.id                        primary 
_citation.journal_abbrev            'Nucleic Acids Res.' 
_citation.journal_id_ASTM           NARHAD 
_citation.journal_id_CSD            0389 
_citation.journal_id_ISSN           1362-4962 
_citation.journal_full              ? 
_citation.journal_issue             ? 
_citation.journal_volume            53 
_citation.language                  ? 
_citation.page_first                ? 
_citation.page_last                 ? 
_citation.title                     
;Structure-based insights into the ligand specificity tuning of 2'-dG-III riboswitch.
;
_citation.year                      2025 
_citation.database_id_CSD           ? 
_citation.pdbx_database_id_DOI      10.1093/nar/gkaf773 
_citation.pdbx_database_id_PubMed   40795954 
_citation.pdbx_database_id_patent   ? 
_citation.unpublished_flag          ? 
# 
loop_
_citation_author.citation_id 
_citation_author.name 
_citation_author.ordinal 
_citation_author.identifier_ORCID 
primary 'Shen, X.' 1 ?                   
primary 'Li, H.'   2 ?                   
primary 'Xu, X.'   3 ?                   
primary 'Song, Q.' 4 ?                   
primary 'Tai, X.'  5 ?                   
primary 'He, M.'   6 ?                   
primary 'Ren, A.'  7 0000-0002-5420-4899 
# 
loop_
_entity.id 
_entity.type 
_entity.src_method 
_entity.pdbx_description 
_entity.formula_weight 
_entity.pdbx_number_of_molecules 
_entity.pdbx_ec 
_entity.pdbx_mutation 
_entity.pdbx_fragment 
_entity.details 
1 polymer     man 'RNA (65-MER)'  20938.275 1 ? ? ? ? 
2 non-polymer syn GUANINE         151.126   1 ? ? ? ? 
3 non-polymer syn 'MAGNESIUM ION' 24.305    1 ? ? ? ? 
4 water       nat water           18.015    4 ? ? ? ? 
# 
_entity_poly.entity_id                      1 
_entity_poly.type                           polyribonucleotide 
_entity_poly.nstd_linkage                   no 
_entity_poly.nstd_monomer                   yes 
_entity_poly.pdbx_seq_one_letter_code       '(GDP)GCGUAUAUCCUUAAUGAUAUGGUUUAAGGGCAAUACAUAGAAACCACAAAUUUCUUACUGCGU(CCC)' 
_entity_poly.pdbx_seq_one_letter_code_can   GGCGUAUAUCCUUAAUGAUAUGGUUUAAGGGCAAUACAUAGAAACCACAAAUUUCUUACUGCGUC 
_entity_poly.pdbx_strand_id                 X 
_entity_poly.pdbx_target_identifier         ? 
# 
loop_
_pdbx_entity_nonpoly.entity_id 
_pdbx_entity_nonpoly.name 
_pdbx_entity_nonpoly.comp_id 
2 GUANINE         GUN 
3 'MAGNESIUM ION' MG  
4 water           HOH 
# 
loop_
_entity_poly_seq.entity_id 
_entity_poly_seq.num 
_entity_poly_seq.mon_id 
_entity_poly_seq.hetero 
1 1  GDP n 
1 2  G   n 
1 3  C   n 
1 4  G   n 
1 5  U   n 
1 6  A   n 
1 7  U   n 
1 8  A   n 
1 9  U   n 
1 10 C   n 
1 11 C   n 
1 12 U   n 
1 13 U   n 
1 14 A   n 
1 15 A   n 
1 16 U   n 
1 17 G   n 
1 18 A   n 
1 19 U   n 
1 20 A   n 
1 21 U   n 
1 22 G   n 
1 23 G   n 
1 24 U   n 
1 25 U   n 
1 26 U   n 
1 27 A   n 
1 28 A   n 
1 29 G   n 
1 30 G   n 
1 31 G   n 
1 32 C   n 
1 33 A   n 
1 34 A   n 
1 35 U   n 
1 36 A   n 
1 37 C   n 
1 38 A   n 
1 39 U   n 
1 40 A   n 
1 41 G   n 
1 42 A   n 
1 43 A   n 
1 44 A   n 
1 45 C   n 
1 46 C   n 
1 47 A   n 
1 48 C   n 
1 49 A   n 
1 50 A   n 
1 51 A   n 
1 52 U   n 
1 53 U   n 
1 54 U   n 
1 55 C   n 
1 56 U   n 
1 57 U   n 
1 58 A   n 
1 59 C   n 
1 60 U   n 
1 61 G   n 
1 62 C   n 
1 63 G   n 
1 64 U   n 
1 65 CCC n 
# 
_entity_src_gen.entity_id                          1 
_entity_src_gen.pdbx_src_id                        1 
_entity_src_gen.pdbx_alt_source_flag               sample 
_entity_src_gen.pdbx_seq_type                      'Biological sequence' 
_entity_src_gen.pdbx_beg_seq_num                   1 
_entity_src_gen.pdbx_end_seq_num                   65 
_entity_src_gen.gene_src_common_name               ? 
_entity_src_gen.gene_src_genus                     ? 
_entity_src_gen.pdbx_gene_src_gene                 ? 
_entity_src_gen.gene_src_species                   ? 
_entity_src_gen.gene_src_strain                    ? 
_entity_src_gen.gene_src_tissue                    ? 
_entity_src_gen.gene_src_tissue_fraction           ? 
_entity_src_gen.gene_src_details                   ? 
_entity_src_gen.pdbx_gene_src_fragment             ? 
_entity_src_gen.pdbx_gene_src_scientific_name      'synthetic construct' 
_entity_src_gen.pdbx_gene_src_ncbi_taxonomy_id     32630 
_entity_src_gen.pdbx_gene_src_variant              ? 
_entity_src_gen.pdbx_gene_src_cell_line            ? 
_entity_src_gen.pdbx_gene_src_atcc                 ? 
_entity_src_gen.pdbx_gene_src_organ                ? 
_entity_src_gen.pdbx_gene_src_organelle            ? 
_entity_src_gen.pdbx_gene_src_cell                 ? 
_entity_src_gen.pdbx_gene_src_cellular_location    ? 
_entity_src_gen.host_org_common_name               ? 
_entity_src_gen.pdbx_host_org_scientific_name      'in vitro transcription vector pT7-TP(deltai)' 
_entity_src_gen.pdbx_host_org_ncbi_taxonomy_id     905931 
_entity_src_gen.host_org_genus                     ? 
_entity_src_gen.pdbx_host_org_gene                 ? 
_entity_src_gen.pdbx_host_org_organ                ? 
_entity_src_gen.host_org_species                   ? 
_entity_src_gen.pdbx_host_org_tissue               ? 
_entity_src_gen.pdbx_host_org_tissue_fraction      ? 
_entity_src_gen.pdbx_host_org_strain               ? 
_entity_src_gen.pdbx_host_org_variant              ? 
_entity_src_gen.pdbx_host_org_cell_line            ? 
_entity_src_gen.pdbx_host_org_atcc                 ? 
_entity_src_gen.pdbx_host_org_culture_collection   ? 
_entity_src_gen.pdbx_host_org_cell                 ? 
_entity_src_gen.pdbx_host_org_organelle            ? 
_entity_src_gen.pdbx_host_org_cellular_location    ? 
_entity_src_gen.pdbx_host_org_vector_type          ? 
_entity_src_gen.pdbx_host_org_vector               ? 
_entity_src_gen.host_org_details                   ? 
_entity_src_gen.expression_system_id               ? 
_entity_src_gen.plasmid_name                       ? 
_entity_src_gen.plasmid_details                    ? 
_entity_src_gen.pdbx_description                   ? 
# 
loop_
_chem_comp.id 
_chem_comp.type 
_chem_comp.mon_nstd_flag 
_chem_comp.name 
_chem_comp.pdbx_synonyms 
_chem_comp.formula 
_chem_comp.formula_weight 
A   'RNA linking' y "ADENOSINE-5'-MONOPHOSPHATE"                   ? 'C10 H14 N5 O7 P'   347.221 
C   'RNA linking' y "CYTIDINE-5'-MONOPHOSPHATE"                    ? 'C9 H14 N3 O8 P'    323.197 
CCC 'RNA linking' n 
;CYTIDINE-5'-PHOSPHATE-2',3'-CYCLIC PHOSPHATE
;
? 'C9 H13 N3 O10 P2'  385.161 
G   'RNA linking' y "GUANOSINE-5'-MONOPHOSPHATE"                   ? 'C10 H14 N5 O8 P'   363.221 
GDP 'RNA linking' n "GUANOSINE-5'-DIPHOSPHATE"                     ? 'C10 H15 N5 O11 P2' 443.201 
GUN non-polymer   . GUANINE                                        ? 'C5 H5 N5 O'        151.126 
HOH non-polymer   . WATER                                          ? 'H2 O'              18.015  
MG  non-polymer   . 'MAGNESIUM ION'                                ? 'Mg 2'              24.305  
U   'RNA linking' y "URIDINE-5'-MONOPHOSPHATE"                     ? 'C9 H13 N2 O9 P'    324.181 
# 
loop_
_pdbx_poly_seq_scheme.asym_id 
_pdbx_poly_seq_scheme.entity_id 
_pdbx_poly_seq_scheme.seq_id 
_pdbx_poly_seq_scheme.mon_id 
_pdbx_poly_seq_scheme.ndb_seq_num 
_pdbx_poly_seq_scheme.pdb_seq_num 
_pdbx_poly_seq_scheme.auth_seq_num 
_pdbx_poly_seq_scheme.pdb_mon_id 
_pdbx_poly_seq_scheme.auth_mon_id 
_pdbx_poly_seq_scheme.pdb_strand_id 
_pdbx_poly_seq_scheme.pdb_ins_code 
_pdbx_poly_seq_scheme.hetero 
A 1 1  GDP 1  5  5  GDP GDP X . n 
A 1 2  G   2  6  6  G   G   X . n 
A 1 3  C   3  7  7  C   C   X . n 
A 1 4  G   4  8  8  G   G   X . n 
A 1 5  U   5  9  9  U   U   X . n 
A 1 6  A   6  10 10 A   A   X . n 
A 1 7  U   7  11 11 U   U   X . n 
A 1 8  A   8  12 12 A   A   X . n 
A 1 9  U   9  13 13 U   U   X . n 
A 1 10 C   10 14 14 C   C   X . n 
A 1 11 C   11 15 15 C   C   X . n 
A 1 12 U   12 16 16 U   U   X . n 
A 1 13 U   13 17 17 U   U   X . n 
A 1 14 A   14 18 18 A   A   X . n 
A 1 15 A   15 19 19 A   A   X . n 
A 1 16 U   16 20 20 U   U   X . n 
A 1 17 G   17 21 21 G   G   X . n 
A 1 18 A   18 22 22 A   A   X . n 
A 1 19 U   19 23 23 U   U   X . n 
A 1 20 A   20 24 24 A   A   X . n 
A 1 21 U   21 25 25 U   U   X . n 
A 1 22 G   22 26 26 G   G   X . n 
A 1 23 G   23 27 27 G   G   X . n 
A 1 24 U   24 28 28 U   U   X . n 
A 1 25 U   25 29 29 U   U   X . n 
A 1 26 U   26 30 30 U   U   X . n 
A 1 27 A   27 31 31 A   A   X . n 
A 1 28 A   28 32 32 A   A   X . n 
A 1 29 G   29 33 33 G   G   X . n 
A 1 30 G   30 34 34 G   G   X . n 
A 1 31 G   31 35 35 G   G   X . n 
A 1 32 C   32 36 36 C   C   X . n 
A 1 33 A   33 37 37 A   A   X . n 
A 1 34 A   34 38 38 A   A   X . n 
A 1 35 U   35 39 39 U   U   X . n 
A 1 36 A   36 40 40 A   A   X . n 
A 1 37 C   37 41 41 C   C   X . n 
A 1 38 A   38 42 42 A   A   X . n 
A 1 39 U   39 43 43 U   U   X . n 
A 1 40 A   40 44 44 A   A   X . n 
A 1 41 G   41 45 45 G   G   X . n 
A 1 42 A   42 46 46 A   A   X . n 
A 1 43 A   43 47 47 A   A   X . n 
A 1 44 A   44 48 48 A   A   X . n 
A 1 45 C   45 49 49 C   C   X . n 
A 1 46 C   46 50 50 C   C   X . n 
A 1 47 A   47 51 51 A   A   X . n 
A 1 48 C   48 52 52 C   C   X . n 
A 1 49 A   49 53 53 A   A   X . n 
A 1 50 A   50 54 54 A   A   X . n 
A 1 51 A   51 55 55 A   A   X . n 
A 1 52 U   52 56 56 U   U   X . n 
A 1 53 U   53 57 57 U   U   X . n 
A 1 54 U   54 58 58 U   U   X . n 
A 1 55 C   55 59 59 C   C   X . n 
A 1 56 U   56 60 60 U   U   X . n 
A 1 57 U   57 61 61 U   U   X . n 
A 1 58 A   58 62 62 A   A   X . n 
A 1 59 C   59 63 63 C   C   X . n 
A 1 60 U   60 64 64 U   U   X . n 
A 1 61 G   61 65 65 G   G   X . n 
A 1 62 C   62 66 66 C   C   X . n 
A 1 63 G   63 67 67 G   G   X . n 
A 1 64 U   64 68 68 U   U   X . n 
A 1 65 CCC 65 69 69 CCC CCC X . n 
# 
_pdbx_entity_instance_feature.ordinal        1 
_pdbx_entity_instance_feature.comp_id        GUN 
_pdbx_entity_instance_feature.asym_id        ? 
_pdbx_entity_instance_feature.seq_num        ? 
_pdbx_entity_instance_feature.auth_comp_id   GUN 
_pdbx_entity_instance_feature.auth_asym_id   ? 
_pdbx_entity_instance_feature.auth_seq_num   ? 
_pdbx_entity_instance_feature.feature_type   'SUBJECT OF INVESTIGATION' 
_pdbx_entity_instance_feature.details        ? 
# 
loop_
_pdbx_nonpoly_scheme.asym_id 
_pdbx_nonpoly_scheme.entity_id 
_pdbx_nonpoly_scheme.mon_id 
_pdbx_nonpoly_scheme.ndb_seq_num 
_pdbx_nonpoly_scheme.pdb_seq_num 
_pdbx_nonpoly_scheme.auth_seq_num 
_pdbx_nonpoly_scheme.pdb_mon_id 
_pdbx_nonpoly_scheme.auth_mon_id 
_pdbx_nonpoly_scheme.pdb_strand_id 
_pdbx_nonpoly_scheme.pdb_ins_code 
B 2 GUN 1 101 106 GUN GUN X . 
C 3 MG  1 102 1   MG  MG  X . 
D 4 HOH 1 201 3   HOH HOH X . 
D 4 HOH 2 202 4   HOH HOH X . 
D 4 HOH 3 203 1   HOH HOH X . 
D 4 HOH 4 204 2   HOH HOH X . 
# 
loop_
_software.citation_id 
_software.classification 
_software.compiler_name 
_software.compiler_version 
_software.contact_author 
_software.contact_author_email 
_software.date 
_software.description 
_software.dependencies 
_software.hardware 
_software.language 
_software.location 
_software.mods 
_software.name 
_software.os 
_software.os_version 
_software.type 
_software.version 
_software.pdbx_reference_DOI 
_software.pdbx_ordinal 
? refinement        ? ? ? ? ? ? ? ? ? ? ? PHENIX      ? ? ? '(1.20.1_4487: ???)' ? 1 
? 'data scaling'    ? ? ? ? ? ? ? ? ? ? ? Aimless     ? ? ? .                    ? 2 
? 'data extraction' ? ? ? ? ? ? ? ? ? ? ? PDB_EXTRACT ? ? ? .                    ? 3 
? phasing           ? ? ? ? ? ? ? ? ? ? ? PHASER      ? ? ? .                    ? 4 
? 'data reduction'  ? ? ? ? ? ? ? ? ? ? ? HKL-3000    ? ? ? .                    ? 5 
# 
_cell.angle_alpha                  90.00 
_cell.angle_alpha_esd              ? 
_cell.angle_beta                   90.00 
_cell.angle_beta_esd               ? 
_cell.angle_gamma                  90.00 
_cell.angle_gamma_esd              ? 
_cell.entry_id                     9LKW 
_cell.details                      ? 
_cell.formula_units_Z              ? 
_cell.length_a                     49.485 
_cell.length_a_esd                 ? 
_cell.length_b                     71.232 
_cell.length_b_esd                 ? 
_cell.length_c                     115.653 
_cell.length_c_esd                 ? 
_cell.volume                       ? 
_cell.volume_esd                   ? 
_cell.Z_PDB                        8 
_cell.reciprocal_angle_alpha       ? 
_cell.reciprocal_angle_beta        ? 
_cell.reciprocal_angle_gamma       ? 
_cell.reciprocal_angle_alpha_esd   ? 
_cell.reciprocal_angle_beta_esd    ? 
_cell.reciprocal_angle_gamma_esd   ? 
_cell.reciprocal_length_a          ? 
_cell.reciprocal_length_b          ? 
_cell.reciprocal_length_c          ? 
_cell.reciprocal_length_a_esd      ? 
_cell.reciprocal_length_b_esd      ? 
_cell.reciprocal_length_c_esd      ? 
_cell.pdbx_unique_axis             ? 
_cell.pdbx_esd_method              ? 
# 
_symmetry.entry_id                         9LKW 
_symmetry.cell_setting                     ? 
_symmetry.Int_Tables_number                23 
_symmetry.space_group_name_Hall            ? 
_symmetry.space_group_name_H-M             'I 2 2 2' 
_symmetry.pdbx_full_space_group_name_H-M   ? 
# 
_exptl.absorpt_coefficient_mu     ? 
_exptl.absorpt_correction_T_max   ? 
_exptl.absorpt_correction_T_min   ? 
_exptl.absorpt_correction_type    ? 
_exptl.absorpt_process_details    ? 
_exptl.entry_id                   9LKW 
_exptl.crystals_number            1 
_exptl.details                    ? 
_exptl.method                     'X-RAY DIFFRACTION' 
_exptl.method_details             ? 
# 
_exptl_crystal.colour                       ? 
_exptl_crystal.density_diffrn               ? 
_exptl_crystal.density_Matthews             2.45 
_exptl_crystal.density_method               ? 
_exptl_crystal.density_percent_sol          49.46 
_exptl_crystal.description                  ? 
_exptl_crystal.F_000                        ? 
_exptl_crystal.id                           1 
_exptl_crystal.preparation                  ? 
_exptl_crystal.size_max                     ? 
_exptl_crystal.size_mid                     ? 
_exptl_crystal.size_min                     ? 
_exptl_crystal.size_rad                     ? 
_exptl_crystal.colour_lustre                ? 
_exptl_crystal.colour_modifier              ? 
_exptl_crystal.colour_primary               ? 
_exptl_crystal.density_meas                 ? 
_exptl_crystal.density_meas_esd             ? 
_exptl_crystal.density_meas_gt              ? 
_exptl_crystal.density_meas_lt              ? 
_exptl_crystal.density_meas_temp            ? 
_exptl_crystal.density_meas_temp_esd        ? 
_exptl_crystal.density_meas_temp_gt         ? 
_exptl_crystal.density_meas_temp_lt         ? 
_exptl_crystal.pdbx_crystal_image_url       ? 
_exptl_crystal.pdbx_crystal_image_format    ? 
_exptl_crystal.pdbx_mosaicity               ? 
_exptl_crystal.pdbx_mosaicity_esd           ? 
_exptl_crystal.pdbx_mosaic_method           ? 
_exptl_crystal.pdbx_mosaic_block_size       ? 
_exptl_crystal.pdbx_mosaic_block_size_esd   ? 
# 
_exptl_crystal_grow.apparatus       ? 
_exptl_crystal_grow.atmosphere      ? 
_exptl_crystal_grow.crystal_id      1 
_exptl_crystal_grow.details         ? 
_exptl_crystal_grow.method          'VAPOR DIFFUSION, SITTING DROP' 
_exptl_crystal_grow.method_ref      ? 
_exptl_crystal_grow.pH              ? 
_exptl_crystal_grow.pressure        ? 
_exptl_crystal_grow.pressure_esd    ? 
_exptl_crystal_grow.seeding         ? 
_exptl_crystal_grow.seeding_ref     ? 
_exptl_crystal_grow.temp_details    ? 
_exptl_crystal_grow.temp_esd        ? 
_exptl_crystal_grow.time            ? 
_exptl_crystal_grow.pdbx_details    
;0.08 M Sodium chloride, 0.012 M Potassium chloride, 0.02 M Magnesium chloride hexahydrate, 0.04 M sodium cacodylate trihydrate 7.0, 35 % v/v 2-Methyl-2,4-pentanediol, 0.012 M spermine tetrahydrochloride
;
_exptl_crystal_grow.pdbx_pH_range   ? 
_exptl_crystal_grow.temp            289 
# 
_diffrn.ambient_environment              ? 
_diffrn.ambient_temp                     100 
_diffrn.ambient_temp_details             ? 
_diffrn.ambient_temp_esd                 ? 
_diffrn.crystal_id                       1 
_diffrn.crystal_support                  ? 
_diffrn.crystal_treatment                ? 
_diffrn.details                          ? 
_diffrn.id                               1 
_diffrn.ambient_pressure                 ? 
_diffrn.ambient_pressure_esd             ? 
_diffrn.ambient_pressure_gt              ? 
_diffrn.ambient_pressure_lt              ? 
_diffrn.ambient_temp_gt                  ? 
_diffrn.ambient_temp_lt                  ? 
_diffrn.pdbx_serial_crystal_experiment   N 
# 
_diffrn_detector.details                      ? 
_diffrn_detector.detector                     PIXEL 
_diffrn_detector.diffrn_id                    1 
_diffrn_detector.type                         'DECTRIS PILATUS 6M' 
_diffrn_detector.area_resol_mean              ? 
_diffrn_detector.dtime                        ? 
_diffrn_detector.pdbx_frames_total            ? 
_diffrn_detector.pdbx_collection_time_total   ? 
_diffrn_detector.pdbx_collection_date         2023-06-05 
_diffrn_detector.pdbx_frequency               ? 
_diffrn_detector.id                           ? 
_diffrn_detector.number_of_axes               ? 
# 
_diffrn_radiation.collimation                      ? 
_diffrn_radiation.diffrn_id                        1 
_diffrn_radiation.filter_edge                      ? 
_diffrn_radiation.inhomogeneity                    ? 
_diffrn_radiation.monochromator                    ? 
_diffrn_radiation.polarisn_norm                    ? 
_diffrn_radiation.polarisn_ratio                   ? 
_diffrn_radiation.probe                            ? 
_diffrn_radiation.type                             ? 
_diffrn_radiation.xray_symbol                      ? 
_diffrn_radiation.wavelength_id                    1 
_diffrn_radiation.pdbx_monochromatic_or_laue_m_l   M 
_diffrn_radiation.pdbx_wavelength_list             ? 
_diffrn_radiation.pdbx_wavelength                  ? 
_diffrn_radiation.pdbx_diffrn_protocol             'SINGLE WAVELENGTH' 
_diffrn_radiation.pdbx_analyzer                    ? 
_diffrn_radiation.pdbx_scattering_type             x-ray 
# 
_diffrn_radiation_wavelength.id           1 
_diffrn_radiation_wavelength.wavelength   0.97918 
_diffrn_radiation_wavelength.wt           1.0 
# 
_diffrn_source.current                     ? 
_diffrn_source.details                     ? 
_diffrn_source.diffrn_id                   1 
_diffrn_source.power                       ? 
_diffrn_source.size                        ? 
_diffrn_source.source                      SYNCHROTRON 
_diffrn_source.target                      ? 
_diffrn_source.type                        'SSRF BEAMLINE BL02U1' 
_diffrn_source.voltage                     ? 
_diffrn_source.take-off_angle              ? 
_diffrn_source.pdbx_wavelength_list        0.97918 
_diffrn_source.pdbx_wavelength             ? 
_diffrn_source.pdbx_synchrotron_beamline   BL02U1 
_diffrn_source.pdbx_synchrotron_site       SSRF 
# 
_reflns.B_iso_Wilson_estimate                          ? 
_reflns.entry_id                                       9LKW 
_reflns.data_reduction_details                         ? 
_reflns.data_reduction_method                          ? 
_reflns.d_resolution_high                              2.28 
_reflns.d_resolution_low                               60.65 
_reflns.details                                        ? 
_reflns.limit_h_max                                    ? 
_reflns.limit_h_min                                    ? 
_reflns.limit_k_max                                    ? 
_reflns.limit_k_min                                    ? 
_reflns.limit_l_max                                    ? 
_reflns.limit_l_min                                    ? 
_reflns.number_all                                     ? 
_reflns.number_obs                                     8914 
_reflns.observed_criterion                             ? 
_reflns.observed_criterion_F_max                       ? 
_reflns.observed_criterion_F_min                       ? 
_reflns.observed_criterion_I_max                       ? 
_reflns.observed_criterion_I_min                       ? 
_reflns.observed_criterion_sigma_F                     ? 
_reflns.observed_criterion_sigma_I                     ? 
_reflns.percent_possible_obs                           92.0 
_reflns.R_free_details                                 ? 
_reflns.Rmerge_F_all                                   ? 
_reflns.Rmerge_F_obs                                   ? 
_reflns.Friedel_coverage                               ? 
_reflns.number_gt                                      ? 
_reflns.threshold_expression                           ? 
_reflns.pdbx_redundancy                                10.4 
_reflns.pdbx_netI_over_av_sigmaI                       ? 
_reflns.pdbx_netI_over_sigmaI                          13.4 
_reflns.pdbx_res_netI_over_av_sigmaI_2                 ? 
_reflns.pdbx_res_netI_over_sigmaI_2                    ? 
_reflns.pdbx_chi_squared                               0.92 
_reflns.pdbx_scaling_rejects                           ? 
_reflns.pdbx_d_res_high_opt                            ? 
_reflns.pdbx_d_res_low_opt                             ? 
_reflns.pdbx_d_res_opt_method                          ? 
_reflns.phase_calculation_details                      ? 
_reflns.pdbx_Rrim_I_all                                0.061 
_reflns.pdbx_Rpim_I_all                                0.019 
_reflns.pdbx_d_opt                                     ? 
_reflns.pdbx_number_measured_all                       ? 
_reflns.pdbx_diffrn_id                                 1 
_reflns.pdbx_ordinal                                   1 
_reflns.pdbx_CC_half                                   0.999 
_reflns.pdbx_CC_star                                   ? 
_reflns.pdbx_R_split                                   ? 
_reflns.pdbx_Rmerge_I_obs                              0.057 
_reflns.pdbx_Rmerge_I_all                              ? 
_reflns.pdbx_Rsym_value                                ? 
_reflns.pdbx_CC_split_method                           ? 
_reflns.pdbx_aniso_diffraction_limit_axis_1_ortho[1]   ? 
_reflns.pdbx_aniso_diffraction_limit_axis_1_ortho[2]   ? 
_reflns.pdbx_aniso_diffraction_limit_axis_1_ortho[3]   ? 
_reflns.pdbx_aniso_diffraction_limit_axis_2_ortho[1]   ? 
_reflns.pdbx_aniso_diffraction_limit_axis_2_ortho[2]   ? 
_reflns.pdbx_aniso_diffraction_limit_axis_2_ortho[3]   ? 
_reflns.pdbx_aniso_diffraction_limit_axis_3_ortho[1]   ? 
_reflns.pdbx_aniso_diffraction_limit_axis_3_ortho[2]   ? 
_reflns.pdbx_aniso_diffraction_limit_axis_3_ortho[3]   ? 
_reflns.pdbx_aniso_diffraction_limit_1                 ? 
_reflns.pdbx_aniso_diffraction_limit_2                 ? 
_reflns.pdbx_aniso_diffraction_limit_3                 ? 
_reflns.pdbx_aniso_B_tensor_eigenvector_1_ortho[1]     ? 
_reflns.pdbx_aniso_B_tensor_eigenvector_1_ortho[2]     ? 
_reflns.pdbx_aniso_B_tensor_eigenvector_1_ortho[3]     ? 
_reflns.pdbx_aniso_B_tensor_eigenvector_2_ortho[1]     ? 
_reflns.pdbx_aniso_B_tensor_eigenvector_2_ortho[2]     ? 
_reflns.pdbx_aniso_B_tensor_eigenvector_2_ortho[3]     ? 
_reflns.pdbx_aniso_B_tensor_eigenvector_3_ortho[1]     ? 
_reflns.pdbx_aniso_B_tensor_eigenvector_3_ortho[2]     ? 
_reflns.pdbx_aniso_B_tensor_eigenvector_3_ortho[3]     ? 
_reflns.pdbx_aniso_B_tensor_eigenvalue_1               ? 
_reflns.pdbx_aniso_B_tensor_eigenvalue_2               ? 
_reflns.pdbx_aniso_B_tensor_eigenvalue_3               ? 
_reflns.pdbx_orthogonalization_convention              ? 
_reflns.pdbx_percent_possible_ellipsoidal              ? 
_reflns.pdbx_percent_possible_spherical                ? 
_reflns.pdbx_percent_possible_ellipsoidal_anomalous    ? 
_reflns.pdbx_percent_possible_spherical_anomalous      ? 
_reflns.pdbx_redundancy_anomalous                      ? 
_reflns.pdbx_CC_half_anomalous                         ? 
_reflns.pdbx_absDiff_over_sigma_anomalous              ? 
_reflns.pdbx_percent_possible_anomalous                ? 
_reflns.pdbx_observed_signal_threshold                 ? 
_reflns.pdbx_signal_type                               ? 
_reflns.pdbx_signal_details                            ? 
_reflns.pdbx_signal_software_id                        ? 
# 
_reflns_shell.d_res_high                                    2.28 
_reflns_shell.d_res_low                                     2.40 
_reflns_shell.meanI_over_sigI_all                           ? 
_reflns_shell.meanI_over_sigI_obs                           ? 
_reflns_shell.number_measured_all                           15482 
_reflns_shell.number_measured_obs                           ? 
_reflns_shell.number_possible                               ? 
_reflns_shell.number_unique_all                             ? 
_reflns_shell.number_unique_obs                             1393 
_reflns_shell.percent_possible_obs                          99.8 
_reflns_shell.Rmerge_F_all                                  ? 
_reflns_shell.Rmerge_F_obs                                  ? 
_reflns_shell.meanI_over_sigI_gt                            ? 
_reflns_shell.meanI_over_uI_all                             ? 
_reflns_shell.meanI_over_uI_gt                              ? 
_reflns_shell.number_measured_gt                            ? 
_reflns_shell.number_unique_gt                              ? 
_reflns_shell.percent_possible_gt                           ? 
_reflns_shell.Rmerge_F_gt                                   ? 
_reflns_shell.Rmerge_I_gt                                   ? 
_reflns_shell.pdbx_redundancy                               11.1 
_reflns_shell.pdbx_chi_squared                              1.17 
_reflns_shell.pdbx_netI_over_sigmaI_all                     ? 
_reflns_shell.pdbx_netI_over_sigmaI_obs                     2.9 
_reflns_shell.pdbx_Rrim_I_all                               0.942 
_reflns_shell.pdbx_Rpim_I_all                               0.279 
_reflns_shell.pdbx_rejects                                  ? 
_reflns_shell.pdbx_ordinal                                  1 
_reflns_shell.pdbx_diffrn_id                                1 
_reflns_shell.pdbx_CC_half                                  0.969 
_reflns_shell.pdbx_CC_star                                  ? 
_reflns_shell.pdbx_R_split                                  ? 
_reflns_shell.percent_possible_all                          ? 
_reflns_shell.Rmerge_I_all                                  ? 
_reflns_shell.Rmerge_I_obs                                  0.899 
_reflns_shell.pdbx_Rsym_value                               ? 
_reflns_shell.pdbx_percent_possible_ellipsoidal             ? 
_reflns_shell.pdbx_percent_possible_spherical               ? 
_reflns_shell.pdbx_percent_possible_ellipsoidal_anomalous   ? 
_reflns_shell.pdbx_percent_possible_spherical_anomalous     ? 
_reflns_shell.pdbx_redundancy_anomalous                     ? 
_reflns_shell.pdbx_CC_half_anomalous                        ? 
_reflns_shell.pdbx_absDiff_over_sigma_anomalous             ? 
_reflns_shell.pdbx_percent_possible_anomalous               ? 
# 
_refine.aniso_B[1][1]                            ? 
_refine.aniso_B[1][2]                            ? 
_refine.aniso_B[1][3]                            ? 
_refine.aniso_B[2][2]                            ? 
_refine.aniso_B[2][3]                            ? 
_refine.aniso_B[3][3]                            ? 
_refine.B_iso_max                                ? 
_refine.B_iso_mean                               ? 
_refine.B_iso_min                                ? 
_refine.correlation_coeff_Fo_to_Fc               ? 
_refine.correlation_coeff_Fo_to_Fc_free          ? 
_refine.details                                  ? 
_refine.diff_density_max                         ? 
_refine.diff_density_max_esd                     ? 
_refine.diff_density_min                         ? 
_refine.diff_density_min_esd                     ? 
_refine.diff_density_rms                         ? 
_refine.diff_density_rms_esd                     ? 
_refine.entry_id                                 9LKW 
_refine.pdbx_refine_id                           'X-RAY DIFFRACTION' 
_refine.ls_abs_structure_details                 ? 
_refine.ls_abs_structure_Flack                   ? 
_refine.ls_abs_structure_Flack_esd               ? 
_refine.ls_abs_structure_Rogers                  ? 
_refine.ls_abs_structure_Rogers_esd              ? 
_refine.ls_d_res_high                            2.28 
_refine.ls_d_res_low                             40.64 
_refine.ls_extinction_coef                       ? 
_refine.ls_extinction_coef_esd                   ? 
_refine.ls_extinction_expression                 ? 
_refine.ls_extinction_method                     ? 
_refine.ls_goodness_of_fit_all                   ? 
_refine.ls_goodness_of_fit_all_esd               ? 
_refine.ls_goodness_of_fit_obs                   ? 
_refine.ls_goodness_of_fit_obs_esd               ? 
_refine.ls_hydrogen_treatment                    ? 
_refine.ls_matrix_type                           ? 
_refine.ls_number_constraints                    ? 
_refine.ls_number_parameters                     ? 
_refine.ls_number_reflns_all                     ? 
_refine.ls_number_reflns_obs                     8704 
_refine.ls_number_reflns_R_free                  430 
_refine.ls_number_reflns_R_work                  ? 
_refine.ls_number_restraints                     ? 
_refine.ls_percent_reflns_obs                    89.83 
_refine.ls_percent_reflns_R_free                 4.94 
_refine.ls_R_factor_all                          ? 
_refine.ls_R_factor_obs                          0.2126 
_refine.ls_R_factor_R_free                       0.2258 
_refine.ls_R_factor_R_free_error                 ? 
_refine.ls_R_factor_R_free_error_details         ? 
_refine.ls_R_factor_R_work                       0.2118 
_refine.ls_R_Fsqd_factor_obs                     ? 
_refine.ls_R_I_factor_obs                        ? 
_refine.ls_redundancy_reflns_all                 ? 
_refine.ls_redundancy_reflns_obs                 ? 
_refine.ls_restrained_S_all                      ? 
_refine.ls_restrained_S_obs                      ? 
_refine.ls_shift_over_esd_max                    ? 
_refine.ls_shift_over_esd_mean                   ? 
_refine.ls_structure_factor_coef                 ? 
_refine.ls_weighting_details                     ? 
_refine.ls_weighting_scheme                      ? 
_refine.ls_wR_factor_all                         ? 
_refine.ls_wR_factor_obs                         ? 
_refine.ls_wR_factor_R_free                      ? 
_refine.ls_wR_factor_R_work                      ? 
_refine.occupancy_max                            ? 
_refine.occupancy_min                            ? 
_refine.solvent_model_details                    'FLAT BULK SOLVENT MODEL' 
_refine.solvent_model_param_bsol                 ? 
_refine.solvent_model_param_ksol                 ? 
_refine.correlation_coeff_I_to_Fcsqd_work        ? 
_refine.correlation_coeff_I_to_Fcsqd_free        ? 
_refine.pdbx_R_complete                          ? 
_refine.ls_R_factor_gt                           ? 
_refine.ls_goodness_of_fit_gt                    ? 
_refine.ls_goodness_of_fit_ref                   ? 
_refine.ls_shift_over_su_max                     ? 
_refine.ls_shift_over_su_max_lt                  ? 
_refine.ls_shift_over_su_mean                    ? 
_refine.ls_shift_over_su_mean_lt                 ? 
_refine.pdbx_ls_sigma_I                          ? 
_refine.pdbx_ls_sigma_F                          1.35 
_refine.pdbx_ls_sigma_Fsqd                       ? 
_refine.pdbx_data_cutoff_high_absF               ? 
_refine.pdbx_data_cutoff_high_rms_absF           ? 
_refine.pdbx_data_cutoff_low_absF                ? 
_refine.pdbx_isotropic_thermal_model             ? 
_refine.pdbx_ls_cross_valid_method               THROUGHOUT 
_refine.pdbx_method_to_determine_struct          'MOLECULAR REPLACEMENT' 
_refine.pdbx_starting_model                      ? 
_refine.pdbx_stereochemistry_target_values       ML 
_refine.pdbx_R_Free_selection_details            ? 
_refine.pdbx_stereochem_target_val_spec_case     ? 
_refine.pdbx_overall_ESU_R                       ? 
_refine.pdbx_overall_ESU_R_Free                  ? 
_refine.pdbx_solvent_vdw_probe_radii             1.10 
_refine.pdbx_solvent_ion_probe_radii             ? 
_refine.pdbx_solvent_shrinkage_radii             0.90 
_refine.pdbx_real_space_R                        ? 
_refine.pdbx_density_correlation                 ? 
_refine.pdbx_pd_number_of_powder_patterns        ? 
_refine.pdbx_pd_number_of_points                 ? 
_refine.pdbx_pd_meas_number_of_points            ? 
_refine.pdbx_pd_proc_ls_prof_R_factor            ? 
_refine.pdbx_pd_proc_ls_prof_wR_factor           ? 
_refine.pdbx_pd_Marquardt_correlation_coeff      ? 
_refine.pdbx_pd_Fsqrd_R_factor                   ? 
_refine.pdbx_pd_ls_matrix_band_width             ? 
_refine.pdbx_overall_phase_error                 40.67 
_refine.pdbx_overall_SU_R_free_Cruickshank_DPI   ? 
_refine.pdbx_overall_SU_R_free_Blow_DPI          ? 
_refine.pdbx_overall_SU_R_Blow_DPI               ? 
_refine.pdbx_TLS_residual_ADP_flag               ? 
_refine.pdbx_diffrn_id                           1 
_refine.overall_SU_B                             ? 
_refine.overall_SU_ML                            0.33 
_refine.overall_SU_R_Cruickshank_DPI             ? 
_refine.overall_SU_R_free                        ? 
_refine.overall_FOM_free_R_set                   ? 
_refine.overall_FOM_work_R_set                   ? 
_refine.pdbx_average_fsc_overall                 ? 
_refine.pdbx_average_fsc_work                    ? 
_refine.pdbx_average_fsc_free                    ? 
# 
_refine_hist.pdbx_refine_id                   'X-RAY DIFFRACTION' 
_refine_hist.cycle_id                         LAST 
_refine_hist.details                          ? 
_refine_hist.d_res_high                       2.28 
_refine_hist.d_res_low                        40.64 
_refine_hist.number_atoms_solvent             4 
_refine_hist.number_atoms_total               1402 
_refine_hist.number_reflns_all                ? 
_refine_hist.number_reflns_obs                ? 
_refine_hist.number_reflns_R_free             ? 
_refine_hist.number_reflns_R_work             ? 
_refine_hist.R_factor_all                     ? 
_refine_hist.R_factor_obs                     ? 
_refine_hist.R_factor_R_free                  ? 
_refine_hist.R_factor_R_work                  ? 
_refine_hist.pdbx_number_residues_total       ? 
_refine_hist.pdbx_B_iso_mean_ligand           ? 
_refine_hist.pdbx_B_iso_mean_solvent          ? 
_refine_hist.pdbx_number_atoms_protein        0 
_refine_hist.pdbx_number_atoms_nucleic_acid   1397 
_refine_hist.pdbx_number_atoms_ligand         1 
_refine_hist.pdbx_number_atoms_lipid          ? 
_refine_hist.pdbx_number_atoms_carb           ? 
_refine_hist.pdbx_pseudo_atom_details         ? 
# 
loop_
_refine_ls_restr.pdbx_refine_id 
_refine_ls_restr.criterion 
_refine_ls_restr.dev_ideal 
_refine_ls_restr.dev_ideal_target 
_refine_ls_restr.number 
_refine_ls_restr.rejects 
_refine_ls_restr.type 
_refine_ls_restr.weight 
_refine_ls_restr.pdbx_Zscore 
_refine_ls_restr.pdbx_restraint_function 
'X-RAY DIFFRACTION' ? 0.005  ? 1560 ? f_bond_d           ? ? ? 
'X-RAY DIFFRACTION' ? 1.214  ? 2426 ? f_angle_d          ? ? ? 
'X-RAY DIFFRACTION' ? 17.596 ? 789  ? f_dihedral_angle_d ? ? ? 
'X-RAY DIFFRACTION' ? 0.053  ? 323  ? f_chiral_restr     ? ? ? 
'X-RAY DIFFRACTION' ? 0.007  ? 66   ? f_plane_restr      ? ? ? 
# 
loop_
_refine_ls_shell.pdbx_refine_id 
_refine_ls_shell.d_res_high 
_refine_ls_shell.d_res_low 
_refine_ls_shell.number_reflns_all 
_refine_ls_shell.number_reflns_obs 
_refine_ls_shell.number_reflns_R_free 
_refine_ls_shell.number_reflns_R_work 
_refine_ls_shell.percent_reflns_obs 
_refine_ls_shell.percent_reflns_R_free 
_refine_ls_shell.R_factor_all 
_refine_ls_shell.R_factor_obs 
_refine_ls_shell.R_factor_R_free_error 
_refine_ls_shell.R_factor_R_work 
_refine_ls_shell.redundancy_reflns_all 
_refine_ls_shell.redundancy_reflns_obs 
_refine_ls_shell.wR_factor_all 
_refine_ls_shell.wR_factor_obs 
_refine_ls_shell.wR_factor_R_free 
_refine_ls_shell.wR_factor_R_work 
_refine_ls_shell.pdbx_R_complete 
_refine_ls_shell.correlation_coeff_Fo_to_Fc 
_refine_ls_shell.correlation_coeff_Fo_to_Fc_free 
_refine_ls_shell.correlation_coeff_I_to_Fcsqd_work 
_refine_ls_shell.correlation_coeff_I_to_Fcsqd_free 
_refine_ls_shell.pdbx_total_number_of_bins_used 
_refine_ls_shell.pdbx_phase_error 
_refine_ls_shell.pdbx_fsc_work 
_refine_ls_shell.pdbx_fsc_free 
_refine_ls_shell.R_factor_R_free 
'X-RAY DIFFRACTION' 2.28 2.61  . . 162 2950 98.00 . . . . 0.3633 . . . . . . . . . . . . . . . 0.4276 
'X-RAY DIFFRACTION' 2.61 3.29  . . 134 2582 85.00 . . . . 0.3096 . . . . . . . . . . . . . . . 0.3936 
'X-RAY DIFFRACTION' 3.29 40.64 . . 134 2742 87.00 . . . . 0.1684 . . . . . . . . . . . . . . . 0.1647 
# 
_struct.entry_id                     9LKW 
_struct.title                        
;Crystal structure of the 2'-dG-III riboswitch bound to Guanine
;
_struct.pdbx_model_details           ? 
_struct.pdbx_formula_weight          ? 
_struct.pdbx_formula_weight_method   ? 
_struct.pdbx_model_type_details      ? 
_struct.pdbx_CASP_flag               N 
# 
_struct_keywords.entry_id        9LKW 
_struct_keywords.text            
;Riboswitch, Guanine, 2'-dG, RNA
;
_struct_keywords.pdbx_keywords   RNA 
# 
loop_
_struct_asym.id 
_struct_asym.pdbx_blank_PDB_chainid_flag 
_struct_asym.pdbx_modified 
_struct_asym.entity_id 
_struct_asym.details 
A N N 1 ? 
B N N 2 ? 
C N N 3 ? 
D N N 4 ? 
# 
_struct_ref.id                         1 
_struct_ref.db_name                    PDB 
_struct_ref.db_code                    9LKW 
_struct_ref.pdbx_db_accession          9LKW 
_struct_ref.pdbx_db_isoform            ? 
_struct_ref.entity_id                  1 
_struct_ref.pdbx_seq_one_letter_code   ? 
_struct_ref.pdbx_align_begin           1 
# 
_struct_ref_seq.align_id                      1 
_struct_ref_seq.ref_id                        1 
_struct_ref_seq.pdbx_PDB_id_code              9LKW 
_struct_ref_seq.pdbx_strand_id                X 
_struct_ref_seq.seq_align_beg                 1 
_struct_ref_seq.pdbx_seq_align_beg_ins_code   ? 
_struct_ref_seq.seq_align_end                 65 
_struct_ref_seq.pdbx_seq_align_end_ins_code   ? 
_struct_ref_seq.pdbx_db_accession             9LKW 
_struct_ref_seq.db_align_beg                  5 
_struct_ref_seq.pdbx_db_align_beg_ins_code    ? 
_struct_ref_seq.db_align_end                  69 
_struct_ref_seq.pdbx_db_align_end_ins_code    ? 
_struct_ref_seq.pdbx_auth_seq_align_beg       5 
_struct_ref_seq.pdbx_auth_seq_align_end       69 
# 
_pdbx_struct_assembly.id                   1 
_pdbx_struct_assembly.details              author_and_software_defined_assembly 
_pdbx_struct_assembly.method_details       PISA 
_pdbx_struct_assembly.oligomeric_details   monomeric 
_pdbx_struct_assembly.oligomeric_count     1 
# 
loop_
_pdbx_struct_assembly_prop.biol_id 
_pdbx_struct_assembly_prop.type 
_pdbx_struct_assembly_prop.value 
_pdbx_struct_assembly_prop.details 
1 'ABSA (A^2)' 770   ? 
1 MORE         -5    ? 
1 'SSA (A^2)'  10870 ? 
# 
_pdbx_struct_assembly_gen.assembly_id       1 
_pdbx_struct_assembly_gen.oper_expression   1 
_pdbx_struct_assembly_gen.asym_id_list      A,B,C,D 
# 
_pdbx_struct_assembly_auth_evidence.id                     1 
_pdbx_struct_assembly_auth_evidence.assembly_id            1 
_pdbx_struct_assembly_auth_evidence.experimental_support   none 
_pdbx_struct_assembly_auth_evidence.details                ? 
# 
_pdbx_struct_oper_list.id                   1 
_pdbx_struct_oper_list.type                 'identity operation' 
_pdbx_struct_oper_list.name                 1_555 
_pdbx_struct_oper_list.symmetry_operation   x,y,z 
_pdbx_struct_oper_list.matrix[1][1]         1.0000000000 
_pdbx_struct_oper_list.matrix[1][2]         0.0000000000 
_pdbx_struct_oper_list.matrix[1][3]         0.0000000000 
_pdbx_struct_oper_list.vector[1]            0.0000000000 
_pdbx_struct_oper_list.matrix[2][1]         0.0000000000 
_pdbx_struct_oper_list.matrix[2][2]         1.0000000000 
_pdbx_struct_oper_list.matrix[2][3]         0.0000000000 
_pdbx_struct_oper_list.vector[2]            0.0000000000 
_pdbx_struct_oper_list.matrix[3][1]         0.0000000000 
_pdbx_struct_oper_list.matrix[3][2]         0.0000000000 
_pdbx_struct_oper_list.matrix[3][3]         1.0000000000 
_pdbx_struct_oper_list.vector[3]            0.0000000000 
# 
loop_
_struct_conn.id 
_struct_conn.conn_type_id 
_struct_conn.pdbx_leaving_atom_flag 
_struct_conn.pdbx_PDB_id 
_struct_conn.ptnr1_label_asym_id 
_struct_conn.ptnr1_label_comp_id 
_struct_conn.ptnr1_label_seq_id 
_struct_conn.ptnr1_label_atom_id 
_struct_conn.pdbx_ptnr1_label_alt_id 
_struct_conn.pdbx_ptnr1_PDB_ins_code 
_struct_conn.pdbx_ptnr1_standard_comp_id 
_struct_conn.ptnr1_symmetry 
_struct_conn.ptnr2_label_asym_id 
_struct_conn.ptnr2_label_comp_id 
_struct_conn.ptnr2_label_seq_id 
_struct_conn.ptnr2_label_atom_id 
_struct_conn.pdbx_ptnr2_label_alt_id 
_struct_conn.pdbx_ptnr2_PDB_ins_code 
_struct_conn.ptnr1_auth_asym_id 
_struct_conn.ptnr1_auth_comp_id 
_struct_conn.ptnr1_auth_seq_id 
_struct_conn.ptnr2_auth_asym_id 
_struct_conn.ptnr2_auth_comp_id 
_struct_conn.ptnr2_auth_seq_id 
_struct_conn.ptnr2_symmetry 
_struct_conn.pdbx_ptnr3_label_atom_id 
_struct_conn.pdbx_ptnr3_label_seq_id 
_struct_conn.pdbx_ptnr3_label_comp_id 
_struct_conn.pdbx_ptnr3_label_asym_id 
_struct_conn.pdbx_ptnr3_label_alt_id 
_struct_conn.pdbx_ptnr3_PDB_ins_code 
_struct_conn.details 
_struct_conn.pdbx_dist_value 
_struct_conn.pdbx_value_order 
_struct_conn.pdbx_role 
covale1  covale both ? A GDP 1  "O3'" ? ? ? 1_555 A G   2  P  ? ? X GDP 5   X G   6   1_555 ? ? ? ? ? ? ?                    1.559 
? ? 
covale2  covale both ? A U   64 "O3'" ? ? ? 1_555 A CCC 65 P  ? ? X U   68  X CCC 69  1_555 ? ? ? ? ? ? ?                    1.615 
? ? 
metalc1  metalc ?    ? A G   4  O6    ? ? ? 1_555 C MG  .  MG ? ? X G   8   X MG  102 1_555 ? ? ? ? ? ? ?                    2.815 
? ? 
metalc2  metalc ?    ? A U   5  O4    ? ? ? 1_555 C MG  .  MG ? ? X U   9   X MG  102 1_555 ? ? ? ? ? ? ?                    2.838 
? ? 
metalc3  metalc ?    ? A G   61 O6    ? ? ? 1_555 C MG  .  MG ? ? X G   65  X MG  102 1_555 ? ? ? ? ? ? ?                    2.645 
? ? 
metalc4  metalc ?    ? C MG  .  MG    ? ? ? 1_555 D HOH .  O  ? ? X MG  102 X HOH 204 1_555 ? ? ? ? ? ? ?                    1.937 
? ? 
hydrog1  hydrog ?    ? A GDP 1  N1    ? ? ? 1_555 A CCC 65 N3 ? ? X GDP 5   X CCC 69  1_555 ? ? ? ? ? ? WATSON-CRICK         ?     
? ? 
hydrog2  hydrog ?    ? A GDP 1  N2    ? ? ? 1_555 A CCC 65 O2 ? ? X GDP 5   X CCC 69  1_555 ? ? ? ? ? ? WATSON-CRICK         ?     
? ? 
hydrog3  hydrog ?    ? A GDP 1  O6    ? ? ? 1_555 A CCC 65 N4 ? ? X GDP 5   X CCC 69  1_555 ? ? ? ? ? ? WATSON-CRICK         ?     
? ? 
hydrog4  hydrog ?    ? A G   2  N1    ? ? ? 1_555 A U   64 O2 ? ? X G   6   X U   68  1_555 ? ? ? ? ? ? TYPE_28_PAIR         ?     
? ? 
hydrog5  hydrog ?    ? A G   2  O6    ? ? ? 1_555 A U   64 N3 ? ? X G   6   X U   68  1_555 ? ? ? ? ? ? TYPE_28_PAIR         ?     
? ? 
hydrog6  hydrog ?    ? A C   3  N3    ? ? ? 1_555 A G   63 N1 ? ? X C   7   X G   67  1_555 ? ? ? ? ? ? WATSON-CRICK         ?     
? ? 
hydrog7  hydrog ?    ? A C   3  N4    ? ? ? 1_555 A G   63 O6 ? ? X C   7   X G   67  1_555 ? ? ? ? ? ? WATSON-CRICK         ?     
? ? 
hydrog8  hydrog ?    ? A C   3  O2    ? ? ? 1_555 A G   63 N2 ? ? X C   7   X G   67  1_555 ? ? ? ? ? ? WATSON-CRICK         ?     
? ? 
hydrog9  hydrog ?    ? A G   4  N1    ? ? ? 1_555 A C   62 N3 ? ? X G   8   X C   66  1_555 ? ? ? ? ? ? WATSON-CRICK         ?     
? ? 
hydrog10 hydrog ?    ? A G   4  N2    ? ? ? 1_555 A C   62 O2 ? ? X G   8   X C   66  1_555 ? ? ? ? ? ? WATSON-CRICK         ?     
? ? 
hydrog11 hydrog ?    ? A G   4  O6    ? ? ? 1_555 A C   62 N4 ? ? X G   8   X C   66  1_555 ? ? ? ? ? ? WATSON-CRICK         ?     
? ? 
hydrog12 hydrog ?    ? A U   5  N3    ? ? ? 1_555 A G   61 O6 ? ? X U   9   X G   65  1_555 ? ? ? ? ? ? TYPE_28_PAIR         ?     
? ? 
hydrog13 hydrog ?    ? A U   5  O2    ? ? ? 1_555 A G   61 N1 ? ? X U   9   X G   65  1_555 ? ? ? ? ? ? TYPE_28_PAIR         ?     
? ? 
hydrog14 hydrog ?    ? A A   6  N1    ? ? ? 1_555 A U   60 N3 ? ? X A   10  X U   64  1_555 ? ? ? ? ? ? WATSON-CRICK         ?     
? ? 
hydrog15 hydrog ?    ? A A   6  N6    ? ? ? 1_555 A U   60 O4 ? ? X A   10  X U   64  1_555 ? ? ? ? ? ? WATSON-CRICK         ?     
? ? 
hydrog16 hydrog ?    ? A U   7  N3    ? ? ? 1_555 A A   36 N1 ? ? X U   11  X A   40  1_555 ? ? ? ? ? ? WATSON-CRICK         ?     
? ? 
hydrog17 hydrog ?    ? A U   7  O4    ? ? ? 1_555 A A   36 N6 ? ? X U   11  X A   40  1_555 ? ? ? ? ? ? WATSON-CRICK         ?     
? ? 
hydrog18 hydrog ?    ? A A   8  N1    ? ? ? 1_555 A G   31 N2 ? ? X A   12  X G   35  1_555 ? ? ? ? ? ? TYPE_10_PAIR         ?     
? ? 
hydrog19 hydrog ?    ? A A   8  N6    ? ? ? 1_555 A G   31 N3 ? ? X A   12  X G   35  1_555 ? ? ? ? ? ? TYPE_10_PAIR         ?     
? ? 
hydrog20 hydrog ?    ? A U   9  N3    ? ? ? 1_555 A A   38 N7 ? ? X U   13  X A   42  1_555 ? ? ? ? ? ? HOOGSTEEN            ?     
? ? 
hydrog21 hydrog ?    ? A U   9  O4    ? ? ? 1_555 A A   38 N6 ? ? X U   13  X A   42  1_555 ? ? ? ? ? ? HOOGSTEEN            ?     
? ? 
hydrog22 hydrog ?    ? A C   10 N3    ? ? ? 1_555 A G   30 N1 ? ? X C   14  X G   34  1_555 ? ? ? ? ? ? WATSON-CRICK         ?     
? ? 
hydrog23 hydrog ?    ? A C   10 N4    ? ? ? 1_555 A G   30 O6 ? ? X C   14  X G   34  1_555 ? ? ? ? ? ? WATSON-CRICK         ?     
? ? 
hydrog24 hydrog ?    ? A C   10 O2    ? ? ? 1_555 A G   30 N2 ? ? X C   14  X G   34  1_555 ? ? ? ? ? ? WATSON-CRICK         ?     
? ? 
hydrog25 hydrog ?    ? A C   11 N3    ? ? ? 1_555 A G   29 N1 ? ? X C   15  X G   33  1_555 ? ? ? ? ? ? WATSON-CRICK         ?     
? ? 
hydrog26 hydrog ?    ? A C   11 N4    ? ? ? 1_555 A G   29 O6 ? ? X C   15  X G   33  1_555 ? ? ? ? ? ? WATSON-CRICK         ?     
? ? 
hydrog27 hydrog ?    ? A C   11 O2    ? ? ? 1_555 A G   29 N2 ? ? X C   15  X G   33  1_555 ? ? ? ? ? ? WATSON-CRICK         ?     
? ? 
hydrog28 hydrog ?    ? A U   12 N3    ? ? ? 1_555 A A   28 N1 ? ? X U   16  X A   32  1_555 ? ? ? ? ? ? WATSON-CRICK         ?     
? ? 
hydrog29 hydrog ?    ? A U   12 O4    ? ? ? 1_555 A A   28 N6 ? ? X U   16  X A   32  1_555 ? ? ? ? ? ? WATSON-CRICK         ?     
? ? 
hydrog30 hydrog ?    ? A U   13 N3    ? ? ? 1_555 A A   27 N1 ? ? X U   17  X A   31  1_555 ? ? ? ? ? ? WATSON-CRICK         ?     
? ? 
hydrog31 hydrog ?    ? A U   13 O4    ? ? ? 1_555 A A   27 N6 ? ? X U   17  X A   31  1_555 ? ? ? ? ? ? WATSON-CRICK         ?     
? ? 
hydrog32 hydrog ?    ? A A   14 N1    ? ? ? 1_555 A U   26 N3 ? ? X A   18  X U   30  1_555 ? ? ? ? ? ? WATSON-CRICK         ?     
? ? 
hydrog33 hydrog ?    ? A A   14 N6    ? ? ? 1_555 A U   26 O4 ? ? X A   18  X U   30  1_555 ? ? ? ? ? ? WATSON-CRICK         ?     
? ? 
hydrog34 hydrog ?    ? A A   15 N1    ? ? ? 1_555 A U   25 N3 ? ? X A   19  X U   29  1_555 ? ? ? ? ? ? WATSON-CRICK         ?     
? ? 
hydrog35 hydrog ?    ? A A   15 N6    ? ? ? 1_555 A U   25 O4 ? ? X A   19  X U   29  1_555 ? ? ? ? ? ? WATSON-CRICK         ?     
? ? 
hydrog36 hydrog ?    ? A U   16 N3    ? ? ? 1_555 A U   24 O4 ? ? X U   20  X U   28  1_555 ? ? ? ? ? ? TYPE_16_PAIR         ?     
? ? 
hydrog37 hydrog ?    ? A U   16 O2    ? ? ? 1_555 A U   24 N3 ? ? X U   20  X U   28  1_555 ? ? ? ? ? ? TYPE_16_PAIR         ?     
? ? 
hydrog38 hydrog ?    ? A A   18 N1    ? ? ? 1_555 A A   51 N6 ? ? X A   22  X A   55  1_555 ? ? ? ? ? ? TYPE_5_PAIR          ?     
? ? 
hydrog39 hydrog ?    ? A A   18 N6    ? ? ? 1_555 A A   51 N7 ? ? X A   22  X A   55  1_555 ? ? ? ? ? ? TYPE_5_PAIR          ?     
? ? 
hydrog40 hydrog ?    ? A U   19 O2    ? ? ? 1_555 A G   22 N2 ? ? X U   23  X G   26  1_555 ? ? ? ? ? ? 'U-G MISPAIR'        ?     
? ? 
hydrog41 hydrog ?    ? A U   19 N3    ? ? ? 1_555 A A   50 N7 ? ? X U   23  X A   54  1_555 ? ? ? ? ? ? 'REVERSED HOOGSTEEN' ?     
? ? 
hydrog42 hydrog ?    ? A U   19 O2    ? ? ? 1_555 A A   50 N6 ? ? X U   23  X A   54  1_555 ? ? ? ? ? ? 'REVERSED HOOGSTEEN' ?     
? ? 
hydrog43 hydrog ?    ? A A   20 N6    ? ? ? 1_555 A A   49 N1 ? ? X A   24  X A   53  1_555 ? ? ? ? ? ? TYPE_5_PAIR          ?     
? ? 
hydrog44 hydrog ?    ? A A   20 N7    ? ? ? 1_555 A A   49 N6 ? ? X A   24  X A   53  1_555 ? ? ? ? ? ? TYPE_5_PAIR          ?     
? ? 
hydrog45 hydrog ?    ? A G   22 N1    ? ? ? 1_555 A C   46 N3 ? ? X G   26  X C   50  1_555 ? ? ? ? ? ? WATSON-CRICK         ?     
? ? 
hydrog46 hydrog ?    ? A G   22 N2    ? ? ? 1_555 A C   46 O2 ? ? X G   26  X C   50  1_555 ? ? ? ? ? ? WATSON-CRICK         ?     
? ? 
hydrog47 hydrog ?    ? A G   22 O6    ? ? ? 1_555 A C   46 N4 ? ? X G   26  X C   50  1_555 ? ? ? ? ? ? WATSON-CRICK         ?     
? ? 
hydrog48 hydrog ?    ? A G   23 N1    ? ? ? 1_555 A C   45 N3 ? ? X G   27  X C   49  1_555 ? ? ? ? ? ? WATSON-CRICK         ?     
? ? 
hydrog49 hydrog ?    ? A G   23 N2    ? ? ? 1_555 A C   45 O2 ? ? X G   27  X C   49  1_555 ? ? ? ? ? ? WATSON-CRICK         ?     
? ? 
hydrog50 hydrog ?    ? A G   23 O6    ? ? ? 1_555 A C   45 N4 ? ? X G   27  X C   49  1_555 ? ? ? ? ? ? WATSON-CRICK         ?     
? ? 
hydrog51 hydrog ?    ? A G   23 N2    ? ? ? 1_555 A A   51 N1 ? ? X G   27  X A   55  1_555 ? ? ? ? ? ? TYPE_10_PAIR         ?     
? ? 
hydrog52 hydrog ?    ? A G   23 N3    ? ? ? 1_555 A A   51 N6 ? ? X G   27  X A   55  1_555 ? ? ? ? ? ? TYPE_10_PAIR         ?     
? ? 
hydrog53 hydrog ?    ? A G   31 N1    ? ? ? 1_555 A C   37 N3 ? ? X G   35  X C   41  1_555 ? ? ? ? ? ? WATSON-CRICK         ?     
? ? 
hydrog54 hydrog ?    ? A G   31 N2    ? ? ? 1_555 A C   37 O2 ? ? X G   35  X C   41  1_555 ? ? ? ? ? ? WATSON-CRICK         ?     
? ? 
hydrog55 hydrog ?    ? A G   31 O6    ? ? ? 1_555 A C   37 N4 ? ? X G   35  X C   41  1_555 ? ? ? ? ? ? WATSON-CRICK         ?     
? ? 
hydrog56 hydrog ?    ? A A   34 N6    ? ? ? 1_555 A U   60 O2 ? ? X A   38  X U   64  1_555 ? ? ? ? ? ? 'A-U PAIR'           ?     
? ? 
hydrog57 hydrog ?    ? A U   39 N3    ? ? ? 1_555 A U   57 O2 ? ? X U   43  X U   61  1_555 ? ? ? ? ? ? TYPE_16_PAIR         ?     
? ? 
hydrog58 hydrog ?    ? A U   39 O4    ? ? ? 1_555 A U   57 N3 ? ? X U   43  X U   61  1_555 ? ? ? ? ? ? TYPE_16_PAIR         ?     
? ? 
hydrog59 hydrog ?    ? A A   40 N1    ? ? ? 1_555 A U   56 N3 ? ? X A   44  X U   60  1_555 ? ? ? ? ? ? WATSON-CRICK         ?     
? ? 
hydrog60 hydrog ?    ? A A   40 N6    ? ? ? 1_555 A U   56 O4 ? ? X A   44  X U   60  1_555 ? ? ? ? ? ? WATSON-CRICK         ?     
? ? 
hydrog61 hydrog ?    ? A G   41 N1    ? ? ? 1_555 A C   55 N3 ? ? X G   45  X C   59  1_555 ? ? ? ? ? ? WATSON-CRICK         ?     
? ? 
hydrog62 hydrog ?    ? A G   41 N2    ? ? ? 1_555 A C   55 O2 ? ? X G   45  X C   59  1_555 ? ? ? ? ? ? WATSON-CRICK         ?     
? ? 
hydrog63 hydrog ?    ? A G   41 O6    ? ? ? 1_555 A C   55 N4 ? ? X G   45  X C   59  1_555 ? ? ? ? ? ? WATSON-CRICK         ?     
? ? 
hydrog64 hydrog ?    ? A A   42 N1    ? ? ? 1_555 A U   54 N3 ? ? X A   46  X U   58  1_555 ? ? ? ? ? ? WATSON-CRICK         ?     
? ? 
hydrog65 hydrog ?    ? A A   42 N6    ? ? ? 1_555 A U   54 O4 ? ? X A   46  X U   58  1_555 ? ? ? ? ? ? WATSON-CRICK         ?     
? ? 
hydrog66 hydrog ?    ? A A   43 N1    ? ? ? 1_555 A U   53 N3 ? ? X A   47  X U   57  1_555 ? ? ? ? ? ? WATSON-CRICK         ?     
? ? 
hydrog67 hydrog ?    ? A A   43 N6    ? ? ? 1_555 A U   53 O4 ? ? X A   47  X U   57  1_555 ? ? ? ? ? ? WATSON-CRICK         ?     
? ? 
hydrog68 hydrog ?    ? A A   44 N1    ? ? ? 1_555 A U   52 N3 ? ? X A   48  X U   56  1_555 ? ? ? ? ? ? WATSON-CRICK         ?     
? ? 
hydrog69 hydrog ?    ? A A   44 N6    ? ? ? 1_555 A U   52 O4 ? ? X A   48  X U   56  1_555 ? ? ? ? ? ? WATSON-CRICK         ?     
? ? 
hydrog70 hydrog ?    ? A C   46 O2    ? ? ? 1_555 A A   50 N6 ? ? X C   50  X A   54  1_555 ? ? ? ? ? ? 'C-A MISPAIR'        ?     
? ? 
# 
loop_
_struct_conn_type.id 
_struct_conn_type.criteria 
_struct_conn_type.reference 
covale ? ? 
metalc ? ? 
hydrog ? ? 
# 
loop_
_pdbx_struct_conn_angle.id 
_pdbx_struct_conn_angle.ptnr1_label_atom_id 
_pdbx_struct_conn_angle.ptnr1_label_alt_id 
_pdbx_struct_conn_angle.ptnr1_label_asym_id 
_pdbx_struct_conn_angle.ptnr1_label_comp_id 
_pdbx_struct_conn_angle.ptnr1_label_seq_id 
_pdbx_struct_conn_angle.ptnr1_auth_atom_id 
_pdbx_struct_conn_angle.ptnr1_auth_asym_id 
_pdbx_struct_conn_angle.ptnr1_auth_comp_id 
_pdbx_struct_conn_angle.ptnr1_auth_seq_id 
_pdbx_struct_conn_angle.ptnr1_PDB_ins_code 
_pdbx_struct_conn_angle.ptnr1_symmetry 
_pdbx_struct_conn_angle.ptnr2_label_atom_id 
_pdbx_struct_conn_angle.ptnr2_label_alt_id 
_pdbx_struct_conn_angle.ptnr2_label_asym_id 
_pdbx_struct_conn_angle.ptnr2_label_comp_id 
_pdbx_struct_conn_angle.ptnr2_label_seq_id 
_pdbx_struct_conn_angle.ptnr2_auth_atom_id 
_pdbx_struct_conn_angle.ptnr2_auth_asym_id 
_pdbx_struct_conn_angle.ptnr2_auth_comp_id 
_pdbx_struct_conn_angle.ptnr2_auth_seq_id 
_pdbx_struct_conn_angle.ptnr2_PDB_ins_code 
_pdbx_struct_conn_angle.ptnr2_symmetry 
_pdbx_struct_conn_angle.ptnr3_label_atom_id 
_pdbx_struct_conn_angle.ptnr3_label_alt_id 
_pdbx_struct_conn_angle.ptnr3_label_asym_id 
_pdbx_struct_conn_angle.ptnr3_label_comp_id 
_pdbx_struct_conn_angle.ptnr3_label_seq_id 
_pdbx_struct_conn_angle.ptnr3_auth_atom_id 
_pdbx_struct_conn_angle.ptnr3_auth_asym_id 
_pdbx_struct_conn_angle.ptnr3_auth_comp_id 
_pdbx_struct_conn_angle.ptnr3_auth_seq_id 
_pdbx_struct_conn_angle.ptnr3_PDB_ins_code 
_pdbx_struct_conn_angle.ptnr3_symmetry 
_pdbx_struct_conn_angle.value 
_pdbx_struct_conn_angle.value_esd 
1 O6 ? A G 4  ? X G 8  ? 1_555 MG ? C MG . ? X MG 102 ? 1_555 O4 ? A U   5  ? X U   9   ? 1_555 72.1  ? 
2 O6 ? A G 4  ? X G 8  ? 1_555 MG ? C MG . ? X MG 102 ? 1_555 O6 ? A G   61 ? X G   65  ? 1_555 72.4  ? 
3 O4 ? A U 5  ? X U 9  ? 1_555 MG ? C MG . ? X MG 102 ? 1_555 O6 ? A G   61 ? X G   65  ? 1_555 78.9  ? 
4 O6 ? A G 4  ? X G 8  ? 1_555 MG ? C MG . ? X MG 102 ? 1_555 O  ? D HOH .  ? X HOH 204 ? 1_555 141.7 ? 
5 O4 ? A U 5  ? X U 9  ? 1_555 MG ? C MG . ? X MG 102 ? 1_555 O  ? D HOH .  ? X HOH 204 ? 1_555 126.3 ? 
6 O6 ? A G 61 ? X G 65 ? 1_555 MG ? C MG . ? X MG 102 ? 1_555 O  ? D HOH .  ? X HOH 204 ? 1_555 138.4 ? 
# 
_pdbx_entry_details.entry_id                   9LKW 
_pdbx_entry_details.nonpolymer_details         ? 
_pdbx_entry_details.sequence_details           ? 
_pdbx_entry_details.compound_details           ? 
_pdbx_entry_details.source_details             ? 
_pdbx_entry_details.has_ligand_of_interest     Y 
_pdbx_entry_details.has_protein_modification   N 
# 
loop_
_pdbx_validate_rmsd_angle.id 
_pdbx_validate_rmsd_angle.PDB_model_num 
_pdbx_validate_rmsd_angle.auth_atom_id_1 
_pdbx_validate_rmsd_angle.auth_asym_id_1 
_pdbx_validate_rmsd_angle.auth_comp_id_1 
_pdbx_validate_rmsd_angle.auth_seq_id_1 
_pdbx_validate_rmsd_angle.PDB_ins_code_1 
_pdbx_validate_rmsd_angle.label_alt_id_1 
_pdbx_validate_rmsd_angle.auth_atom_id_2 
_pdbx_validate_rmsd_angle.auth_asym_id_2 
_pdbx_validate_rmsd_angle.auth_comp_id_2 
_pdbx_validate_rmsd_angle.auth_seq_id_2 
_pdbx_validate_rmsd_angle.PDB_ins_code_2 
_pdbx_validate_rmsd_angle.label_alt_id_2 
_pdbx_validate_rmsd_angle.auth_atom_id_3 
_pdbx_validate_rmsd_angle.auth_asym_id_3 
_pdbx_validate_rmsd_angle.auth_comp_id_3 
_pdbx_validate_rmsd_angle.auth_seq_id_3 
_pdbx_validate_rmsd_angle.PDB_ins_code_3 
_pdbx_validate_rmsd_angle.label_alt_id_3 
_pdbx_validate_rmsd_angle.angle_value 
_pdbx_validate_rmsd_angle.angle_target_value 
_pdbx_validate_rmsd_angle.angle_deviation 
_pdbx_validate_rmsd_angle.angle_standard_deviation 
_pdbx_validate_rmsd_angle.linker_flag 
1 1 "C3'" X GDP 5 ? ? "O3'" X GDP 5 ? ? P   X G 6 ? ? 110.08 119.70 -9.62 1.20 Y 
2 1 "O3'" X GDP 5 ? ? P     X G   6 ? ? OP2 X G 6 ? ? 122.00 110.50 11.50 1.10 Y 
# 
loop_
_chem_comp_atom.comp_id 
_chem_comp_atom.atom_id 
_chem_comp_atom.type_symbol 
_chem_comp_atom.pdbx_aromatic_flag 
_chem_comp_atom.pdbx_stereo_config 
_chem_comp_atom.pdbx_ordinal 
A   OP3    O  N N 1   
A   P      P  N N 2   
A   OP1    O  N N 3   
A   OP2    O  N N 4   
A   "O5'"  O  N N 5   
A   "C5'"  C  N N 6   
A   "C4'"  C  N R 7   
A   "O4'"  O  N N 8   
A   "C3'"  C  N S 9   
A   "O3'"  O  N N 10  
A   "C2'"  C  N R 11  
A   "O2'"  O  N N 12  
A   "C1'"  C  N R 13  
A   N9     N  Y N 14  
A   C8     C  Y N 15  
A   N7     N  Y N 16  
A   C5     C  Y N 17  
A   C6     C  Y N 18  
A   N6     N  N N 19  
A   N1     N  Y N 20  
A   C2     C  Y N 21  
A   N3     N  Y N 22  
A   C4     C  Y N 23  
A   HOP3   H  N N 24  
A   HOP2   H  N N 25  
A   "H5'"  H  N N 26  
A   "H5''" H  N N 27  
A   "H4'"  H  N N 28  
A   "H3'"  H  N N 29  
A   "HO3'" H  N N 30  
A   "H2'"  H  N N 31  
A   "HO2'" H  N N 32  
A   "H1'"  H  N N 33  
A   H8     H  N N 34  
A   H61    H  N N 35  
A   H62    H  N N 36  
A   H2     H  N N 37  
C   OP3    O  N N 38  
C   P      P  N N 39  
C   OP1    O  N N 40  
C   OP2    O  N N 41  
C   "O5'"  O  N N 42  
C   "C5'"  C  N N 43  
C   "C4'"  C  N R 44  
C   "O4'"  O  N N 45  
C   "C3'"  C  N S 46  
C   "O3'"  O  N N 47  
C   "C2'"  C  N R 48  
C   "O2'"  O  N N 49  
C   "C1'"  C  N R 50  
C   N1     N  N N 51  
C   C2     C  N N 52  
C   O2     O  N N 53  
C   N3     N  N N 54  
C   C4     C  N N 55  
C   N4     N  N N 56  
C   C5     C  N N 57  
C   C6     C  N N 58  
C   HOP3   H  N N 59  
C   HOP2   H  N N 60  
C   "H5'"  H  N N 61  
C   "H5''" H  N N 62  
C   "H4'"  H  N N 63  
C   "H3'"  H  N N 64  
C   "HO3'" H  N N 65  
C   "H2'"  H  N N 66  
C   "HO2'" H  N N 67  
C   "H1'"  H  N N 68  
C   H41    H  N N 69  
C   H42    H  N N 70  
C   H5     H  N N 71  
C   H6     H  N N 72  
CCC PC     P  N S 73  
CCC O1C    O  N N 74  
CCC O2C    O  N N 75  
CCC P      P  N N 76  
CCC OP1    O  N N 77  
CCC OP2    O  N N 78  
CCC OP3    O  N N 79  
CCC "O5'"  O  N N 80  
CCC "C5'"  C  N N 81  
CCC "C4'"  C  N R 82  
CCC "O4'"  O  N N 83  
CCC "C3'"  C  N R 84  
CCC "O3'"  O  N N 85  
CCC "C2'"  C  N R 86  
CCC "O2'"  O  N N 87  
CCC "C1'"  C  N R 88  
CCC N1     N  N N 89  
CCC C2     C  N N 90  
CCC O2     O  N N 91  
CCC N3     N  N N 92  
CCC C4     C  N N 93  
CCC N4     N  N N 94  
CCC C5     C  N N 95  
CCC C6     C  N N 96  
CCC HOC2   H  N N 97  
CCC HOP2   H  N N 98  
CCC HOP3   H  N N 99  
CCC "H5'"  H  N N 100 
CCC "H5''" H  N N 101 
CCC "H4'"  H  N N 102 
CCC "H3'"  H  N N 103 
CCC "H2'"  H  N N 104 
CCC "H1'"  H  N N 105 
CCC H41    H  N N 106 
CCC H42    H  N N 107 
CCC H5     H  N N 108 
CCC H6     H  N N 109 
G   OP3    O  N N 110 
G   P      P  N N 111 
G   OP1    O  N N 112 
G   OP2    O  N N 113 
G   "O5'"  O  N N 114 
G   "C5'"  C  N N 115 
G   "C4'"  C  N R 116 
G   "O4'"  O  N N 117 
G   "C3'"  C  N S 118 
G   "O3'"  O  N N 119 
G   "C2'"  C  N R 120 
G   "O2'"  O  N N 121 
G   "C1'"  C  N R 122 
G   N9     N  Y N 123 
G   C8     C  Y N 124 
G   N7     N  Y N 125 
G   C5     C  Y N 126 
G   C6     C  N N 127 
G   O6     O  N N 128 
G   N1     N  N N 129 
G   C2     C  N N 130 
G   N2     N  N N 131 
G   N3     N  N N 132 
G   C4     C  Y N 133 
G   HOP3   H  N N 134 
G   HOP2   H  N N 135 
G   "H5'"  H  N N 136 
G   "H5''" H  N N 137 
G   "H4'"  H  N N 138 
G   "H3'"  H  N N 139 
G   "HO3'" H  N N 140 
G   "H2'"  H  N N 141 
G   "HO2'" H  N N 142 
G   "H1'"  H  N N 143 
G   H8     H  N N 144 
G   H1     H  N N 145 
G   H21    H  N N 146 
G   H22    H  N N 147 
GDP PB     P  N N 148 
GDP O1B    O  N N 149 
GDP O2B    O  N N 150 
GDP O3B    O  N N 151 
GDP O3A    O  N N 152 
GDP PA     P  N N 153 
GDP O1A    O  N N 154 
GDP O2A    O  N N 155 
GDP "O5'"  O  N N 156 
GDP "C5'"  C  N N 157 
GDP "C4'"  C  N R 158 
GDP "O4'"  O  N N 159 
GDP "C3'"  C  N S 160 
GDP "O3'"  O  N N 161 
GDP "C2'"  C  N R 162 
GDP "O2'"  O  N N 163 
GDP "C1'"  C  N R 164 
GDP N9     N  Y N 165 
GDP C8     C  Y N 166 
GDP N7     N  Y N 167 
GDP C5     C  Y N 168 
GDP C6     C  N N 169 
GDP O6     O  N N 170 
GDP N1     N  N N 171 
GDP C2     C  N N 172 
GDP N2     N  N N 173 
GDP N3     N  N N 174 
GDP C4     C  Y N 175 
GDP HOB2   H  N N 176 
GDP HOB3   H  N N 177 
GDP HOA2   H  N N 178 
GDP "H5'"  H  N N 179 
GDP "H5''" H  N N 180 
GDP "H4'"  H  N N 181 
GDP "H3'"  H  N N 182 
GDP "HO3'" H  N N 183 
GDP "H2'"  H  N N 184 
GDP "HO2'" H  N N 185 
GDP "H1'"  H  N N 186 
GDP H8     H  N N 187 
GDP HN1    H  N N 188 
GDP HN21   H  N N 189 
GDP HN22   H  N N 190 
GUN N9     N  Y N 191 
GUN C8     C  Y N 192 
GUN N7     N  Y N 193 
GUN C5     C  Y N 194 
GUN C6     C  N N 195 
GUN O6     O  N N 196 
GUN N1     N  N N 197 
GUN C2     C  N N 198 
GUN N2     N  N N 199 
GUN N3     N  N N 200 
GUN C4     C  Y N 201 
GUN HN9    H  N N 202 
GUN H8     H  N N 203 
GUN HN1    H  N N 204 
GUN HN21   H  N N 205 
GUN HN22   H  N N 206 
HOH O      O  N N 207 
HOH H1     H  N N 208 
HOH H2     H  N N 209 
MG  MG     MG N N 210 
U   OP3    O  N N 211 
U   P      P  N N 212 
U   OP1    O  N N 213 
U   OP2    O  N N 214 
U   "O5'"  O  N N 215 
U   "C5'"  C  N N 216 
U   "C4'"  C  N R 217 
U   "O4'"  O  N N 218 
U   "C3'"  C  N S 219 
U   "O3'"  O  N N 220 
U   "C2'"  C  N R 221 
U   "O2'"  O  N N 222 
U   "C1'"  C  N R 223 
U   N1     N  N N 224 
U   C2     C  N N 225 
U   O2     O  N N 226 
U   N3     N  N N 227 
U   C4     C  N N 228 
U   O4     O  N N 229 
U   C5     C  N N 230 
U   C6     C  N N 231 
U   HOP3   H  N N 232 
U   HOP2   H  N N 233 
U   "H5'"  H  N N 234 
U   "H5''" H  N N 235 
U   "H4'"  H  N N 236 
U   "H3'"  H  N N 237 
U   "HO3'" H  N N 238 
U   "H2'"  H  N N 239 
U   "HO2'" H  N N 240 
U   "H1'"  H  N N 241 
U   H3     H  N N 242 
U   H5     H  N N 243 
U   H6     H  N N 244 
# 
loop_
_chem_comp_bond.comp_id 
_chem_comp_bond.atom_id_1 
_chem_comp_bond.atom_id_2 
_chem_comp_bond.value_order 
_chem_comp_bond.pdbx_aromatic_flag 
_chem_comp_bond.pdbx_stereo_config 
_chem_comp_bond.pdbx_ordinal 
A   OP3   P      sing N N 1   
A   OP3   HOP3   sing N N 2   
A   P     OP1    doub N N 3   
A   P     OP2    sing N N 4   
A   P     "O5'"  sing N N 5   
A   OP2   HOP2   sing N N 6   
A   "O5'" "C5'"  sing N N 7   
A   "C5'" "C4'"  sing N N 8   
A   "C5'" "H5'"  sing N N 9   
A   "C5'" "H5''" sing N N 10  
A   "C4'" "O4'"  sing N N 11  
A   "C4'" "C3'"  sing N N 12  
A   "C4'" "H4'"  sing N N 13  
A   "O4'" "C1'"  sing N N 14  
A   "C3'" "O3'"  sing N N 15  
A   "C3'" "C2'"  sing N N 16  
A   "C3'" "H3'"  sing N N 17  
A   "O3'" "HO3'" sing N N 18  
A   "C2'" "O2'"  sing N N 19  
A   "C2'" "C1'"  sing N N 20  
A   "C2'" "H2'"  sing N N 21  
A   "O2'" "HO2'" sing N N 22  
A   "C1'" N9     sing N N 23  
A   "C1'" "H1'"  sing N N 24  
A   N9    C8     sing Y N 25  
A   N9    C4     sing Y N 26  
A   C8    N7     doub Y N 27  
A   C8    H8     sing N N 28  
A   N7    C5     sing Y N 29  
A   C5    C6     sing Y N 30  
A   C5    C4     doub Y N 31  
A   C6    N6     sing N N 32  
A   C6    N1     doub Y N 33  
A   N6    H61    sing N N 34  
A   N6    H62    sing N N 35  
A   N1    C2     sing Y N 36  
A   C2    N3     doub Y N 37  
A   C2    H2     sing N N 38  
A   N3    C4     sing Y N 39  
C   OP3   P      sing N N 40  
C   OP3   HOP3   sing N N 41  
C   P     OP1    doub N N 42  
C   P     OP2    sing N N 43  
C   P     "O5'"  sing N N 44  
C   OP2   HOP2   sing N N 45  
C   "O5'" "C5'"  sing N N 46  
C   "C5'" "C4'"  sing N N 47  
C   "C5'" "H5'"  sing N N 48  
C   "C5'" "H5''" sing N N 49  
C   "C4'" "O4'"  sing N N 50  
C   "C4'" "C3'"  sing N N 51  
C   "C4'" "H4'"  sing N N 52  
C   "O4'" "C1'"  sing N N 53  
C   "C3'" "O3'"  sing N N 54  
C   "C3'" "C2'"  sing N N 55  
C   "C3'" "H3'"  sing N N 56  
C   "O3'" "HO3'" sing N N 57  
C   "C2'" "O2'"  sing N N 58  
C   "C2'" "C1'"  sing N N 59  
C   "C2'" "H2'"  sing N N 60  
C   "O2'" "HO2'" sing N N 61  
C   "C1'" N1     sing N N 62  
C   "C1'" "H1'"  sing N N 63  
C   N1    C2     sing N N 64  
C   N1    C6     sing N N 65  
C   C2    O2     doub N N 66  
C   C2    N3     sing N N 67  
C   N3    C4     doub N N 68  
C   C4    N4     sing N N 69  
C   C4    C5     sing N N 70  
C   N4    H41    sing N N 71  
C   N4    H42    sing N N 72  
C   C5    C6     doub N N 73  
C   C5    H5     sing N N 74  
C   C6    H6     sing N N 75  
CCC PC    O1C    doub N N 76  
CCC PC    O2C    sing N N 77  
CCC PC    "O3'"  sing N N 78  
CCC PC    "O2'"  sing N N 79  
CCC O2C   HOC2   sing N N 80  
CCC P     OP1    doub N N 81  
CCC P     OP2    sing N N 82  
CCC P     OP3    sing N N 83  
CCC P     "O5'"  sing N N 84  
CCC OP2   HOP2   sing N N 85  
CCC OP3   HOP3   sing N N 86  
CCC "O5'" "C5'"  sing N N 87  
CCC "C5'" "C4'"  sing N N 88  
CCC "C5'" "H5'"  sing N N 89  
CCC "C5'" "H5''" sing N N 90  
CCC "C4'" "O4'"  sing N N 91  
CCC "C4'" "C3'"  sing N N 92  
CCC "C4'" "H4'"  sing N N 93  
CCC "O4'" "C1'"  sing N N 94  
CCC "C3'" "O3'"  sing N N 95  
CCC "C3'" "C2'"  sing N N 96  
CCC "C3'" "H3'"  sing N N 97  
CCC "C2'" "O2'"  sing N N 98  
CCC "C2'" "C1'"  sing N N 99  
CCC "C2'" "H2'"  sing N N 100 
CCC "C1'" N1     sing N N 101 
CCC "C1'" "H1'"  sing N N 102 
CCC N1    C2     sing N N 103 
CCC N1    C6     sing N N 104 
CCC C2    O2     doub N N 105 
CCC C2    N3     sing N N 106 
CCC N3    C4     doub N N 107 
CCC C4    N4     sing N N 108 
CCC C4    C5     sing N N 109 
CCC N4    H41    sing N N 110 
CCC N4    H42    sing N N 111 
CCC C5    C6     doub N N 112 
CCC C5    H5     sing N N 113 
CCC C6    H6     sing N N 114 
G   OP3   P      sing N N 115 
G   OP3   HOP3   sing N N 116 
G   P     OP1    doub N N 117 
G   P     OP2    sing N N 118 
G   P     "O5'"  sing N N 119 
G   OP2   HOP2   sing N N 120 
G   "O5'" "C5'"  sing N N 121 
G   "C5'" "C4'"  sing N N 122 
G   "C5'" "H5'"  sing N N 123 
G   "C5'" "H5''" sing N N 124 
G   "C4'" "O4'"  sing N N 125 
G   "C4'" "C3'"  sing N N 126 
G   "C4'" "H4'"  sing N N 127 
G   "O4'" "C1'"  sing N N 128 
G   "C3'" "O3'"  sing N N 129 
G   "C3'" "C2'"  sing N N 130 
G   "C3'" "H3'"  sing N N 131 
G   "O3'" "HO3'" sing N N 132 
G   "C2'" "O2'"  sing N N 133 
G   "C2'" "C1'"  sing N N 134 
G   "C2'" "H2'"  sing N N 135 
G   "O2'" "HO2'" sing N N 136 
G   "C1'" N9     sing N N 137 
G   "C1'" "H1'"  sing N N 138 
G   N9    C8     sing Y N 139 
G   N9    C4     sing Y N 140 
G   C8    N7     doub Y N 141 
G   C8    H8     sing N N 142 
G   N7    C5     sing Y N 143 
G   C5    C6     sing N N 144 
G   C5    C4     doub Y N 145 
G   C6    O6     doub N N 146 
G   C6    N1     sing N N 147 
G   N1    C2     sing N N 148 
G   N1    H1     sing N N 149 
G   C2    N2     sing N N 150 
G   C2    N3     doub N N 151 
G   N2    H21    sing N N 152 
G   N2    H22    sing N N 153 
G   N3    C4     sing N N 154 
GDP PB    O1B    doub N N 155 
GDP PB    O2B    sing N N 156 
GDP PB    O3B    sing N N 157 
GDP PB    O3A    sing N N 158 
GDP O2B   HOB2   sing N N 159 
GDP O3B   HOB3   sing N N 160 
GDP O3A   PA     sing N N 161 
GDP PA    O1A    doub N N 162 
GDP PA    O2A    sing N N 163 
GDP PA    "O5'"  sing N N 164 
GDP O2A   HOA2   sing N N 165 
GDP "O5'" "C5'"  sing N N 166 
GDP "C5'" "C4'"  sing N N 167 
GDP "C5'" "H5'"  sing N N 168 
GDP "C5'" "H5''" sing N N 169 
GDP "C4'" "O4'"  sing N N 170 
GDP "C4'" "C3'"  sing N N 171 
GDP "C4'" "H4'"  sing N N 172 
GDP "O4'" "C1'"  sing N N 173 
GDP "C3'" "O3'"  sing N N 174 
GDP "C3'" "C2'"  sing N N 175 
GDP "C3'" "H3'"  sing N N 176 
GDP "O3'" "HO3'" sing N N 177 
GDP "C2'" "O2'"  sing N N 178 
GDP "C2'" "C1'"  sing N N 179 
GDP "C2'" "H2'"  sing N N 180 
GDP "O2'" "HO2'" sing N N 181 
GDP "C1'" N9     sing N N 182 
GDP "C1'" "H1'"  sing N N 183 
GDP N9    C8     sing Y N 184 
GDP N9    C4     sing Y N 185 
GDP C8    N7     doub Y N 186 
GDP C8    H8     sing N N 187 
GDP N7    C5     sing Y N 188 
GDP C5    C6     sing N N 189 
GDP C5    C4     doub Y N 190 
GDP C6    O6     doub N N 191 
GDP C6    N1     sing N N 192 
GDP N1    C2     sing N N 193 
GDP N1    HN1    sing N N 194 
GDP C2    N2     sing N N 195 
GDP C2    N3     doub N N 196 
GDP N2    HN21   sing N N 197 
GDP N2    HN22   sing N N 198 
GDP N3    C4     sing N N 199 
GUN N9    C8     sing Y N 200 
GUN N9    C4     sing Y N 201 
GUN N9    HN9    sing N N 202 
GUN C8    N7     doub Y N 203 
GUN C8    H8     sing N N 204 
GUN N7    C5     sing Y N 205 
GUN C5    C6     sing N N 206 
GUN C5    C4     doub Y N 207 
GUN C6    O6     doub N N 208 
GUN C6    N1     sing N N 209 
GUN N1    C2     sing N N 210 
GUN N1    HN1    sing N N 211 
GUN C2    N2     sing N N 212 
GUN C2    N3     doub N N 213 
GUN N2    HN21   sing N N 214 
GUN N2    HN22   sing N N 215 
GUN N3    C4     sing N N 216 
HOH O     H1     sing N N 217 
HOH O     H2     sing N N 218 
U   OP3   P      sing N N 219 
U   OP3   HOP3   sing N N 220 
U   P     OP1    doub N N 221 
U   P     OP2    sing N N 222 
U   P     "O5'"  sing N N 223 
U   OP2   HOP2   sing N N 224 
U   "O5'" "C5'"  sing N N 225 
U   "C5'" "C4'"  sing N N 226 
U   "C5'" "H5'"  sing N N 227 
U   "C5'" "H5''" sing N N 228 
U   "C4'" "O4'"  sing N N 229 
U   "C4'" "C3'"  sing N N 230 
U   "C4'" "H4'"  sing N N 231 
U   "O4'" "C1'"  sing N N 232 
U   "C3'" "O3'"  sing N N 233 
U   "C3'" "C2'"  sing N N 234 
U   "C3'" "H3'"  sing N N 235 
U   "O3'" "HO3'" sing N N 236 
U   "C2'" "O2'"  sing N N 237 
U   "C2'" "C1'"  sing N N 238 
U   "C2'" "H2'"  sing N N 239 
U   "O2'" "HO2'" sing N N 240 
U   "C1'" N1     sing N N 241 
U   "C1'" "H1'"  sing N N 242 
U   N1    C2     sing N N 243 
U   N1    C6     sing N N 244 
U   C2    O2     doub N N 245 
U   C2    N3     sing N N 246 
U   N3    C4     sing N N 247 
U   N3    H3     sing N N 248 
U   C4    O4     doub N N 249 
U   C4    C5     sing N N 250 
U   C5    C6     doub N N 251 
U   C5    H5     sing N N 252 
U   C6    H6     sing N N 253 
# 
loop_
_ndb_struct_conf_na.entry_id 
_ndb_struct_conf_na.feature 
9LKW 'double helix'         
9LKW 'a-form double helix'  
9LKW 'mismatched base pair' 
9LKW 'three-way junction'   
# 
loop_
_ndb_struct_na_base_pair.model_number 
_ndb_struct_na_base_pair.i_label_asym_id 
_ndb_struct_na_base_pair.i_label_comp_id 
_ndb_struct_na_base_pair.i_label_seq_id 
_ndb_struct_na_base_pair.i_symmetry 
_ndb_struct_na_base_pair.j_label_asym_id 
_ndb_struct_na_base_pair.j_label_comp_id 
_ndb_struct_na_base_pair.j_label_seq_id 
_ndb_struct_na_base_pair.j_symmetry 
_ndb_struct_na_base_pair.shear 
_ndb_struct_na_base_pair.stretch 
_ndb_struct_na_base_pair.stagger 
_ndb_struct_na_base_pair.buckle 
_ndb_struct_na_base_pair.propeller 
_ndb_struct_na_base_pair.opening 
_ndb_struct_na_base_pair.pair_number 
_ndb_struct_na_base_pair.pair_name 
_ndb_struct_na_base_pair.i_auth_asym_id 
_ndb_struct_na_base_pair.i_auth_seq_id 
_ndb_struct_na_base_pair.i_PDB_ins_code 
_ndb_struct_na_base_pair.j_auth_asym_id 
_ndb_struct_na_base_pair.j_auth_seq_id 
_ndb_struct_na_base_pair.j_PDB_ins_code 
_ndb_struct_na_base_pair.hbond_type_28 
_ndb_struct_na_base_pair.hbond_type_12 
1 A GDP 1  1_555 A CCC 65 1_555 0.153  -0.192 -0.011 -5.025  -10.882 2.237    1  X_GDP5:CCC69_X X 5  ? X 69 ? 19 1 
1 A G   2  1_555 A U   64 1_555 -2.475 -0.583 0.300  -1.588  -12.750 5.396    2  X_G6:U68_X     X 6  ? X 68 ? 28 1 
1 A C   3  1_555 A G   63 1_555 -0.266 -0.044 0.633  -5.935  -13.514 -0.604   3  X_C7:G67_X     X 7  ? X 67 ? 19 1 
1 A G   4  1_555 A C   62 1_555 0.054  -0.182 -0.268 -12.198 -26.842 0.292    4  X_G8:C66_X     X 8  ? X 66 ? 19 1 
1 A U   5  1_555 A G   61 1_555 2.053  -0.637 0.337  -11.530 -10.286 0.973    5  X_U9:G65_X     X 9  ? X 65 ? 28 1 
1 A A   6  1_555 A U   60 1_555 0.528  0.082  0.493  2.508   -9.099  -4.576   6  X_A10:U64_X    X 10 ? X 64 ? 20 1 
1 A U   24 1_555 A U   16 1_555 -2.064 -1.572 -0.030 -7.527  -14.969 12.127   7  X_U28:U20_X    X 28 ? X 20 ? 16 1 
1 A U   25 1_555 A A   15 1_555 -0.399 0.133  -0.375 -3.517  -7.701  3.857    8  X_U29:A19_X    X 29 ? X 19 ? 20 1 
1 A U   26 1_555 A A   14 1_555 -0.025 0.354  0.155  -1.996  -5.224  5.966    9  X_U30:A18_X    X 30 ? X 18 ? 20 1 
1 A A   27 1_555 A U   13 1_555 0.960  -0.127 0.008  -3.529  -11.482 4.488    10 X_A31:U17_X    X 31 ? X 17 ? 20 1 
1 A A   28 1_555 A U   12 1_555 0.348  -0.052 0.200  0.892   -8.181  5.867    11 X_A32:U16_X    X 32 ? X 16 ? 20 1 
1 A G   29 1_555 A C   11 1_555 -0.383 -0.310 -0.454 -3.167  -10.830 2.516    12 X_G33:C15_X    X 33 ? X 15 ? 19 1 
1 A G   30 1_555 A C   10 1_555 -0.121 -0.131 -0.164 -12.574 -13.931 -3.229   13 X_G34:C14_X    X 34 ? X 14 ? 19 1 
1 A G   31 1_555 A C   37 1_555 -0.026 -0.188 0.042  -3.869  1.586   -1.010   14 X_G35:C41_X    X 35 ? X 41 ? 19 1 
1 A U   7  1_555 A A   36 1_555 0.009  -0.164 -0.614 22.291  -9.519  -0.739   15 X_U11:A40_X    X 11 ? X 40 ? 20 1 
1 A U   9  1_555 A A   38 1_555 0.128  3.451  0.245  -6.638  9.484   -59.268  16 X_U13:A42_X    X 13 ? X 42 ? 23 3 
1 A U   57 1_555 A U   39 1_555 2.295  -1.740 0.052  19.594  2.236   15.490   17 X_U61:U43_X    X 61 ? X 43 ? 16 1 
1 A U   56 1_555 A A   40 1_555 0.248  -0.038 -0.152 7.678   -1.255  5.567    18 X_U60:A44_X    X 60 ? X 44 ? 20 1 
1 A C   55 1_555 A G   41 1_555 0.778  0.222  0.506  -1.889  -10.080 2.464    19 X_C59:G45_X    X 59 ? X 45 ? 19 1 
1 A U   54 1_555 A A   42 1_555 -0.043 -0.075 0.599  -4.206  -3.833  4.578    20 X_U58:A46_X    X 58 ? X 46 ? 20 1 
1 A U   53 1_555 A A   43 1_555 -0.447 -0.102 0.308  -17.929 -5.052  7.413    21 X_U57:A47_X    X 57 ? X 47 ? 20 1 
1 A U   52 1_555 A A   44 1_555 0.552  0.025  0.143  -2.811  -5.372  0.612    22 X_U56:A48_X    X 56 ? X 48 ? 20 1 
1 A G   23 1_555 A C   45 1_555 0.490  -0.121 0.633  21.190  -16.606 1.121    23 X_G27:C49_X    X 27 ? X 49 ? 19 1 
1 A G   22 1_555 A C   46 1_555 0.803  -0.389 1.021  4.203   -7.795  -6.376   24 X_G26:C50_X    X 26 ? X 50 ? 19 1 
1 A A   49 1_555 A A   20 1_555 4.688  0.900  0.632  15.667  2.212   -113.603 25 X_A53:A24_X    X 53 ? X 24 ? 5  4 
1 A A   18 1_555 A A   51 1_555 4.026  1.385  0.470  -6.042  -11.897 -105.510 26 X_A22:A55_X    X 22 ? X 55 ? 5  4 
1 A U   19 1_555 A A   50 1_555 3.725  -1.510 0.113  4.754   1.125   -101.556 27 X_U23:A54_X    X 23 ? X 54 ? 24 4 
# 
loop_
_ndb_struct_na_base_pair_step.model_number 
_ndb_struct_na_base_pair_step.i_label_asym_id_1 
_ndb_struct_na_base_pair_step.i_label_comp_id_1 
_ndb_struct_na_base_pair_step.i_label_seq_id_1 
_ndb_struct_na_base_pair_step.i_symmetry_1 
_ndb_struct_na_base_pair_step.j_label_asym_id_1 
_ndb_struct_na_base_pair_step.j_label_comp_id_1 
_ndb_struct_na_base_pair_step.j_label_seq_id_1 
_ndb_struct_na_base_pair_step.j_symmetry_1 
_ndb_struct_na_base_pair_step.i_label_asym_id_2 
_ndb_struct_na_base_pair_step.i_label_comp_id_2 
_ndb_struct_na_base_pair_step.i_label_seq_id_2 
_ndb_struct_na_base_pair_step.i_symmetry_2 
_ndb_struct_na_base_pair_step.j_label_asym_id_2 
_ndb_struct_na_base_pair_step.j_label_comp_id_2 
_ndb_struct_na_base_pair_step.j_label_seq_id_2 
_ndb_struct_na_base_pair_step.j_symmetry_2 
_ndb_struct_na_base_pair_step.shift 
_ndb_struct_na_base_pair_step.slide 
_ndb_struct_na_base_pair_step.rise 
_ndb_struct_na_base_pair_step.tilt 
_ndb_struct_na_base_pair_step.roll 
_ndb_struct_na_base_pair_step.twist 
_ndb_struct_na_base_pair_step.x_displacement 
_ndb_struct_na_base_pair_step.y_displacement 
_ndb_struct_na_base_pair_step.helical_rise 
_ndb_struct_na_base_pair_step.inclination 
_ndb_struct_na_base_pair_step.tip 
_ndb_struct_na_base_pair_step.helical_twist 
_ndb_struct_na_base_pair_step.step_number 
_ndb_struct_na_base_pair_step.step_name 
_ndb_struct_na_base_pair_step.i_auth_asym_id_1 
_ndb_struct_na_base_pair_step.i_auth_seq_id_1 
_ndb_struct_na_base_pair_step.i_PDB_ins_code_1 
_ndb_struct_na_base_pair_step.j_auth_asym_id_1 
_ndb_struct_na_base_pair_step.j_auth_seq_id_1 
_ndb_struct_na_base_pair_step.j_PDB_ins_code_1 
_ndb_struct_na_base_pair_step.i_auth_asym_id_2 
_ndb_struct_na_base_pair_step.i_auth_seq_id_2 
_ndb_struct_na_base_pair_step.i_PDB_ins_code_2 
_ndb_struct_na_base_pair_step.j_auth_asym_id_2 
_ndb_struct_na_base_pair_step.j_auth_seq_id_2 
_ndb_struct_na_base_pair_step.j_PDB_ins_code_2 
1 A GDP 1  1_555 A CCC 65 1_555 A G 2  1_555 A U 64 1_555 -0.073 -2.405 2.636  -6.389   13.065   19.387  -8.206 -1.034 0.851  
33.379  16.323  24.194  1  XX_GDP5G6:U68CCC69_XX X 5  ? X 69 ? X 6  ? X 68 ? 
1 A G   2  1_555 A U   64 1_555 A C 3  1_555 A G 63 1_555 -0.332 -1.160 3.415  -4.537   6.100    42.213  -2.211 -0.009 3.241  
8.388   6.238   42.861  2  XX_G6C7:G67U68_XX     X 6  ? X 68 ? X 7  ? X 67 ? 
1 A C   3  1_555 A G   63 1_555 A G 4  1_555 A C 62 1_555 0.196  -1.875 3.286  8.416    11.279   33.341  -4.500 0.784  2.517  
18.659  -13.922 36.112  3  XX_C7G8:C66G67_XX     X 7  ? X 67 ? X 8  ? X 66 ? 
1 A G   4  1_555 A C   62 1_555 A U 5  1_555 A G 61 1_555 0.087  -1.080 3.134  -3.460   2.179    42.899  -1.675 -0.443 3.062  
2.971   4.718   43.084  4  XX_G8U9:G65C66_XX     X 8  ? X 66 ? X 9  ? X 65 ? 
1 A U   5  1_555 A G   61 1_555 A A 6  1_555 A U 60 1_555 -0.421 -1.546 2.674  4.194    6.169    27.049  -4.293 1.617  2.186  
12.881  -8.758  28.041  5  XX_U9A10:U64G65_XX    X 9  ? X 65 ? X 10 ? X 64 ? 
1 A U   24 1_555 A U   16 1_555 A U 25 1_555 A A 15 1_555 -0.297 -1.609 3.171  3.063    0.828    39.296  -2.479 0.788  3.107  
1.228   -4.545  39.419  6  XX_U28U29:A19U20_XX   X 28 ? X 20 ? X 29 ? X 19 ? 
1 A U   25 1_555 A A   15 1_555 A U 26 1_555 A A 14 1_555 -0.773 -2.116 3.306  -3.465   8.302    24.570  -6.765 0.839  2.550  
18.724  7.816   26.141  7  XX_U29U30:A18A19_XX   X 29 ? X 19 ? X 30 ? X 18 ? 
1 A U   26 1_555 A A   14 1_555 A A 27 1_555 A U 13 1_555 0.175  -1.250 3.323  1.059    11.181   35.758  -3.363 -0.138 2.823  
17.680  -1.674  37.426  8  XX_U30A31:U17A18_XX   X 30 ? X 18 ? X 31 ? X 17 ? 
1 A A   27 1_555 A U   13 1_555 A A 28 1_555 A U 12 1_555 -0.480 -1.459 3.125  -2.587   4.050    29.999  -3.542 0.431  2.937  
7.762   4.958   30.373  9  XX_A31A32:U16U17_XX   X 31 ? X 17 ? X 32 ? X 16 ? 
1 A A   28 1_555 A U   12 1_555 A G 29 1_555 A C 11 1_555 0.050  -1.619 3.486  3.491    5.467    25.366  -5.082 0.853  3.055  
12.197  -7.789  26.169  10 XX_A32G33:C15U16_XX   X 32 ? X 16 ? X 33 ? X 15 ? 
1 A G   29 1_555 A C   11 1_555 A G 30 1_555 A C 10 1_555 0.015  -2.030 3.410  -2.184   10.748   33.305  -4.910 -0.337 2.642  
18.151  3.689   35.016  11 XX_G33G34:C14C15_XX   X 33 ? X 15 ? X 34 ? X 14 ? 
1 A G   30 1_555 A C   10 1_555 A G 31 1_555 A C 37 1_555 2.434  -0.763 2.959  1.563    -0.099   54.808  -0.823 -2.558 3.023  
-0.107  -1.698  54.828  12 XX_G34G35:C41C14_XX   X 34 ? X 14 ? X 35 ? X 41 ? 
1 A G   31 1_555 A C   37 1_555 A U 7  1_555 A A 36 1_555 -1.871 -0.162 2.698  5.613    5.708    46.581  -0.571 2.697  2.434  
7.156   -7.036  47.227  13 XX_G35U11:A40C41_XX   X 35 ? X 41 ? X 11 ? X 40 ? 
1 A U   9  1_555 A A   38 1_555 A U 57 1_555 A U 39 1_555 4.519  -0.899 -0.966 -126.902 -115.596 72.076  -1.092 -1.559 -2.780 
-58.952 64.718  173.257 14 XX_U13U61:U43A42_XX   X 13 ? X 42 ? X 61 ? X 43 ? 
1 A U   57 1_555 A U   39 1_555 A U 56 1_555 A A 40 1_555 -0.658 1.309  -2.936 2.675    -5.524   -35.890 -2.757 -1.375 -2.658 
8.884   4.302   -36.394 15 XX_U61U60:A44U43_XX   X 61 ? X 43 ? X 60 ? X 44 ? 
1 A U   56 1_555 A A   40 1_555 A C 55 1_555 A G 41 1_555 -0.036 2.348  -2.926 -2.381   -6.515   -24.141 -6.943 0.482  -2.218 
15.180  -5.548  -25.103 16 XX_U60C59:G45A44_XX   X 60 ? X 44 ? X 59 ? X 45 ? 
1 A C   55 1_555 A G   41 1_555 A U 54 1_555 A A 42 1_555 0.272  2.008  -3.145 0.039    -3.017   -33.079 -3.986 0.469  -2.956 
5.285   0.068   -33.212 17 XX_C59U58:A46G45_XX   X 59 ? X 45 ? X 58 ? X 46 ? 
1 A U   54 1_555 A A   42 1_555 A U 53 1_555 A A 43 1_555 0.576  1.957  -2.936 3.302    0.205    -27.495 -4.043 0.475  -2.998 
-0.428  6.915   -27.690 18 XX_U58U57:A47A46_XX   X 58 ? X 46 ? X 57 ? X 47 ? 
1 A U   53 1_555 A A   43 1_555 A U 52 1_555 A A 44 1_555 0.195  2.673  -3.356 0.717    -4.134   -31.355 -5.649 0.229  -2.992 
7.606   1.320   -31.628 19 XX_U57U56:A48A47_XX   X 57 ? X 47 ? X 56 ? X 48 ? 
1 A U   52 1_555 A A   44 1_555 A G 23 1_555 A C 45 1_555 2.430  1.002  -3.493 6.788    -12.268  -54.749 -1.810 2.157  -3.468 
13.101  7.249   -56.381 20 XX_U56G27:C49A48_XX   X 56 ? X 48 ? X 27 ? X 49 ? 
1 A G   23 1_555 A C   45 1_555 A G 22 1_555 A C 46 1_555 -1.101 1.329  -2.850 -7.624   -7.565   -25.144 -4.442 -0.693 -2.569 
16.453  -16.581 -27.307 21 XX_G27G26:C50C49_XX   X 27 ? X 49 ? X 26 ? X 50 ? 
1 A G   22 1_555 A C   46 1_555 A A 49 1_555 A A 20 1_555 -3.697 0.979  -3.640 -1.288   -1.476   135.935 0.518  2.003  -3.628 
-0.796  0.695   135.942 22 XX_G26A53:A24C50_XX   X 26 ? X 50 ? X 53 ? X 24 ? 
1 A A   18 1_555 A A   51 1_555 A U 19 1_555 A A 50 1_555 -0.029 -1.306 3.106  9.245    -1.689   35.985  -1.833 1.228  3.062  
-2.678  -14.658 37.153  23 XX_A22U23:A54A55_XX   X 22 ? X 55 ? X 23 ? X 54 ? 
# 
_pdbx_audit_support.funding_organization   'National Natural Science Foundation of China (NSFC)' 
_pdbx_audit_support.country                China 
_pdbx_audit_support.grant_number           ? 
_pdbx_audit_support.ordinal                1 
# 
_pdbx_initial_refinement_model.id               1 
_pdbx_initial_refinement_model.entity_id_list   ? 
_pdbx_initial_refinement_model.type             'experimental model' 
_pdbx_initial_refinement_model.source_name      PDB 
_pdbx_initial_refinement_model.accession_code   9LKU 
_pdbx_initial_refinement_model.details          ? 
# 
_atom_sites.entry_id                    9LKW 
_atom_sites.Cartn_transf_matrix[1][1]   ? 
_atom_sites.Cartn_transf_matrix[1][2]   ? 
_atom_sites.Cartn_transf_matrix[1][3]   ? 
_atom_sites.Cartn_transf_matrix[2][1]   ? 
_atom_sites.Cartn_transf_matrix[2][2]   ? 
_atom_sites.Cartn_transf_matrix[2][3]   ? 
_atom_sites.Cartn_transf_matrix[3][1]   ? 
_atom_sites.Cartn_transf_matrix[3][2]   ? 
_atom_sites.Cartn_transf_matrix[3][3]   ? 
_atom_sites.Cartn_transf_vector[1]      ? 
_atom_sites.Cartn_transf_vector[2]      ? 
_atom_sites.Cartn_transf_vector[3]      ? 
_atom_sites.Cartn_transform_axes        ? 
_atom_sites.fract_transf_matrix[1][1]   0.00767495 
_atom_sites.fract_transf_matrix[1][2]   -0.00712268 
_atom_sites.fract_transf_matrix[1][3]   -0.01728369 
_atom_sites.fract_transf_matrix[2][1]   -0.01298567 
_atom_sites.fract_transf_matrix[2][2]   -0.00222081 
_atom_sites.fract_transf_matrix[2][3]   -0.00485118 
_atom_sites.fract_transf_matrix[3][1]   -0.00011675 
_atom_sites.fract_transf_matrix[3][2]   0.00797562 
_atom_sites.fract_transf_matrix[3][3]   -0.00333863 
_atom_sites.fract_transf_vector[1]      0.226653 
_atom_sites.fract_transf_vector[2]      0.421128 
_atom_sites.fract_transf_vector[3]      0.198683 
_atom_sites.solution_primary            ? 
_atom_sites.solution_secondary          ? 
_atom_sites.solution_hydrogens          ? 
_atom_sites.special_details             ? 
# 
loop_
_atom_type.symbol 
C  
H  
MG 
N  
O  
P  
# 
loop_
_atom_site.group_PDB 
_atom_site.id 
_atom_site.type_symbol 
_atom_site.label_atom_id 
_atom_site.label_alt_id 
_atom_site.label_comp_id 
_atom_site.label_asym_id 
_atom_site.label_entity_id 
_atom_site.label_seq_id 
_atom_site.pdbx_PDB_ins_code 
_atom_site.Cartn_x 
_atom_site.Cartn_y 
_atom_site.Cartn_z 
_atom_site.occupancy 
_atom_site.B_iso_or_equiv 
_atom_site.pdbx_formal_charge 
_atom_site.auth_seq_id 
_atom_site.auth_comp_id 
_atom_site.auth_asym_id 
_atom_site.auth_atom_id 
_atom_site.pdbx_PDB_model_num 
HETATM 1    P  PB    . GDP A 1 1  ? 2.455   -10.794 21.357  1.00 95.79  ? 5   GDP X PB    1 
HETATM 2    O  O1B   . GDP A 1 1  ? 1.903   -11.703 22.445  1.00 85.89  ? 5   GDP X O1B   1 
HETATM 3    O  O2B   . GDP A 1 1  ? 1.478   -9.809  20.746  1.00 90.68  ? 5   GDP X O2B   1 
HETATM 4    O  O3B   . GDP A 1 1  ? 3.298   -11.520 20.326  1.00 88.88  ? 5   GDP X O3B   1 
HETATM 5    O  O3A   . GDP A 1 1  ? 3.422   -9.751  22.103  1.00 85.83  ? 5   GDP X O3A   1 
HETATM 6    P  PA    . GDP A 1 1  ? 4.198   -8.649  21.215  1.00 88.68  ? 5   GDP X PA    1 
HETATM 7    O  O1A   . GDP A 1 1  ? 4.553   -9.232  19.862  1.00 85.39  ? 5   GDP X O1A   1 
HETATM 8    O  O2A   . GDP A 1 1  ? 3.422   -7.350  21.303  1.00 88.86  ? 5   GDP X O2A   1 
HETATM 9    O  "O5'" . GDP A 1 1  ? 5.581   -8.523  22.017  1.00 84.02  ? 5   GDP X "O5'" 1 
HETATM 10   C  "C5'" . GDP A 1 1  ? 6.751   -8.762  21.255  1.00 81.35  ? 5   GDP X "C5'" 1 
HETATM 11   C  "C4'" . GDP A 1 1  ? 7.979   -8.882  22.133  1.00 79.65  ? 5   GDP X "C4'" 1 
HETATM 12   O  "O4'" . GDP A 1 1  ? 7.785   -9.796  23.222  1.00 82.19  ? 5   GDP X "O4'" 1 
HETATM 13   C  "C3'" . GDP A 1 1  ? 9.053   -9.476  21.257  1.00 80.65  ? 5   GDP X "C3'" 1 
HETATM 14   O  "O3'" . GDP A 1 1  ? 9.946   -8.459  20.778  1.00 80.63  ? 5   GDP X "O3'" 1 
HETATM 15   C  "C2'" . GDP A 1 1  ? 9.752   -10.460 22.163  1.00 80.87  ? 5   GDP X "C2'" 1 
HETATM 16   O  "O2'" . GDP A 1 1  ? 10.828  -9.762  22.778  1.00 87.28  ? 5   GDP X "O2'" 1 
HETATM 17   C  "C1'" . GDP A 1 1  ? 8.719   -10.884 23.189  1.00 77.73  ? 5   GDP X "C1'" 1 
HETATM 18   N  N9    . GDP A 1 1  ? 8.030   -12.014 22.540  1.00 76.20  ? 5   GDP X N9    1 
HETATM 19   C  C8    . GDP A 1 1  ? 6.733   -11.999 22.183  1.00 78.46  ? 5   GDP X C8    1 
HETATM 20   N  N7    . GDP A 1 1  ? 6.367   -13.140 21.560  1.00 77.56  ? 5   GDP X N7    1 
HETATM 21   C  C5    . GDP A 1 1  ? 7.460   -13.919 21.502  1.00 75.22  ? 5   GDP X C5    1 
HETATM 22   C  C6    . GDP A 1 1  ? 7.756   -15.265 20.965  1.00 74.87  ? 5   GDP X C6    1 
HETATM 23   O  O6    . GDP A 1 1  ? 6.869   -15.964 20.414  1.00 77.06  ? 5   GDP X O6    1 
HETATM 24   N  N1    . GDP A 1 1  ? 9.005   -15.720 21.098  1.00 74.22  ? 5   GDP X N1    1 
HETATM 25   C  C2    . GDP A 1 1  ? 9.972   -15.008 21.690  1.00 75.13  ? 5   GDP X C2    1 
HETATM 26   N  N2    . GDP A 1 1  ? 11.195  -15.581 21.763  1.00 70.09  ? 5   GDP X N2    1 
HETATM 27   N  N3    . GDP A 1 1  ? 9.777   -13.759 22.197  1.00 75.60  ? 5   GDP X N3    1 
HETATM 28   C  C4    . GDP A 1 1  ? 8.558   -13.174 22.141  1.00 75.68  ? 5   GDP X C4    1 
ATOM   29   P  P     . G   A 1 2  ? 9.788   -8.292  19.236  1.00 78.49  ? 6   G   X P     1 
ATOM   30   O  OP1   . G   A 1 2  ? 9.989   -6.822  19.110  1.00 81.78  ? 6   G   X OP1   1 
ATOM   31   O  OP2   . G   A 1 2  ? 8.692   -8.952  18.479  1.00 80.41  ? 6   G   X OP2   1 
ATOM   32   O  "O5'" . G   A 1 2  ? 11.146  -9.039  18.852  1.00 79.35  ? 6   G   X "O5'" 1 
ATOM   33   C  "C5'" . G   A 1 2  ? 12.195  -9.166  19.802  1.00 76.18  ? 6   G   X "C5'" 1 
ATOM   34   C  "C4'" . G   A 1 2  ? 13.105  -10.333 19.513  1.00 75.11  ? 6   G   X "C4'" 1 
ATOM   35   O  "O4'" . G   A 1 2  ? 12.626  -11.535 20.177  1.00 81.93  ? 6   G   X "O4'" 1 
ATOM   36   C  "C3'" . G   A 1 2  ? 13.264  -10.759 18.065  1.00 74.56  ? 6   G   X "C3'" 1 
ATOM   37   O  "O3'" . G   A 1 2  ? 14.127  -9.906  17.325  1.00 75.29  ? 6   G   X "O3'" 1 
ATOM   38   C  "C2'" . G   A 1 2  ? 13.782  -12.194 18.205  1.00 77.98  ? 6   G   X "C2'" 1 
ATOM   39   O  "O2'" . G   A 1 2  ? 15.167  -12.220 18.508  1.00 76.51  ? 6   G   X "O2'" 1 
ATOM   40   C  "C1'" . G   A 1 2  ? 13.025  -12.678 19.443  1.00 77.00  ? 6   G   X "C1'" 1 
ATOM   41   N  N9    . G   A 1 2  ? 11.836  -13.463 19.068  1.00 75.82  ? 6   G   X N9    1 
ATOM   42   C  C8    . G   A 1 2  ? 10.525  -13.073 19.177  1.00 75.08  ? 6   G   X C8    1 
ATOM   43   N  N7    . G   A 1 2  ? 9.699   -13.976 18.736  1.00 75.13  ? 6   G   X N7    1 
ATOM   44   C  C5    . G   A 1 2  ? 10.511  -15.009 18.296  1.00 71.89  ? 6   G   X C5    1 
ATOM   45   C  C6    . G   A 1 2  ? 10.165  -16.250 17.718  1.00 71.36  ? 6   G   X C6    1 
ATOM   46   O  O6    . G   A 1 2  ? 9.043   -16.702 17.476  1.00 72.18  ? 6   G   X O6    1 
ATOM   47   N  N1    . G   A 1 2  ? 11.289  -17.004 17.418  1.00 76.08  ? 6   G   X N1    1 
ATOM   48   C  C2    . G   A 1 2  ? 12.588  -16.613 17.643  1.00 76.55  ? 6   G   X C2    1 
ATOM   49   N  N2    . G   A 1 2  ? 13.526  -17.509 17.284  1.00 74.72  ? 6   G   X N2    1 
ATOM   50   N  N3    . G   A 1 2  ? 12.922  -15.449 18.182  1.00 67.91  ? 6   G   X N3    1 
ATOM   51   C  C4    . G   A 1 2  ? 11.839  -14.707 18.486  1.00 71.14  ? 6   G   X C4    1 
ATOM   52   P  P     . C   A 1 3  ? 13.740  -9.429  15.831  1.00 85.38  ? 7   C   X P     1 
ATOM   53   O  OP1   . C   A 1 3  ? 14.422  -8.159  15.494  1.00 82.23  ? 7   C   X OP1   1 
ATOM   54   O  OP2   . C   A 1 3  ? 12.256  -9.464  15.715  1.00 85.28  ? 7   C   X OP2   1 
ATOM   55   O  "O5'" . C   A 1 3  ? 14.343  -10.582 14.910  1.00 75.51  ? 7   C   X "O5'" 1 
ATOM   56   C  "C5'" . C   A 1 3  ? 15.532  -11.252 15.289  1.00 73.88  ? 7   C   X "C5'" 1 
ATOM   57   C  "C4'" . C   A 1 3  ? 15.607  -12.617 14.665  1.00 73.00  ? 7   C   X "C4'" 1 
ATOM   58   O  "O4'" . C   A 1 3  ? 14.847  -13.573 15.457  1.00 74.64  ? 7   C   X "O4'" 1 
ATOM   59   C  "C3'" . C   A 1 3  ? 14.996  -12.752 13.284  1.00 77.92  ? 7   C   X "C3'" 1 
ATOM   60   O  "O3'" . C   A 1 3  ? 15.774  -12.189 12.240  1.00 84.44  ? 7   C   X "O3'" 1 
ATOM   61   C  "C2'" . C   A 1 3  ? 14.771  -14.257 13.187  1.00 78.01  ? 7   C   X "C2'" 1 
ATOM   62   O  "O2'" . C   A 1 3  ? 15.986  -14.956 12.963  1.00 76.11  ? 7   C   X "O2'" 1 
ATOM   63   C  "C1'" . C   A 1 3  ? 14.305  -14.569 14.607  1.00 73.15  ? 7   C   X "C1'" 1 
ATOM   64   N  N1    . C   A 1 3  ? 12.832  -14.523 14.697  1.00 71.71  ? 7   C   X N1    1 
ATOM   65   C  C2    . C   A 1 3  ? 12.109  -15.591 14.156  1.00 74.25  ? 7   C   X C2    1 
ATOM   66   O  O2    . C   A 1 3  ? 12.730  -16.535 13.635  1.00 70.90  ? 7   C   X O2    1 
ATOM   67   N  N3    . C   A 1 3  ? 10.752  -15.561 14.212  1.00 71.27  ? 7   C   X N3    1 
ATOM   68   C  C4    . C   A 1 3  ? 10.136  -14.523 14.779  1.00 69.05  ? 7   C   X C4    1 
ATOM   69   N  N4    . C   A 1 3  ? 8.804   -14.533 14.819  1.00 69.02  ? 7   C   X N4    1 
ATOM   70   C  C5    . C   A 1 3  ? 10.858  -13.423 15.333  1.00 71.88  ? 7   C   X C5    1 
ATOM   71   C  C6    . C   A 1 3  ? 12.190  -13.460 15.266  1.00 70.96  ? 7   C   X C6    1 
ATOM   72   P  P     . G   A 1 4  ? 15.101  -11.926 10.800  1.00 89.57  ? 8   G   X P     1 
ATOM   73   O  OP1   . G   A 1 4  ? 16.065  -11.234 9.911   1.00 91.74  ? 8   G   X OP1   1 
ATOM   74   O  OP2   . G   A 1 4  ? 13.744  -11.355 10.990  1.00 82.90  ? 8   G   X OP2   1 
ATOM   75   O  "O5'" . G   A 1 4  ? 14.901  -13.395 10.231  1.00 82.40  ? 8   G   X "O5'" 1 
ATOM   76   C  "C5'" . G   A 1 4  ? 14.176  -13.610 9.041   1.00 80.15  ? 8   G   X "C5'" 1 
ATOM   77   C  "C4'" . G   A 1 4  ? 13.858  -15.066 8.871   1.00 79.36  ? 8   G   X "C4'" 1 
ATOM   78   O  "O4'" . G   A 1 4  ? 13.351  -15.604 10.121  1.00 79.82  ? 8   G   X "O4'" 1 
ATOM   79   C  "C3'" . G   A 1 4  ? 12.761  -15.348 7.867   1.00 79.86  ? 8   G   X "C3'" 1 
ATOM   80   O  "O3'" . G   A 1 4  ? 13.242  -15.389 6.536   1.00 88.39  ? 8   G   X "O3'" 1 
ATOM   81   C  "C2'" . G   A 1 4  ? 12.182  -16.655 8.360   1.00 76.53  ? 8   G   X "C2'" 1 
ATOM   82   O  "O2'" . G   A 1 4  ? 13.047  -17.719 8.009   1.00 79.12  ? 8   G   X "O2'" 1 
ATOM   83   C  "C1'" . G   A 1 4  ? 12.255  -16.450 9.871   1.00 75.65  ? 8   G   X "C1'" 1 
ATOM   84   N  N9    . G   A 1 4  ? 11.044  -15.788 10.418  1.00 73.63  ? 8   G   X N9    1 
ATOM   85   C  C8    . G   A 1 4  ? 10.993  -14.531 10.974  1.00 71.08  ? 8   G   X C8    1 
ATOM   86   N  N7    . G   A 1 4  ? 9.807   -14.194 11.398  1.00 69.85  ? 8   G   X N7    1 
ATOM   87   C  C5    . G   A 1 4  ? 9.008   -15.294 11.107  1.00 65.91  ? 8   G   X C5    1 
ATOM   88   C  C6    . G   A 1 4  ? 7.621   -15.510 11.333  1.00 64.21  ? 8   G   X C6    1 
ATOM   89   O  O6    . G   A 1 4  ? 6.782   -14.766 11.859  1.00 64.75  ? 8   G   X O6    1 
ATOM   90   N  N1    . G   A 1 4  ? 7.225   -16.761 10.888  1.00 65.78  ? 8   G   X N1    1 
ATOM   91   C  C2    . G   A 1 4  ? 8.045   -17.693 10.301  1.00 68.38  ? 8   G   X C2    1 
ATOM   92   N  N2    . G   A 1 4  ? 7.458   -18.841 9.942   1.00 66.18  ? 8   G   X N2    1 
ATOM   93   N  N3    . G   A 1 4  ? 9.338   -17.511 10.081  1.00 71.37  ? 8   G   X N3    1 
ATOM   94   C  C4    . G   A 1 4  ? 9.754   -16.290 10.502  1.00 71.06  ? 8   G   X C4    1 
ATOM   95   P  P     . U   A 1 5  ? 12.544  -14.456 5.429   1.00 92.46  ? 9   U   X P     1 
ATOM   96   O  OP1   . U   A 1 5  ? 13.453  -14.276 4.262   1.00 88.89  ? 9   U   X OP1   1 
ATOM   97   O  OP2   . U   A 1 5  ? 12.123  -13.230 6.162   1.00 75.99  ? 9   U   X OP2   1 
ATOM   98   O  "O5'" . U   A 1 5  ? 11.270  -15.327 5.005   1.00 73.94  ? 9   U   X "O5'" 1 
ATOM   99   C  "C5'" . U   A 1 5  ? 11.364  -16.742 4.940   1.00 76.21  ? 9   U   X "C5'" 1 
ATOM   100  C  "C4'" . U   A 1 5  ? 10.012  -17.401 5.054   1.00 75.47  ? 9   U   X "C4'" 1 
ATOM   101  O  "O4'" . U   A 1 5  ? 9.557   -17.386 6.435   1.00 66.89  ? 9   U   X "O4'" 1 
ATOM   102  C  "C3'" . U   A 1 5  ? 8.892   -16.721 4.285   1.00 72.26  ? 9   U   X "C3'" 1 
ATOM   103  O  "O3'" . U   A 1 5  ? 8.909   -17.034 2.897   1.00 70.96  ? 9   U   X "O3'" 1 
ATOM   104  C  "C2'" . U   A 1 5  ? 7.646   -17.193 5.030   1.00 70.38  ? 9   U   X "C2'" 1 
ATOM   105  O  "O2'" . U   A 1 5  ? 7.313   -18.520 4.651   1.00 69.26  ? 9   U   X "O2'" 1 
ATOM   106  C  "C1'" . U   A 1 5  ? 8.153   -17.220 6.475   1.00 68.40  ? 9   U   X "C1'" 1 
ATOM   107  N  N1    . U   A 1 5  ? 7.857   -15.977 7.232   1.00 66.06  ? 9   U   X N1    1 
ATOM   108  C  C2    . U   A 1 5  ? 6.591   -15.758 7.753   1.00 64.08  ? 9   U   X C2    1 
ATOM   109  O  O2    . U   A 1 5  ? 5.644   -16.527 7.613   1.00 59.60  ? 9   U   X O2    1 
ATOM   110  N  N3    . U   A 1 5  ? 6.463   -14.580 8.455   1.00 62.21  ? 9   U   X N3    1 
ATOM   111  C  C4    . U   A 1 5  ? 7.431   -13.619 8.683   1.00 63.08  ? 9   U   X C4    1 
ATOM   112  O  O4    . U   A 1 5  ? 7.158   -12.622 9.340   1.00 58.25  ? 9   U   X O4    1 
ATOM   113  C  C5    . U   A 1 5  ? 8.704   -13.915 8.111   1.00 68.67  ? 9   U   X C5    1 
ATOM   114  C  C6    . U   A 1 5  ? 8.860   -15.061 7.436   1.00 71.43  ? 9   U   X C6    1 
ATOM   115  P  P     . A   A 1 6  ? 8.408   -15.958 1.809   1.00 82.52  ? 10  A   X P     1 
ATOM   116  O  OP1   . A   A 1 6  ? 8.861   -16.393 0.461   1.00 84.08  ? 10  A   X OP1   1 
ATOM   117  O  OP2   . A   A 1 6  ? 8.773   -14.579 2.250   1.00 64.33  ? 10  A   X OP2   1 
ATOM   118  O  "O5'" . A   A 1 6  ? 6.824   -16.129 1.863   1.00 75.60  ? 10  A   X "O5'" 1 
ATOM   119  C  "C5'" . A   A 1 6  ? 6.195   -17.393 1.677   1.00 67.00  ? 10  A   X "C5'" 1 
ATOM   120  C  "C4'" . A   A 1 6  ? 4.704   -17.311 1.941   1.00 67.16  ? 10  A   X "C4'" 1 
ATOM   121  O  "O4'" . A   A 1 6  ? 4.470   -17.248 3.371   1.00 60.41  ? 10  A   X "O4'" 1 
ATOM   122  C  "C3'" . A   A 1 6  ? 3.977   -16.077 1.391   1.00 66.24  ? 10  A   X "C3'" 1 
ATOM   123  O  "O3'" . A   A 1 6  ? 3.597   -16.187 0.034   1.00 68.33  ? 10  A   X "O3'" 1 
ATOM   124  C  "C2'" . A   A 1 6  ? 2.775   -15.947 2.312   1.00 59.92  ? 10  A   X "C2'" 1 
ATOM   125  O  "O2'" . A   A 1 6  ? 1.743   -16.842 1.924   1.00 64.55  ? 10  A   X "O2'" 1 
ATOM   126  C  "C1'" . A   A 1 6  ? 3.359   -16.409 3.644   1.00 65.29  ? 10  A   X "C1'" 1 
ATOM   127  N  N9    . A   A 1 6  ? 3.816   -15.265 4.443   1.00 60.07  ? 10  A   X N9    1 
ATOM   128  C  C8    . A   A 1 6  ? 5.021   -14.621 4.374   1.00 61.79  ? 10  A   X C8    1 
ATOM   129  N  N7    . A   A 1 6  ? 5.134   -13.641 5.231   1.00 58.65  ? 10  A   X N7    1 
ATOM   130  C  C5    . A   A 1 6  ? 3.915   -13.635 5.881   1.00 57.06  ? 10  A   X C5    1 
ATOM   131  C  C6    . A   A 1 6  ? 3.406   -12.837 6.905   1.00 56.01  ? 10  A   X C6    1 
ATOM   132  N  N6    . A   A 1 6  ? 4.101   -11.836 7.449   1.00 59.46  ? 10  A   X N6    1 
ATOM   133  N  N1    . A   A 1 6  ? 2.156   -13.101 7.345   1.00 55.38  ? 10  A   X N1    1 
ATOM   134  C  C2    . A   A 1 6  ? 1.471   -14.104 6.781   1.00 51.73  ? 10  A   X C2    1 
ATOM   135  N  N3    . A   A 1 6  ? 1.848   -14.920 5.809   1.00 53.06  ? 10  A   X N3    1 
ATOM   136  C  C4    . A   A 1 6  ? 3.089   -14.630 5.405   1.00 58.23  ? 10  A   X C4    1 
ATOM   137  P  P     . U   A 1 7  ? 4.226   -15.204 -1.064  1.00 74.88  ? 11  U   X P     1 
ATOM   138  O  OP1   . U   A 1 7  ? 3.523   -15.545 -2.325  1.00 75.10  ? 11  U   X OP1   1 
ATOM   139  O  OP2   . U   A 1 7  ? 5.702   -15.231 -0.933  1.00 70.60  ? 11  U   X OP2   1 
ATOM   140  O  "O5'" . U   A 1 7  ? 3.847   -13.731 -0.597  1.00 67.70  ? 11  U   X "O5'" 1 
ATOM   141  C  "C5'" . U   A 1 7  ? 4.753   -12.657 -0.847  1.00 63.78  ? 11  U   X "C5'" 1 
ATOM   142  C  "C4'" . U   A 1 7  ? 4.561   -11.504 0.106   1.00 62.72  ? 11  U   X "C4'" 1 
ATOM   143  O  "O4'" . U   A 1 7  ? 3.218   -10.957 -0.075  1.00 67.93  ? 11  U   X "O4'" 1 
ATOM   144  C  "C3'" . U   A 1 7  ? 4.680   -11.861 1.587   1.00 63.68  ? 11  U   X "C3'" 1 
ATOM   145  O  "O3'" . U   A 1 7  ? 5.183   -10.748 2.330   1.00 64.18  ? 11  U   X "O3'" 1 
ATOM   146  C  "C2'" . U   A 1 7  ? 3.225   -12.085 1.974   1.00 58.82  ? 11  U   X "C2'" 1 
ATOM   147  O  "O2'" . U   A 1 7  ? 2.944   -11.963 3.349   1.00 57.29  ? 11  U   X "O2'" 1 
ATOM   148  C  "C1'" . U   A 1 7  ? 2.523   -11.001 1.151   1.00 63.55  ? 11  U   X "C1'" 1 
ATOM   149  N  N1    . U   A 1 7  ? 1.105   -11.317 0.920   1.00 60.36  ? 11  U   X N1    1 
ATOM   150  C  C2    . U   A 1 7  ? 0.168   -10.506 1.510   1.00 60.53  ? 11  U   X C2    1 
ATOM   151  O  O2    . U   A 1 7  ? 0.438   -9.486  2.129   1.00 59.38  ? 11  U   X O2    1 
ATOM   152  N  N3    . U   A 1 7  ? -1.122  -10.925 1.320   1.00 59.63  ? 11  U   X N3    1 
ATOM   153  C  C4    . U   A 1 7  ? -1.575  -12.034 0.644   1.00 60.74  ? 11  U   X C4    1 
ATOM   154  O  O4    . U   A 1 7  ? -2.791  -12.244 0.573   1.00 57.41  ? 11  U   X O4    1 
ATOM   155  C  C5    . U   A 1 7  ? -0.533  -12.842 0.086   1.00 62.31  ? 11  U   X C5    1 
ATOM   156  C  C6    . U   A 1 7  ? 0.734   -12.466 0.257   1.00 62.86  ? 11  U   X C6    1 
ATOM   157  P  P     . A   A 1 8  ? 6.758   -10.428 2.435   1.00 70.09  ? 12  A   X P     1 
ATOM   158  O  OP1   . A   A 1 8  ? 7.561   -11.638 2.124   1.00 61.12  ? 12  A   X OP1   1 
ATOM   159  O  OP2   . A   A 1 8  ? 6.937   -9.725  3.732   1.00 62.61  ? 12  A   X OP2   1 
ATOM   160  O  "O5'" . A   A 1 8  ? 7.018   -9.391  1.242   1.00 62.16  ? 12  A   X "O5'" 1 
ATOM   161  C  "C5'" . A   A 1 8  ? 6.254   -8.204  1.101   1.00 65.80  ? 12  A   X "C5'" 1 
ATOM   162  C  "C4'" . A   A 1 8  ? 6.491   -7.537  -0.236  1.00 67.99  ? 12  A   X "C4'" 1 
ATOM   163  O  "O4'" . A   A 1 8  ? 6.243   -8.487  -1.302  1.00 69.80  ? 12  A   X "O4'" 1 
ATOM   164  C  "C3'" . A   A 1 8  ? 5.580   -6.350  -0.542  1.00 73.47  ? 12  A   X "C3'" 1 
ATOM   165  O  "O3'" . A   A 1 8  ? 6.103   -5.123  -0.048  1.00 74.74  ? 12  A   X "O3'" 1 
ATOM   166  C  "C2'" . A   A 1 8  ? 5.439   -6.365  -2.066  1.00 74.17  ? 12  A   X "C2'" 1 
ATOM   167  O  "O2'" . A   A 1 8  ? 6.463   -5.587  -2.684  1.00 75.94  ? 12  A   X "O2'" 1 
ATOM   168  C  "C1'" . A   A 1 8  ? 5.629   -7.849  -2.405  1.00 67.08  ? 12  A   X "C1'" 1 
ATOM   169  N  N9    . A   A 1 8  ? 4.368   -8.566  -2.719  1.00 68.27  ? 12  A   X N9    1 
ATOM   170  C  C8    . A   A 1 8  ? 4.259   -9.594  -3.623  1.00 69.43  ? 12  A   X C8    1 
ATOM   171  N  N7    . A   A 1 8  ? 3.068   -10.130 -3.726  1.00 66.53  ? 12  A   X N7    1 
ATOM   172  C  C5    . A   A 1 8  ? 2.323   -9.409  -2.819  1.00 63.65  ? 12  A   X C5    1 
ATOM   173  C  C6    . A   A 1 8  ? 0.972   -9.487  -2.466  1.00 63.98  ? 12  A   X C6    1 
ATOM   174  N  N6    . A   A 1 8  ? 0.122   -10.357 -3.006  1.00 66.58  ? 12  A   X N6    1 
ATOM   175  N  N1    . A   A 1 8  ? 0.504   -8.643  -1.527  1.00 64.57  ? 12  A   X N1    1 
ATOM   176  C  C2    . A   A 1 8  ? 1.359   -7.776  -0.988  1.00 63.69  ? 12  A   X C2    1 
ATOM   177  N  N3    . A   A 1 8  ? 2.655   -7.606  -1.243  1.00 65.40  ? 12  A   X N3    1 
ATOM   178  C  C4    . A   A 1 8  ? 3.098   -8.455  -2.182  1.00 66.38  ? 12  A   X C4    1 
ATOM   179  P  P     . U   A 1 9  ? 5.383   -4.358  1.167   1.00 76.76  ? 13  U   X P     1 
ATOM   180  O  OP1   . U   A 1 9  ? 6.163   -3.132  1.475   1.00 76.62  ? 13  U   X OP1   1 
ATOM   181  O  OP2   . U   A 1 9  ? 5.091   -5.376  2.244   1.00 70.19  ? 13  U   X OP2   1 
ATOM   182  O  "O5'" . U   A 1 9  ? 4.027   -3.841  0.536   1.00 68.44  ? 13  U   X "O5'" 1 
ATOM   183  C  "C5'" . U   A 1 9  ? 2.830   -4.580  0.699   1.00 70.27  ? 13  U   X "C5'" 1 
ATOM   184  C  "C4'" . U   A 1 9  ? 1.779   -3.745  1.372   1.00 72.79  ? 13  U   X "C4'" 1 
ATOM   185  O  "O4'" . U   A 1 9  ? 1.978   -3.746  2.796   1.00 74.93  ? 13  U   X "O4'" 1 
ATOM   186  C  "C3'" . U   A 1 9  ? 1.753   -2.274  0.974   1.00 73.49  ? 13  U   X "C3'" 1 
ATOM   187  O  "O3'" . U   A 1 9  ? 0.908   -2.125  -0.147  1.00 77.45  ? 13  U   X "O3'" 1 
ATOM   188  C  "C2'" . U   A 1 9  ? 1.203   -1.558  2.217   1.00 77.69  ? 13  U   X "C2'" 1 
ATOM   189  O  "O2'" . U   A 1 9  ? -0.191  -1.316  2.083   1.00 80.71  ? 13  U   X "O2'" 1 
ATOM   190  C  "C1'" . U   A 1 9  ? 1.421   -2.583  3.347   1.00 69.77  ? 13  U   X "C1'" 1 
ATOM   191  N  N1    . U   A 1 9  ? 2.258   -2.109  4.470   1.00 65.79  ? 13  U   X N1    1 
ATOM   192  C  C2    . U   A 1 9  ? 1.582   -1.429  5.449   1.00 67.78  ? 13  U   X C2    1 
ATOM   193  O  O2    . U   A 1 9  ? 0.387   -1.216  5.344   1.00 68.32  ? 13  U   X O2    1 
ATOM   194  N  N3    . U   A 1 9  ? 2.340   -1.002  6.514   1.00 66.85  ? 13  U   X N3    1 
ATOM   195  C  C4    . U   A 1 9  ? 3.693   -1.205  6.684   1.00 69.71  ? 13  U   X C4    1 
ATOM   196  O  O4    . U   A 1 9  ? 4.264   -0.759  7.687   1.00 72.32  ? 13  U   X O4    1 
ATOM   197  C  C5    . U   A 1 9  ? 4.313   -1.942  5.625   1.00 70.25  ? 13  U   X C5    1 
ATOM   198  C  C6    . U   A 1 9  ? 3.595   -2.374  4.584   1.00 67.80  ? 13  U   X C6    1 
ATOM   199  P  P     . C   A 1 10 ? 1.159   -1.050  -1.311  1.00 71.92  ? 14  C   X P     1 
ATOM   200  O  OP1   . C   A 1 10 ? 2.332   -0.196  -0.996  1.00 84.12  ? 14  C   X OP1   1 
ATOM   201  O  OP2   . C   A 1 10 ? -0.168  -0.446  -1.495  1.00 57.83  ? 14  C   X OP2   1 
ATOM   202  O  "O5'" . C   A 1 10 ? 1.441   -1.965  -2.591  1.00 71.62  ? 14  C   X "O5'" 1 
ATOM   203  C  "C5'" . C   A 1 10 ? 2.666   -2.680  -2.718  1.00 65.51  ? 14  C   X "C5'" 1 
ATOM   204  C  "C4'" . C   A 1 10 ? 2.536   -3.860  -3.654  1.00 72.05  ? 14  C   X "C4'" 1 
ATOM   205  O  "O4'" . C   A 1 10 ? 2.031   -5.021  -2.930  1.00 69.01  ? 14  C   X "O4'" 1 
ATOM   206  C  "C3'" . C   A 1 10 ? 1.575   -3.708  -4.833  1.00 67.77  ? 14  C   X "C3'" 1 
ATOM   207  O  "O3'" . C   A 1 10 ? 2.142   -3.008  -5.929  1.00 71.05  ? 14  C   X "O3'" 1 
ATOM   208  C  "C2'" . C   A 1 10 ? 1.240   -5.159  -5.162  1.00 70.64  ? 14  C   X "C2'" 1 
ATOM   209  O  "O2'" . C   A 1 10 ? 2.305   -5.781  -5.868  1.00 71.33  ? 14  C   X "O2'" 1 
ATOM   210  C  "C1'" . C   A 1 10 ? 1.179   -5.775  -3.764  1.00 63.66  ? 14  C   X "C1'" 1 
ATOM   211  N  N1    . C   A 1 10 ? -0.193  -5.712  -3.217  1.00 63.59  ? 14  C   X N1    1 
ATOM   212  C  C2    . C   A 1 10 ? -1.056  -6.698  -3.658  1.00 66.48  ? 14  C   X C2    1 
ATOM   213  O  O2    . C   A 1 10 ? -0.600  -7.541  -4.448  1.00 69.10  ? 14  C   X O2    1 
ATOM   214  N  N3    . C   A 1 10 ? -2.333  -6.710  -3.219  1.00 64.99  ? 14  C   X N3    1 
ATOM   215  C  C4    . C   A 1 10 ? -2.750  -5.790  -2.360  1.00 61.75  ? 14  C   X C4    1 
ATOM   216  N  N4    . C   A 1 10 ? -4.019  -5.873  -1.975  1.00 53.97  ? 14  C   X N4    1 
ATOM   217  C  C5    . C   A 1 10 ? -1.893  -4.745  -1.892  1.00 59.87  ? 14  C   X C5    1 
ATOM   218  C  C6    . C   A 1 10 ? -0.633  -4.750  -2.347  1.00 62.05  ? 14  C   X C6    1 
ATOM   219  P  P     . C   A 1 11 ? 1.219   -2.257  -7.008  1.00 73.27  ? 15  C   X P     1 
ATOM   220  O  OP1   . C   A 1 11 ? 2.175   -1.734  -8.013  1.00 84.08  ? 15  C   X OP1   1 
ATOM   221  O  OP2   . C   A 1 11 ? 0.270   -1.353  -6.318  1.00 72.19  ? 15  C   X OP2   1 
ATOM   222  O  "O5'" . C   A 1 11 ? 0.352   -3.392  -7.713  1.00 69.65  ? 15  C   X "O5'" 1 
ATOM   223  C  "C5'" . C   A 1 11 ? 0.901   -4.197  -8.745  1.00 71.72  ? 15  C   X "C5'" 1 
ATOM   224  C  "C4'" . C   A 1 11 ? -0.135  -5.111  -9.349  1.00 68.38  ? 15  C   X "C4'" 1 
ATOM   225  O  "O4'" . C   A 1 11 ? -0.688  -5.985  -8.324  1.00 66.54  ? 15  C   X "O4'" 1 
ATOM   226  C  "C3'" . C   A 1 11 ? -1.354  -4.431  -9.956  1.00 65.34  ? 15  C   X "C3'" 1 
ATOM   227  O  "O3'" . C   A 1 11 ? -1.111  -3.924  -11.264 1.00 73.30  ? 15  C   X "O3'" 1 
ATOM   228  C  "C2'" . C   A 1 11 ? -2.404  -5.534  -9.924  1.00 66.56  ? 15  C   X "C2'" 1 
ATOM   229  O  "O2'" . C   A 1 11 ? -2.227  -6.407  -11.030 1.00 64.42  ? 15  C   X "O2'" 1 
ATOM   230  C  "C1'" . C   A 1 11 ? -2.042  -6.274  -8.618  1.00 65.16  ? 15  C   X "C1'" 1 
ATOM   231  N  N1    . C   A 1 11 ? -2.889  -5.837  -7.476  1.00 61.19  ? 15  C   X N1    1 
ATOM   232  C  C2    . C   A 1 11 ? -4.177  -6.393  -7.328  1.00 65.79  ? 15  C   X C2    1 
ATOM   233  O  O2    . C   A 1 11 ? -4.579  -7.258  -8.128  1.00 65.14  ? 15  C   X O2    1 
ATOM   234  N  N3    . C   A 1 11 ? -4.970  -5.987  -6.303  1.00 64.12  ? 15  C   X N3    1 
ATOM   235  C  C4    . C   A 1 11 ? -4.531  -5.051  -5.453  1.00 63.11  ? 15  C   X C4    1 
ATOM   236  N  N4    . C   A 1 11 ? -5.365  -4.696  -4.471  1.00 58.80  ? 15  C   X N4    1 
ATOM   237  C  C5    . C   A 1 11 ? -3.237  -4.461  -5.575  1.00 56.20  ? 15  C   X C5    1 
ATOM   238  C  C6    . C   A 1 11 ? -2.465  -4.877  -6.590  1.00 59.94  ? 15  C   X C6    1 
ATOM   239  P  P     . U   A 1 12 ? -1.918  -2.630  -11.803 1.00 75.97  ? 16  U   X P     1 
ATOM   240  O  OP1   . U   A 1 12 ? -1.234  -2.102  -13.012 1.00 77.25  ? 16  U   X OP1   1 
ATOM   241  O  OP2   . U   A 1 12 ? -2.102  -1.689  -10.666 1.00 71.66  ? 16  U   X OP2   1 
ATOM   242  O  "O5'" . U   A 1 12 ? -3.321  -3.234  -12.254 1.00 66.82  ? 16  U   X "O5'" 1 
ATOM   243  C  "C5'" . U   A 1 12 ? -3.360  -4.317  -13.168 1.00 66.56  ? 16  U   X "C5'" 1 
ATOM   244  C  "C4'" . U   A 1 12 ? -4.729  -4.931  -13.233 1.00 70.43  ? 16  U   X "C4'" 1 
ATOM   245  O  "O4'" . U   A 1 12 ? -5.034  -5.564  -11.966 1.00 69.13  ? 16  U   X "O4'" 1 
ATOM   246  C  "C3'" . U   A 1 12 ? -5.884  -3.965  -13.443 1.00 70.80  ? 16  U   X "C3'" 1 
ATOM   247  O  "O3'" . U   A 1 12 ? -6.041  -3.565  -14.791 1.00 75.17  ? 16  U   X "O3'" 1 
ATOM   248  C  "C2'" . U   A 1 12 ? -7.065  -4.748  -12.883 1.00 69.77  ? 16  U   X "C2'" 1 
ATOM   249  O  "O2'" . U   A 1 12 ? -7.494  -5.745  -13.802 1.00 72.07  ? 16  U   X "O2'" 1 
ATOM   250  C  "C1'" . U   A 1 12 ? -6.415  -5.448  -11.689 1.00 68.06  ? 16  U   X "C1'" 1 
ATOM   251  N  N1    . U   A 1 12 ? -6.585  -4.690  -10.424 1.00 63.28  ? 16  U   X N1    1 
ATOM   252  C  C2    . U   A 1 12 ? -7.817  -4.770  -9.805  1.00 67.94  ? 16  U   X C2    1 
ATOM   253  O  O2    . U   A 1 12 ? -8.750  -5.423  -10.252 1.00 68.57  ? 16  U   X O2    1 
ATOM   254  N  N3    . U   A 1 12 ? -7.934  -4.068  -8.634  1.00 67.16  ? 16  U   X N3    1 
ATOM   255  C  C4    . U   A 1 12 ? -6.968  -3.304  -8.029  1.00 68.02  ? 16  U   X C4    1 
ATOM   256  O  O4    . U   A 1 12 ? -7.259  -2.735  -6.977  1.00 66.60  ? 16  U   X O4    1 
ATOM   257  C  C5    . U   A 1 12 ? -5.713  -3.269  -8.720  1.00 65.03  ? 16  U   X C5    1 
ATOM   258  C  C6    . U   A 1 12 ? -5.569  -3.948  -9.863  1.00 63.55  ? 16  U   X C6    1 
ATOM   259  P  P     . U   A 1 13 ? -6.604  -2.093  -15.151 1.00 76.15  ? 17  U   X P     1 
ATOM   260  O  OP1   . U   A 1 13 ? -6.537  -1.987  -16.634 1.00 74.25  ? 17  U   X OP1   1 
ATOM   261  O  OP2   . U   A 1 13 ? -5.903  -1.054  -14.346 1.00 73.32  ? 17  U   X OP2   1 
ATOM   262  O  "O5'" . U   A 1 13 ? -8.133  -2.189  -14.735 1.00 65.88  ? 17  U   X "O5'" 1 
ATOM   263  C  "C5'" . U   A 1 13 ? -8.958  -3.152  -15.372 1.00 70.43  ? 17  U   X "C5'" 1 
ATOM   264  C  "C4'" . U   A 1 13 ? -10.301 -3.295  -14.707 1.00 74.19  ? 17  U   X "C4'" 1 
ATOM   265  O  "O4'" . U   A 1 13 ? -10.153 -3.788  -13.348 1.00 79.11  ? 17  U   X "O4'" 1 
ATOM   266  C  "C3'" . U   A 1 13 ? -11.114 -2.024  -14.544 1.00 74.47  ? 17  U   X "C3'" 1 
ATOM   267  O  "O3'" . U   A 1 13 ? -11.737 -1.623  -15.754 1.00 79.48  ? 17  U   X "O3'" 1 
ATOM   268  C  "C2'" . U   A 1 13 ? -12.089 -2.415  -13.438 1.00 75.85  ? 17  U   X "C2'" 1 
ATOM   269  O  "O2'" . U   A 1 13 ? -13.106 -3.275  -13.934 1.00 76.84  ? 17  U   X "O2'" 1 
ATOM   270  C  "C1'" . U   A 1 13 ? -11.186 -3.258  -12.538 1.00 77.84  ? 17  U   X "C1'" 1 
ATOM   271  N  N1    . U   A 1 13 ? -10.588 -2.459  -11.443 1.00 76.81  ? 17  U   X N1    1 
ATOM   272  C  C2    . U   A 1 13 ? -11.397 -2.292  -10.340 1.00 75.06  ? 17  U   X C2    1 
ATOM   273  O  O2    . U   A 1 13 ? -12.530 -2.769  -10.289 1.00 69.60  ? 17  U   X O2    1 
ATOM   274  N  N3    . U   A 1 13 ? -10.829 -1.556  -9.327  1.00 66.12  ? 17  U   X N3    1 
ATOM   275  C  C4    . U   A 1 13 ? -9.577  -1.005  -9.309  1.00 63.71  ? 17  U   X C4    1 
ATOM   276  O  O4    . U   A 1 13 ? -9.222  -0.379  -8.314  1.00 63.02  ? 17  U   X O4    1 
ATOM   277  C  C5    . U   A 1 13 ? -8.806  -1.225  -10.488 1.00 67.14  ? 17  U   X C5    1 
ATOM   278  C  C6    . U   A 1 13 ? -9.323  -1.926  -11.496 1.00 69.47  ? 17  U   X C6    1 
ATOM   279  P  P     . A   A 1 14 ? -12.111 -0.082  -16.026 1.00 78.61  ? 18  A   X P     1 
ATOM   280  O  OP1   . A   A 1 14 ? -12.692 -0.113  -17.391 1.00 78.27  ? 18  A   X OP1   1 
ATOM   281  O  OP2   . A   A 1 14 ? -11.009 0.862   -15.680 1.00 67.05  ? 18  A   X OP2   1 
ATOM   282  O  "O5'" . A   A 1 14 ? -13.294 0.190   -15.008 1.00 72.36  ? 18  A   X "O5'" 1 
ATOM   283  C  "C5'" . A   A 1 14 ? -14.593 -0.292  -15.287 1.00 75.43  ? 18  A   X "C5'" 1 
ATOM   284  C  "C4'" . A   A 1 14 ? -15.568 0.180   -14.247 1.00 78.07  ? 18  A   X "C4'" 1 
ATOM   285  O  "O4'" . A   A 1 14 ? -15.214 -0.412  -12.964 1.00 73.70  ? 18  A   X "O4'" 1 
ATOM   286  C  "C3'" . A   A 1 14 ? -15.584 1.680   -13.961 1.00 72.25  ? 18  A   X "C3'" 1 
ATOM   287  O  "O3'" . A   A 1 14 ? -16.313 2.449   -14.916 1.00 78.53  ? 18  A   X "O3'" 1 
ATOM   288  C  "C2'" . A   A 1 14 ? -16.162 1.719   -12.556 1.00 73.99  ? 18  A   X "C2'" 1 
ATOM   289  O  "O2'" . A   A 1 14 ? -17.551 1.419   -12.587 1.00 74.72  ? 18  A   X "O2'" 1 
ATOM   290  C  "C1'" . A   A 1 14 ? -15.456 0.516   -11.928 1.00 73.51  ? 18  A   X "C1'" 1 
ATOM   291  N  N9    . A   A 1 14 ? -14.163 0.896   -11.342 1.00 67.95  ? 18  A   X N9    1 
ATOM   292  C  C8    . A   A 1 14 ? -12.917 0.865   -11.915 1.00 71.74  ? 18  A   X C8    1 
ATOM   293  N  N7    . A   A 1 14 ? -11.963 1.298   -11.119 1.00 70.18  ? 18  A   X N7    1 
ATOM   294  C  C5    . A   A 1 14 ? -12.632 1.639   -9.950  1.00 66.55  ? 18  A   X C5    1 
ATOM   295  C  C6    . A   A 1 14 ? -12.195 2.151   -8.720  1.00 62.85  ? 18  A   X C6    1 
ATOM   296  N  N6    . A   A 1 14 ? -10.922 2.420   -8.421  1.00 64.78  ? 18  A   X N6    1 
ATOM   297  N  N1    . A   A 1 14 ? -13.133 2.383   -7.783  1.00 65.50  ? 18  A   X N1    1 
ATOM   298  C  C2    . A   A 1 14 ? -14.415 2.102   -8.056  1.00 67.95  ? 18  A   X C2    1 
ATOM   299  N  N3    . A   A 1 14 ? -14.956 1.616   -9.171  1.00 66.10  ? 18  A   X N3    1 
ATOM   300  C  C4    . A   A 1 14 ? -13.993 1.406   -10.084 1.00 68.62  ? 18  A   X C4    1 
ATOM   301  P  P     . A   A 1 15 ? -15.870 3.960   -15.294 1.00 76.21  ? 19  A   X P     1 
ATOM   302  O  OP1   . A   A 1 15 ? -17.040 4.601   -15.932 1.00 84.42  ? 19  A   X OP1   1 
ATOM   303  O  OP2   . A   A 1 15 ? -14.571 3.964   -16.019 1.00 79.59  ? 19  A   X OP2   1 
ATOM   304  O  "O5'" . A   A 1 15 ? -15.578 4.659   -13.893 1.00 76.32  ? 19  A   X "O5'" 1 
ATOM   305  C  "C5'" . A   A 1 15 ? -16.098 5.936   -13.562 1.00 73.18  ? 19  A   X "C5'" 1 
ATOM   306  C  "C4'" . A   A 1 15 ? -16.636 5.943   -12.152 1.00 75.45  ? 19  A   X "C4'" 1 
ATOM   307  O  "O4'" . A   A 1 15 ? -16.060 4.839   -11.397 1.00 74.58  ? 19  A   X "O4'" 1 
ATOM   308  C  "C3'" . A   A 1 15 ? -16.308 7.175   -11.327 1.00 75.80  ? 19  A   X "C3'" 1 
ATOM   309  O  "O3'" . A   A 1 15 ? -17.195 8.250   -11.567 1.00 75.51  ? 19  A   X "O3'" 1 
ATOM   310  C  "C2'" . A   A 1 15 ? -16.358 6.650   -9.898  1.00 73.16  ? 19  A   X "C2'" 1 
ATOM   311  O  "O2'" . A   A 1 15 ? -17.698 6.528   -9.449  1.00 73.34  ? 19  A   X "O2'" 1 
ATOM   312  C  "C1'" . A   A 1 15 ? -15.780 5.251   -10.075 1.00 71.62  ? 19  A   X "C1'" 1 
ATOM   313  N  N9    . A   A 1 15 ? -14.319 5.254   -9.898  1.00 68.70  ? 19  A   X N9    1 
ATOM   314  C  C8    . A   A 1 15 ? -13.371 4.944   -10.839 1.00 69.05  ? 19  A   X C8    1 
ATOM   315  N  N7    . A   A 1 15 ? -12.143 5.040   -10.395 1.00 69.93  ? 19  A   X N7    1 
ATOM   316  C  C5    . A   A 1 15 ? -12.296 5.448   -9.080  1.00 67.69  ? 19  A   X C5    1 
ATOM   317  C  C6    . A   A 1 15 ? -11.361 5.732   -8.078  1.00 70.84  ? 19  A   X C6    1 
ATOM   318  N  N6    . A   A 1 15 ? -10.039 5.637   -8.252  1.00 71.10  ? 19  A   X N6    1 
ATOM   319  N  N1    . A   A 1 15 ? -11.840 6.125   -6.880  1.00 72.52  ? 19  A   X N1    1 
ATOM   320  C  C2    . A   A 1 15 ? -13.165 6.207   -6.719  1.00 70.72  ? 19  A   X C2    1 
ATOM   321  N  N3    . A   A 1 15 ? -14.142 5.965   -7.584  1.00 67.13  ? 19  A   X N3    1 
ATOM   322  C  C4    . A   A 1 15 ? -13.630 5.586   -8.761  1.00 65.97  ? 19  A   X C4    1 
ATOM   323  P  P     . U   A 1 16 ? -16.647 9.752   -11.529 1.00 79.41  ? 20  U   X P     1 
ATOM   324  O  OP1   . U   A 1 16 ? -17.803 10.657  -11.753 1.00 82.37  ? 20  U   X OP1   1 
ATOM   325  O  OP2   . U   A 1 16 ? -15.400 9.830   -12.343 1.00 78.48  ? 20  U   X OP2   1 
ATOM   326  O  "O5'" . U   A 1 16 ? -16.175 9.953   -10.029 1.00 77.71  ? 20  U   X "O5'" 1 
ATOM   327  C  "C5'" . U   A 1 16 ? -17.090 9.907   -8.951  1.00 75.45  ? 20  U   X "C5'" 1 
ATOM   328  C  "C4'" . U   A 1 16 ? -16.372 10.273  -7.688  1.00 78.40  ? 20  U   X "C4'" 1 
ATOM   329  O  "O4'" . U   A 1 16 ? -15.432 9.215   -7.346  1.00 80.26  ? 20  U   X "O4'" 1 
ATOM   330  C  "C3'" . U   A 1 16 ? -15.504 11.513  -7.805  1.00 76.40  ? 20  U   X "C3'" 1 
ATOM   331  O  "O3'" . U   A 1 16 ? -16.237 12.707  -7.633  1.00 79.68  ? 20  U   X "O3'" 1 
ATOM   332  C  "C2'" . U   A 1 16 ? -14.451 11.288  -6.735  1.00 75.05  ? 20  U   X "C2'" 1 
ATOM   333  O  "O2'" . U   A 1 16 ? -14.977 11.594  -5.454  1.00 81.27  ? 20  U   X "O2'" 1 
ATOM   334  C  "C1'" . U   A 1 16 ? -14.242 9.777   -6.831  1.00 81.33  ? 20  U   X "C1'" 1 
ATOM   335  N  N1    . U   A 1 16 ? -13.114 9.456   -7.735  1.00 76.31  ? 20  U   X N1    1 
ATOM   336  C  C2    . U   A 1 16 ? -11.865 9.549   -7.172  1.00 75.77  ? 20  U   X C2    1 
ATOM   337  O  O2    . U   A 1 16 ? -11.715 9.857   -6.002  1.00 76.72  ? 20  U   X O2    1 
ATOM   338  N  N3    . U   A 1 16 ? -10.818 9.267   -8.015  1.00 74.63  ? 20  U   X N3    1 
ATOM   339  C  C4    . U   A 1 16 ? -10.889 8.913   -9.344  1.00 73.29  ? 20  U   X C4    1 
ATOM   340  O  O4    . U   A 1 16 ? -9.848  8.693   -9.976  1.00 69.11  ? 20  U   X O4    1 
ATOM   341  C  C5    . U   A 1 16 ? -12.222 8.853   -9.857  1.00 74.32  ? 20  U   X C5    1 
ATOM   342  C  C6    . U   A 1 16 ? -13.265 9.124   -9.060  1.00 74.59  ? 20  U   X C6    1 
ATOM   343  P  P     . G   A 1 17 ? -15.724 14.083  -8.282  1.00 82.70  ? 21  G   X P     1 
ATOM   344  O  OP1   . G   A 1 17 ? -16.775 15.055  -7.914  1.00 86.58  ? 21  G   X OP1   1 
ATOM   345  O  OP2   . G   A 1 17 ? -15.336 13.920  -9.710  1.00 82.11  ? 21  G   X OP2   1 
ATOM   346  O  "O5'" . G   A 1 17 ? -14.383 14.433  -7.500  1.00 78.06  ? 21  G   X "O5'" 1 
ATOM   347  C  "C5'" . G   A 1 17 ? -14.387 14.732  -6.112  1.00 79.63  ? 21  G   X "C5'" 1 
ATOM   348  C  "C4'" . G   A 1 17 ? -12.987 15.000  -5.616  1.00 82.99  ? 21  G   X "C4'" 1 
ATOM   349  O  "O4'" . G   A 1 17 ? -12.201 13.780  -5.661  1.00 83.57  ? 21  G   X "O4'" 1 
ATOM   350  C  "C3'" . G   A 1 17 ? -12.174 15.993  -6.434  1.00 77.82  ? 21  G   X "C3'" 1 
ATOM   351  O  "O3'" . G   A 1 17 ? -12.476 17.337  -6.099  1.00 81.06  ? 21  G   X "O3'" 1 
ATOM   352  C  "C2'" . G   A 1 17 ? -10.739 15.603  -6.111  1.00 80.87  ? 21  G   X "C2'" 1 
ATOM   353  O  "O2'" . G   A 1 17 ? -10.353 16.149  -4.864  1.00 85.69  ? 21  G   X "O2'" 1 
ATOM   354  C  "C1'" . G   A 1 17 ? -10.853 14.084  -5.953  1.00 83.93  ? 21  G   X "C1'" 1 
ATOM   355  N  N9    . G   A 1 17 ? -10.453 13.360  -7.174  1.00 81.06  ? 21  G   X N9    1 
ATOM   356  C  C8    . G   A 1 17 ? -11.299 12.812  -8.096  1.00 78.73  ? 21  G   X C8    1 
ATOM   357  N  N7    . G   A 1 17 ? -10.681 12.235  -9.087  1.00 80.63  ? 21  G   X N7    1 
ATOM   358  C  C5    . G   A 1 17 ? -9.338  12.406  -8.808  1.00 80.96  ? 21  G   X C5    1 
ATOM   359  C  C6    . G   A 1 17 ? -8.201  11.976  -9.539  1.00 80.97  ? 21  G   X C6    1 
ATOM   360  O  O6    . G   A 1 17 ? -8.171  11.349  -10.611 1.00 75.92  ? 21  G   X O6    1 
ATOM   361  N  N1    . G   A 1 17 ? -7.025  12.358  -8.898  1.00 85.15  ? 21  G   X N1    1 
ATOM   362  C  C2    . G   A 1 17 ? -6.964  13.061  -7.712  1.00 86.50  ? 21  G   X C2    1 
ATOM   363  N  N2    . G   A 1 17 ? -5.737  13.344  -7.251  1.00 88.96  ? 21  G   X N2    1 
ATOM   364  N  N3    . G   A 1 17 ? -8.020  13.467  -7.023  1.00 85.55  ? 21  G   X N3    1 
ATOM   365  C  C4    . G   A 1 17 ? -9.174  13.107  -7.627  1.00 84.19  ? 21  G   X C4    1 
ATOM   366  P  P     . A   A 1 18 ? -12.052 18.542  -7.079  1.00 83.02  ? 22  A   X P     1 
ATOM   367  O  OP1   . A   A 1 18 ? -12.812 19.737  -6.637  1.00 90.85  ? 22  A   X OP1   1 
ATOM   368  O  OP2   . A   A 1 18 ? -12.113 18.078  -8.485  1.00 83.74  ? 22  A   X OP2   1 
ATOM   369  O  "O5'" . A   A 1 18 ? -10.516 18.810  -6.766  1.00 82.46  ? 22  A   X "O5'" 1 
ATOM   370  C  "C5'" . A   A 1 18 ? -10.121 19.390  -5.535  1.00 87.07  ? 22  A   X "C5'" 1 
ATOM   371  C  "C4'" . A   A 1 18 ? -8.639  19.230  -5.273  1.00 93.98  ? 22  A   X "C4'" 1 
ATOM   372  O  "O4'" . A   A 1 18 ? -8.216  17.855  -5.468  1.00 89.16  ? 22  A   X "O4'" 1 
ATOM   373  C  "C3'" . A   A 1 18 ? -7.692  20.023  -6.159  1.00 93.78  ? 22  A   X "C3'" 1 
ATOM   374  O  "O3'" . A   A 1 18 ? -7.623  21.387  -5.795  1.00 93.79  ? 22  A   X "O3'" 1 
ATOM   375  C  "C2'" . A   A 1 18 ? -6.377  19.279  -5.968  1.00 92.63  ? 22  A   X "C2'" 1 
ATOM   376  O  "O2'" . A   A 1 18 ? -5.789  19.629  -4.725  1.00 92.86  ? 22  A   X "O2'" 1 
ATOM   377  C  "C1'" . A   A 1 18 ? -6.860  17.831  -5.871  1.00 91.79  ? 22  A   X "C1'" 1 
ATOM   378  N  N9    . A   A 1 18 ? -6.743  17.111  -7.151  1.00 91.09  ? 22  A   X N9    1 
ATOM   379  C  C8    . A   A 1 18 ? -7.720  16.800  -8.060  1.00 87.29  ? 22  A   X C8    1 
ATOM   380  N  N7    . A   A 1 18 ? -7.271  16.134  -9.097  1.00 89.85  ? 22  A   X N7    1 
ATOM   381  C  C5    . A   A 1 18 ? -5.912  15.995  -8.851  1.00 90.00  ? 22  A   X C5    1 
ATOM   382  C  C6    . A   A 1 18 ? -4.864  15.389  -9.565  1.00 91.64  ? 22  A   X C6    1 
ATOM   383  N  N6    . A   A 1 18 ? -5.002  14.765  -10.732 1.00 94.37  ? 22  A   X N6    1 
ATOM   384  N  N1    . A   A 1 18 ? -3.628  15.447  -9.035  1.00 96.01  ? 22  A   X N1    1 
ATOM   385  C  C2    . A   A 1 18 ? -3.455  16.066  -7.862  1.00 93.56  ? 22  A   X C2    1 
ATOM   386  N  N3    . A   A 1 18 ? -4.360  16.671  -7.098  1.00 93.90  ? 22  A   X N3    1 
ATOM   387  C  C4    . A   A 1 18 ? -5.578  16.598  -7.658  1.00 92.39  ? 22  A   X C4    1 
ATOM   388  P  P     . U   A 1 19 ? -7.369  22.509  -6.912  1.00 91.86  ? 23  U   X P     1 
ATOM   389  O  OP1   . U   A 1 19 ? -7.594  23.812  -6.233  1.00 87.53  ? 23  U   X OP1   1 
ATOM   390  O  OP2   . U   A 1 19 ? -8.149  22.180  -8.132  1.00 93.53  ? 23  U   X OP2   1 
ATOM   391  O  "O5'" . U   A 1 19 ? -5.824  22.340  -7.260  1.00 96.93  ? 23  U   X "O5'" 1 
ATOM   392  C  "C5'" . U   A 1 19 ? -4.845  22.364  -6.226  1.00 97.44  ? 23  U   X "C5'" 1 
ATOM   393  C  "C4'" . U   A 1 19 ? -3.498  21.883  -6.704  1.00 96.52  ? 23  U   X "C4'" 1 
ATOM   394  O  "O4'" . U   A 1 19 ? -3.635  20.561  -7.296  1.00 92.92  ? 23  U   X "O4'" 1 
ATOM   395  C  "C3'" . U   A 1 19 ? -2.830  22.768  -7.758  1.00 94.84  ? 23  U   X "C3'" 1 
ATOM   396  O  "O3'" . U   A 1 19 ? -1.433  22.865  -7.506  1.00 100.53 ? 23  U   X "O3'" 1 
ATOM   397  C  "C2'" . U   A 1 19 ? -3.057  22.002  -9.058  1.00 95.26  ? 23  U   X "C2'" 1 
ATOM   398  O  "O2'" . U   A 1 19 ? -2.064  22.203  -10.037 1.00 97.10  ? 23  U   X "O2'" 1 
ATOM   399  C  "C1'" . U   A 1 19 ? -3.061  20.553  -8.586  1.00 95.37  ? 23  U   X "C1'" 1 
ATOM   400  N  N1    . U   A 1 19 ? -3.867  19.698  -9.462  1.00 95.01  ? 23  U   X N1    1 
ATOM   401  C  C2    . U   A 1 19 ? -3.192  18.845  -10.310 1.00 96.79  ? 23  U   X C2    1 
ATOM   402  O  O2    . U   A 1 19 ? -1.979  18.757  -10.325 1.00 97.93  ? 23  U   X O2    1 
ATOM   403  N  N3    . U   A 1 19 ? -3.989  18.091  -11.130 1.00 95.78  ? 23  U   X N3    1 
ATOM   404  C  C4    . U   A 1 19 ? -5.363  18.123  -11.185 1.00 96.43  ? 23  U   X C4    1 
ATOM   405  O  O4    . U   A 1 19 ? -5.945  17.379  -11.972 1.00 98.89  ? 23  U   X O4    1 
ATOM   406  C  C5    . U   A 1 19 ? -5.987  19.042  -10.285 1.00 93.94  ? 23  U   X C5    1 
ATOM   407  C  C6    . U   A 1 19 ? -5.236  19.793  -9.477  1.00 93.65  ? 23  U   X C6    1 
ATOM   408  P  P     . A   A 1 20 ? -0.787  24.269  -7.064  1.00 96.63  ? 24  A   X P     1 
ATOM   409  O  OP1   . A   A 1 20 ? -1.600  24.798  -5.930  1.00 83.97  ? 24  A   X OP1   1 
ATOM   410  O  OP2   . A   A 1 20 ? -0.576  25.095  -8.290  1.00 101.17 ? 24  A   X OP2   1 
ATOM   411  O  "O5'" . A   A 1 20 ? 0.638   23.841  -6.503  1.00 97.46  ? 24  A   X "O5'" 1 
ATOM   412  C  "C5'" . A   A 1 20 ? 0.746   22.737  -5.612  1.00 95.67  ? 24  A   X "C5'" 1 
ATOM   413  C  "C4'" . A   A 1 20 ? 2.134   22.148  -5.601  1.00 95.47  ? 24  A   X "C4'" 1 
ATOM   414  O  "O4'" . A   A 1 20 ? 2.309   21.271  -6.743  1.00 93.57  ? 24  A   X "O4'" 1 
ATOM   415  C  "C3'" . A   A 1 20 ? 3.288   23.154  -5.650  1.00 99.31  ? 24  A   X "C3'" 1 
ATOM   416  O  "O3'" . A   A 1 20 ? 4.332   22.707  -4.788  1.00 99.02  ? 24  A   X "O3'" 1 
ATOM   417  C  "C2'" . A   A 1 20 ? 3.758   23.072  -7.093  1.00 96.74  ? 24  A   X "C2'" 1 
ATOM   418  O  "O2'" . A   A 1 20 ? 5.114   23.421  -7.284  1.00 95.61  ? 24  A   X "O2'" 1 
ATOM   419  C  "C1'" . A   A 1 20 ? 3.503   21.607  -7.412  1.00 94.88  ? 24  A   X "C1'" 1 
ATOM   420  N  N9    . A   A 1 20 ? 3.312   21.344  -8.828  1.00 93.27  ? 24  A   X N9    1 
ATOM   421  C  C8    . A   A 1 20 ? 2.148   21.354  -9.539  1.00 94.26  ? 24  A   X C8    1 
ATOM   422  N  N7    . A   A 1 20 ? 2.331   21.071  -10.804 1.00 96.58  ? 24  A   X N7    1 
ATOM   423  C  C5    . A   A 1 20 ? 3.697   20.861  -10.913 1.00 95.24  ? 24  A   X C5    1 
ATOM   424  C  C6    . A   A 1 20 ? 4.528   20.524  -11.994 1.00 96.63  ? 24  A   X C6    1 
ATOM   425  N  N6    . A   A 1 20 ? 4.074   20.330  -13.236 1.00 97.73  ? 24  A   X N6    1 
ATOM   426  N  N1    . A   A 1 20 ? 5.854   20.393  -11.750 1.00 96.41  ? 24  A   X N1    1 
ATOM   427  C  C2    . A   A 1 20 ? 6.300   20.590  -10.503 1.00 95.00  ? 24  A   X C2    1 
ATOM   428  N  N3    . A   A 1 20 ? 5.616   20.905  -9.407  1.00 93.41  ? 24  A   X N3    1 
ATOM   429  C  C4    . A   A 1 20 ? 4.313   21.023  -9.692  1.00 94.10  ? 24  A   X C4    1 
ATOM   430  P  P     . U   A 1 21 ? 4.753   23.575  -3.503  1.00 107.00 ? 25  U   X P     1 
ATOM   431  O  OP1   . U   A 1 21 ? 5.795   24.552  -3.932  1.00 97.16  ? 25  U   X OP1   1 
ATOM   432  O  OP2   . U   A 1 21 ? 5.018   22.576  -2.422  1.00 101.02 ? 25  U   X OP2   1 
ATOM   433  O  "O5'" . U   A 1 21 ? 3.462   24.448  -3.151  1.00 104.57 ? 25  U   X "O5'" 1 
ATOM   434  C  "C5'" . U   A 1 21 ? 2.281   23.850  -2.639  1.00 103.26 ? 25  U   X "C5'" 1 
ATOM   435  C  "C4'" . U   A 1 21 ? 2.341   23.723  -1.150  1.00 107.38 ? 25  U   X "C4'" 1 
ATOM   436  O  "O4'" . U   A 1 21 ? 2.584   25.032  -0.590  1.00 106.52 ? 25  U   X "O4'" 1 
ATOM   437  C  "C3'" . U   A 1 21 ? 1.064   23.217  -0.486  1.00 108.99 ? 25  U   X "C3'" 1 
ATOM   438  O  "O3'" . U   A 1 21 ? 1.072   21.790  -0.406  1.00 105.84 ? 25  U   X "O3'" 1 
ATOM   439  C  "C2'" . U   A 1 21 ? 1.070   23.910  0.874   1.00 110.35 ? 25  U   X "C2'" 1 
ATOM   440  O  "O2'" . U   A 1 21 ? 1.804   23.137  1.816   1.00 107.96 ? 25  U   X "O2'" 1 
ATOM   441  C  "C1'" . U   A 1 21 ? 1.846   25.208  0.587   1.00 109.70 ? 25  U   X "C1'" 1 
ATOM   442  N  N1    . U   A 1 21 ? 1.024   26.426  0.399   1.00 111.39 ? 25  U   X N1    1 
ATOM   443  C  C2    . U   A 1 21 ? 0.088   26.856  1.328   1.00 115.10 ? 25  U   X C2    1 
ATOM   444  O  O2    . U   A 1 21 ? -0.207  26.262  2.355   1.00 113.98 ? 25  U   X O2    1 
ATOM   445  N  N3    . U   A 1 21 ? -0.537  28.032  0.985   1.00 118.80 ? 25  U   X N3    1 
ATOM   446  C  C4    . U   A 1 21 ? -0.321  28.812  -0.133  1.00 115.64 ? 25  U   X C4    1 
ATOM   447  O  O4    . U   A 1 21 ? -0.982  29.841  -0.281  1.00 116.12 ? 25  U   X O4    1 
ATOM   448  C  C5    . U   A 1 21 ? 0.681   28.316  -1.028  1.00 111.68 ? 25  U   X C5    1 
ATOM   449  C  C6    . U   A 1 21 ? 1.303   27.177  -0.724  1.00 110.51 ? 25  U   X C6    1 
ATOM   450  P  P     . G   A 1 22 ? -0.153  20.940  0.211   1.00 104.38 ? 26  G   X P     1 
ATOM   451  O  OP1   . G   A 1 22 ? -1.205  21.847  0.732   1.00 103.04 ? 26  G   X OP1   1 
ATOM   452  O  OP2   . G   A 1 22 ? 0.414   19.873  1.084   1.00 97.94  ? 26  G   X OP2   1 
ATOM   453  O  "O5'" . G   A 1 22 ? -0.792  20.220  -1.053  1.00 100.51 ? 26  G   X "O5'" 1 
ATOM   454  C  "C5'" . G   A 1 22 ? -2.167  20.406  -1.354  1.00 102.75 ? 26  G   X "C5'" 1 
ATOM   455  C  "C4'" . G   A 1 22 ? -2.551  19.768  -2.665  1.00 99.61  ? 26  G   X "C4'" 1 
ATOM   456  O  "O4'" . G   A 1 22 ? -1.746  20.321  -3.740  1.00 100.04 ? 26  G   X "O4'" 1 
ATOM   457  C  "C3'" . G   A 1 22 ? -2.323  18.269  -2.768  1.00 98.47  ? 26  G   X "C3'" 1 
ATOM   458  O  "O3'" . G   A 1 22 ? -3.340  17.499  -2.153  1.00 94.30  ? 26  G   X "O3'" 1 
ATOM   459  C  "C2'" . G   A 1 22 ? -2.218  18.061  -4.269  1.00 97.78  ? 26  G   X "C2'" 1 
ATOM   460  O  "O2'" . G   A 1 22 ? -3.508  18.098  -4.862  1.00 99.18  ? 26  G   X "O2'" 1 
ATOM   461  C  "C1'" . G   A 1 22 ? -1.455  19.315  -4.687  1.00 94.60  ? 26  G   X "C1'" 1 
ATOM   462  N  N9    . G   A 1 22 ? 0.002   19.090  -4.687  1.00 92.82  ? 26  G   X N9    1 
ATOM   463  C  C8    . G   A 1 22 ? 0.877   19.273  -3.647  1.00 94.62  ? 26  G   X C8    1 
ATOM   464  N  N7    . G   A 1 22 ? 2.108   18.976  -3.961  1.00 93.94  ? 26  G   X N7    1 
ATOM   465  C  C5    . G   A 1 22 ? 2.036   18.576  -5.285  1.00 91.06  ? 26  G   X C5    1 
ATOM   466  C  C6    . G   A 1 22 ? 3.049   18.143  -6.171  1.00 93.38  ? 26  G   X C6    1 
ATOM   467  O  O6    . G   A 1 22 ? 4.260   18.018  -5.964  1.00 95.91  ? 26  G   X O6    1 
ATOM   468  N  N1    . G   A 1 22 ? 2.538   17.831  -7.418  1.00 91.55  ? 26  G   X N1    1 
ATOM   469  C  C2    . G   A 1 22 ? 1.222   17.930  -7.768  1.00 91.26  ? 26  G   X C2    1 
ATOM   470  N  N2    . G   A 1 22 ? 0.921   17.587  -9.024  1.00 93.65  ? 26  G   X N2    1 
ATOM   471  N  N3    . G   A 1 22 ? 0.266   18.335  -6.960  1.00 92.33  ? 26  G   X N3    1 
ATOM   472  C  C4    . G   A 1 22 ? 0.746   18.639  -5.743  1.00 91.08  ? 26  G   X C4    1 
ATOM   473  P  P     . G   A 1 23 ? -2.928  16.218  -1.283  1.00 93.51  ? 27  G   X P     1 
ATOM   474  O  OP1   . G   A 1 23 ? -4.102  15.756  -0.510  1.00 95.17  ? 27  G   X OP1   1 
ATOM   475  O  OP2   . G   A 1 23 ? -1.686  16.589  -0.563  1.00 97.73  ? 27  G   X OP2   1 
ATOM   476  O  "O5'" . G   A 1 23 ? -2.557  15.121  -2.376  1.00 94.05  ? 27  G   X "O5'" 1 
ATOM   477  C  "C5'" . G   A 1 23 ? -3.488  14.781  -3.389  1.00 92.71  ? 27  G   X "C5'" 1 
ATOM   478  C  "C4'" . G   A 1 23 ? -2.831  14.173  -4.603  1.00 91.32  ? 27  G   X "C4'" 1 
ATOM   479  O  "O4'" . G   A 1 23 ? -1.882  15.095  -5.189  1.00 92.48  ? 27  G   X "O4'" 1 
ATOM   480  C  "C3'" . G   A 1 23 ? -2.007  12.918  -4.390  1.00 90.28  ? 27  G   X "C3'" 1 
ATOM   481  O  "O3'" . G   A 1 23 ? -2.780  11.752  -4.187  1.00 83.23  ? 27  G   X "O3'" 1 
ATOM   482  C  "C2'" . G   A 1 23 ? -1.160  12.883  -5.652  1.00 92.39  ? 27  G   X "C2'" 1 
ATOM   483  O  "O2'" . G   A 1 23 ? -1.926  12.445  -6.765  1.00 93.51  ? 27  G   X "O2'" 1 
ATOM   484  C  "C1'" . G   A 1 23 ? -0.854  14.367  -5.834  1.00 92.36  ? 27  G   X "C1'" 1 
ATOM   485  N  N9    . G   A 1 23 ? 0.447   14.706  -5.232  1.00 93.58  ? 27  G   X N9    1 
ATOM   486  C  C8    . G   A 1 23 ? 0.752   14.953  -3.916  1.00 92.30  ? 27  G   X C8    1 
ATOM   487  N  N7    . G   A 1 23 ? 2.023   15.191  -3.729  1.00 91.33  ? 27  G   X N7    1 
ATOM   488  C  C5    . G   A 1 23 ? 2.583   15.080  -4.995  1.00 92.04  ? 27  G   X C5    1 
ATOM   489  C  C6    . G   A 1 23 ? 3.924   15.219  -5.430  1.00 89.80  ? 27  G   X C6    1 
ATOM   490  O  O6    . G   A 1 23 ? 4.927   15.499  -4.759  1.00 89.49  ? 27  G   X O6    1 
ATOM   491  N  N1    . G   A 1 23 ? 4.036   15.021  -6.802  1.00 90.83  ? 27  G   X N1    1 
ATOM   492  C  C2    . G   A 1 23 ? 3.000   14.721  -7.649  1.00 92.05  ? 27  G   X C2    1 
ATOM   493  N  N2    . G   A 1 23 ? 3.299   14.562  -8.945  1.00 88.53  ? 27  G   X N2    1 
ATOM   494  N  N3    . G   A 1 23 ? 1.752   14.578  -7.255  1.00 93.29  ? 27  G   X N3    1 
ATOM   495  C  C4    . G   A 1 23 ? 1.623   14.770  -5.927  1.00 93.76  ? 27  G   X C4    1 
ATOM   496  P  P     . U   A 1 24 ? -2.400  10.764  -2.984  1.00 90.96  ? 28  U   X P     1 
ATOM   497  O  OP1   . U   A 1 24 ? -1.225  11.358  -2.298  1.00 84.59  ? 28  U   X OP1   1 
ATOM   498  O  OP2   . U   A 1 24 ? -2.359  9.359   -3.491  1.00 83.30  ? 28  U   X OP2   1 
ATOM   499  O  "O5'" . U   A 1 24 ? -3.649  10.834  -1.998  1.00 87.86  ? 28  U   X "O5'" 1 
ATOM   500  C  "C5'" . U   A 1 24 ? -3.862  11.937  -1.128  1.00 87.65  ? 28  U   X "C5'" 1 
ATOM   501  C  "C4'" . U   A 1 24 ? -5.338  12.194  -0.923  1.00 87.25  ? 28  U   X "C4'" 1 
ATOM   502  O  "O4'" . U   A 1 24 ? -5.906  12.734  -2.146  1.00 92.05  ? 28  U   X "O4'" 1 
ATOM   503  C  "C3'" . U   A 1 24 ? -6.210  10.979  -0.620  1.00 89.16  ? 28  U   X "C3'" 1 
ATOM   504  O  "O3'" . U   A 1 24 ? -6.178  10.565  0.739   1.00 89.24  ? 28  U   X "O3'" 1 
ATOM   505  C  "C2'" . U   A 1 24 ? -7.589  11.440  -1.071  1.00 86.57  ? 28  U   X "C2'" 1 
ATOM   506  O  "O2'" . U   A 1 24 ? -8.172  12.288  -0.091  1.00 83.43  ? 28  U   X "O2'" 1 
ATOM   507  C  "C1'" . U   A 1 24 ? -7.240  12.284  -2.300  1.00 88.69  ? 28  U   X "C1'" 1 
ATOM   508  N  N1    . U   A 1 24 ? -7.362  11.510  -3.564  1.00 84.50  ? 28  U   X N1    1 
ATOM   509  C  C2    . U   A 1 24 ? -8.640  11.279  -4.032  1.00 85.74  ? 28  U   X C2    1 
ATOM   510  O  O2    . U   A 1 24 ? -9.637  11.676  -3.459  1.00 90.17  ? 28  U   X O2    1 
ATOM   511  N  N3    . U   A 1 24 ? -8.729  10.566  -5.198  1.00 84.70  ? 28  U   X N3    1 
ATOM   512  C  C4    . U   A 1 24 ? -7.693  10.064  -5.938  1.00 83.90  ? 28  U   X C4    1 
ATOM   513  O  O4    . U   A 1 24 ? -7.955  9.438   -6.965  1.00 83.95  ? 28  U   X O4    1 
ATOM   514  C  C5    . U   A 1 24 ? -6.397  10.347  -5.407  1.00 81.63  ? 28  U   X C5    1 
ATOM   515  C  C6    . U   A 1 24 ? -6.279  11.042  -4.271  1.00 82.24  ? 28  U   X C6    1 
ATOM   516  P  P     . U   A 1 25 ? -6.421  9.018   1.129   1.00 90.29  ? 29  U   X P     1 
ATOM   517  O  OP1   . U   A 1 25 ? -6.286  8.935   2.603   1.00 89.19  ? 29  U   X OP1   1 
ATOM   518  O  OP2   . U   A 1 25 ? -5.555  8.174   0.266   1.00 86.49  ? 29  U   X OP2   1 
ATOM   519  O  "O5'" . U   A 1 25 ? -7.948  8.720   0.748   1.00 87.70  ? 29  U   X "O5'" 1 
ATOM   520  C  "C5'" . U   A 1 25 ? -9.006  8.995   1.659   1.00 82.92  ? 29  U   X "C5'" 1 
ATOM   521  C  "C4'" . U   A 1 25 ? -10.362 8.959   0.991   1.00 83.37  ? 29  U   X "C4'" 1 
ATOM   522  O  "O4'" . U   A 1 25 ? -10.294 9.604   -0.309  1.00 89.07  ? 29  U   X "O4'" 1 
ATOM   523  C  "C3'" . U   A 1 25 ? -10.936 7.591   0.671   1.00 84.38  ? 29  U   X "C3'" 1 
ATOM   524  O  "O3'" . U   A 1 25 ? -11.483 6.919   1.789   1.00 82.09  ? 29  U   X "O3'" 1 
ATOM   525  C  "C2'" . U   A 1 25 ? -11.954 7.917   -0.412  1.00 83.92  ? 29  U   X "C2'" 1 
ATOM   526  O  "O2'" . U   A 1 25 ? -13.116 8.522   0.140   1.00 86.11  ? 29  U   X "O2'" 1 
ATOM   527  C  "C1'" . U   A 1 25 ? -11.202 8.985   -1.199  1.00 82.95  ? 29  U   X "C1'" 1 
ATOM   528  N  N1    . U   A 1 25 ? -10.454 8.398   -2.334  1.00 83.24  ? 29  U   X N1    1 
ATOM   529  C  C2    . U   A 1 25 ? -11.201 8.008   -3.427  1.00 81.97  ? 29  U   X C2    1 
ATOM   530  O  O2    . U   A 1 25 ? -12.411 8.149   -3.474  1.00 82.58  ? 29  U   X O2    1 
ATOM   531  N  N3    . U   A 1 25 ? -10.489 7.458   -4.460  1.00 78.08  ? 29  U   X N3    1 
ATOM   532  C  C4    . U   A 1 25 ? -9.127  7.264   -4.507  1.00 77.91  ? 29  U   X C4    1 
ATOM   533  O  O4    . U   A 1 25 ? -8.634  6.761   -5.510  1.00 76.41  ? 29  U   X O4    1 
ATOM   534  C  C5    . U   A 1 25 ? -8.417  7.685   -3.345  1.00 79.35  ? 29  U   X C5    1 
ATOM   535  C  C6    . U   A 1 25 ? -9.091  8.223   -2.324  1.00 84.53  ? 29  U   X C6    1 
ATOM   536  P  P     . U   A 1 26 ? -11.387 5.317   1.872   1.00 89.28  ? 30  U   X P     1 
ATOM   537  O  OP1   . U   A 1 26 ? -11.689 4.939   3.272   1.00 87.32  ? 30  U   X OP1   1 
ATOM   538  O  OP2   . U   A 1 26 ? -10.116 4.892   1.233   1.00 85.28  ? 30  U   X OP2   1 
ATOM   539  O  "O5'" . U   A 1 26 ? -12.604 4.800   0.984   1.00 79.48  ? 30  U   X "O5'" 1 
ATOM   540  C  "C5'" . U   A 1 26 ? -13.930 5.162   1.334   1.00 79.85  ? 30  U   X "C5'" 1 
ATOM   541  C  "C4'" . U   A 1 26 ? -14.923 4.754   0.279   1.00 79.98  ? 30  U   X "C4'" 1 
ATOM   542  O  "O4'" . U   A 1 26 ? -14.630 5.432   -0.969  1.00 82.37  ? 30  U   X "O4'" 1 
ATOM   543  C  "C3'" . U   A 1 26 ? -14.918 3.286   -0.101  1.00 83.38  ? 30  U   X "C3'" 1 
ATOM   544  O  "O3'" . U   A 1 26 ? -15.584 2.456   0.833   1.00 82.72  ? 30  U   X "O3'" 1 
ATOM   545  C  "C2'" . U   A 1 26 ? -15.552 3.305   -1.482  1.00 82.91  ? 30  U   X "C2'" 1 
ATOM   546  O  "O2'" . U   A 1 26 ? -16.964 3.466   -1.388  1.00 78.97  ? 30  U   X "O2'" 1 
ATOM   547  C  "C1'" . U   A 1 26 ? -14.945 4.588   -2.057  1.00 81.61  ? 30  U   X "C1'" 1 
ATOM   548  N  N1    . U   A 1 26 ? -13.703 4.318   -2.824  1.00 79.53  ? 30  U   X N1    1 
ATOM   549  C  C2    . U   A 1 26 ? -13.875 3.779   -4.085  1.00 77.76  ? 30  U   X C2    1 
ATOM   550  O  O2    . U   A 1 26 ? -14.976 3.534   -4.563  1.00 73.37  ? 30  U   X O2    1 
ATOM   551  N  N3    . U   A 1 26 ? -12.715 3.538   -4.773  1.00 74.38  ? 30  U   X N3    1 
ATOM   552  C  C4    . U   A 1 26 ? -11.434 3.773   -4.346  1.00 75.90  ? 30  U   X C4    1 
ATOM   553  O  O4    . U   A 1 26 ? -10.519 3.488   -5.117  1.00 78.48  ? 30  U   X O4    1 
ATOM   554  C  C5    . U   A 1 26 ? -11.325 4.330   -3.029  1.00 78.12  ? 30  U   X C5    1 
ATOM   555  C  C6    . U   A 1 26 ? -12.442 4.578   -2.330  1.00 79.53  ? 30  U   X C6    1 
ATOM   556  P  P     . A   A 1 27 ? -14.938 1.037   1.177   1.00 84.97  ? 31  A   X P     1 
ATOM   557  O  OP1   . A   A 1 27 ? -15.527 0.507   2.437   1.00 88.17  ? 31  A   X OP1   1 
ATOM   558  O  OP2   . A   A 1 27 ? -13.457 1.231   1.072   1.00 79.13  ? 31  A   X OP2   1 
ATOM   559  O  "O5'" . A   A 1 27 ? -15.473 0.121   -0.007  1.00 80.66  ? 31  A   X "O5'" 1 
ATOM   560  C  "C5'" . A   A 1 27 ? -16.840 0.192   -0.383  1.00 81.33  ? 31  A   X "C5'" 1 
ATOM   561  C  "C4'" . A   A 1 27 ? -17.068 -0.365  -1.763  1.00 79.74  ? 31  A   X "C4'" 1 
ATOM   562  O  "O4'" . A   A 1 27 ? -16.460 0.501   -2.757  1.00 83.30  ? 31  A   X "O4'" 1 
ATOM   563  C  "C3'" . A   A 1 27 ? -16.453 -1.727  -2.032  1.00 72.57  ? 31  A   X "C3'" 1 
ATOM   564  O  "O3'" . A   A 1 27 ? -17.253 -2.787  -1.533  1.00 80.87  ? 31  A   X "O3'" 1 
ATOM   565  C  "C2'" . A   A 1 27 ? -16.325 -1.733  -3.548  1.00 72.78  ? 31  A   X "C2'" 1 
ATOM   566  O  "O2'" . A   A 1 27 ? -17.594 -1.975  -4.137  1.00 78.62  ? 31  A   X "O2'" 1 
ATOM   567  C  "C1'" . A   A 1 27 ? -15.955 -0.276  -3.824  1.00 79.87  ? 31  A   X "C1'" 1 
ATOM   568  N  N9    . A   A 1 27 ? -14.496 -0.061  -3.919  1.00 74.49  ? 31  A   X N9    1 
ATOM   569  C  C8    . A   A 1 27 ? -13.665 0.483   -2.976  1.00 75.13  ? 31  A   X C8    1 
ATOM   570  N  N7    . A   A 1 27 ? -12.410 0.564   -3.355  1.00 75.31  ? 31  A   X N7    1 
ATOM   571  C  C5    . A   A 1 27 ? -12.420 0.044   -4.645  1.00 71.73  ? 31  A   X C5    1 
ATOM   572  C  C6    . A   A 1 27 ? -11.401 -0.147  -5.600  1.00 66.91  ? 31  A   X C6    1 
ATOM   573  N  N6    . A   A 1 27 ? -10.118 0.160   -5.402  1.00 65.39  ? 31  A   X N6    1 
ATOM   574  N  N1    . A   A 1 27 ? -11.751 -0.684  -6.785  1.00 64.50  ? 31  A   X N1    1 
ATOM   575  C  C2    . A   A 1 27 ? -13.035 -1.010  -6.978  1.00 67.31  ? 31  A   X C2    1 
ATOM   576  N  N3    . A   A 1 27 ? -14.079 -0.886  -6.164  1.00 68.47  ? 31  A   X N3    1 
ATOM   577  C  C4    . A   A 1 27 ? -13.699 -0.344  -4.999  1.00 70.89  ? 31  A   X C4    1 
ATOM   578  P  P     . A   A 1 28 ? -16.589 -4.210  -1.159  1.00 77.17  ? 32  A   X P     1 
ATOM   579  O  OP1   . A   A 1 28 ? -17.671 -4.961  -0.473  1.00 80.13  ? 32  A   X OP1   1 
ATOM   580  O  OP2   . A   A 1 28 ? -15.265 -3.971  -0.514  1.00 65.97  ? 32  A   X OP2   1 
ATOM   581  O  "O5'" . A   A 1 28 ? -16.348 -4.913  -2.569  1.00 69.56  ? 32  A   X "O5'" 1 
ATOM   582  C  "C5'" . A   A 1 28 ? -17.449 -5.174  -3.430  1.00 76.88  ? 32  A   X "C5'" 1 
ATOM   583  C  "C4'" . A   A 1 28 ? -17.000 -5.749  -4.748  1.00 76.92  ? 32  A   X "C4'" 1 
ATOM   584  O  "O4'" . A   A 1 28 ? -16.377 -4.719  -5.574  1.00 75.25  ? 32  A   X "O4'" 1 
ATOM   585  C  "C3'" . A   A 1 28 ? -15.942 -6.831  -4.663  1.00 69.98  ? 32  A   X "C3'" 1 
ATOM   586  O  "O3'" . A   A 1 28 ? -16.478 -8.096  -4.311  1.00 78.87  ? 32  A   X "O3'" 1 
ATOM   587  C  "C2'" . A   A 1 28 ? -15.329 -6.782  -6.052  1.00 71.87  ? 32  A   X "C2'" 1 
ATOM   588  O  "O2'" . A   A 1 28 ? -16.219 -7.364  -6.996  1.00 72.55  ? 32  A   X "O2'" 1 
ATOM   589  C  "C1'" . A   A 1 28 ? -15.297 -5.275  -6.295  1.00 72.92  ? 32  A   X "C1'" 1 
ATOM   590  N  N9    . A   A 1 28 ? -14.060 -4.669  -5.772  1.00 67.29  ? 32  A   X N9    1 
ATOM   591  C  C8    . A   A 1 28 ? -13.896 -4.072  -4.548  1.00 68.12  ? 32  A   X C8    1 
ATOM   592  N  N7    . A   A 1 28 ? -12.686 -3.614  -4.331  1.00 67.80  ? 32  A   X N7    1 
ATOM   593  C  C5    . A   A 1 28 ? -12.013 -3.935  -5.497  1.00 64.66  ? 32  A   X C5    1 
ATOM   594  C  C6    . A   A 1 28 ? -10.689 -3.719  -5.888  1.00 62.95  ? 32  A   X C6    1 
ATOM   595  N  N6    . A   A 1 28 ? -9.792  -3.101  -5.121  1.00 60.38  ? 32  A   X N6    1 
ATOM   596  N  N1    . A   A 1 28 ? -10.321 -4.169  -7.106  1.00 66.00  ? 32  A   X N1    1 
ATOM   597  C  C2    . A   A 1 28 ? -11.241 -4.792  -7.862  1.00 65.53  ? 32  A   X C2    1 
ATOM   598  N  N3    . A   A 1 28 ? -12.519 -5.056  -7.607  1.00 63.13  ? 32  A   X N3    1 
ATOM   599  C  C4    . A   A 1 28 ? -12.844 -4.590  -6.392  1.00 64.89  ? 32  A   X C4    1 
ATOM   600  P  P     . G   A 1 29 ? -15.573 -9.173  -3.522  1.00 69.91  ? 33  G   X P     1 
ATOM   601  O  OP1   . G   A 1 29 ? -16.484 -10.309 -3.262  1.00 68.07  ? 33  G   X OP1   1 
ATOM   602  O  OP2   . G   A 1 29 ? -14.873 -8.511  -2.393  1.00 67.58  ? 33  G   X OP2   1 
ATOM   603  O  "O5'" . G   A 1 29 ? -14.452 -9.582  -4.585  1.00 71.38  ? 33  G   X "O5'" 1 
ATOM   604  C  "C5'" . G   A 1 29 ? -14.788 -10.394 -5.701  1.00 73.09  ? 33  G   X "C5'" 1 
ATOM   605  C  "C4'" . G   A 1 29 ? -13.715 -10.412 -6.766  1.00 71.39  ? 33  G   X "C4'" 1 
ATOM   606  O  "O4'" . G   A 1 29 ? -13.354 -9.060  -7.157  1.00 65.39  ? 33  G   X "O4'" 1 
ATOM   607  C  "C3'" . G   A 1 29 ? -12.379 -11.036 -6.406  1.00 63.20  ? 33  G   X "C3'" 1 
ATOM   608  O  "O3'" . G   A 1 29 ? -12.400 -12.447 -6.365  1.00 73.70  ? 33  G   X "O3'" 1 
ATOM   609  C  "C2'" . G   A 1 29 ? -11.472 -10.462 -7.486  1.00 66.78  ? 33  G   X "C2'" 1 
ATOM   610  O  "O2'" . G   A 1 29 ? -11.719 -11.075 -8.743  1.00 67.64  ? 33  G   X "O2'" 1 
ATOM   611  C  "C1'" . G   A 1 29 ? -11.994 -9.031  -7.553  1.00 63.69  ? 33  G   X "C1'" 1 
ATOM   612  N  N9    . G   A 1 29 ? -11.259 -8.204  -6.601  1.00 63.11  ? 33  G   X N9    1 
ATOM   613  C  C8    . G   A 1 29 ? -11.686 -7.750  -5.381  1.00 64.60  ? 33  G   X C8    1 
ATOM   614  N  N7    . G   A 1 29 ? -10.764 -7.053  -4.778  1.00 64.56  ? 33  G   X N7    1 
ATOM   615  C  C5    . G   A 1 29 ? -9.676  -7.076  -5.646  1.00 62.60  ? 33  G   X C5    1 
ATOM   616  C  C6    . G   A 1 29 ? -8.397  -6.503  -5.531  1.00 61.92  ? 33  G   X C6    1 
ATOM   617  O  O6    . G   A 1 29 ? -7.951  -5.824  -4.601  1.00 65.40  ? 33  G   X O6    1 
ATOM   618  N  N1    . G   A 1 29 ? -7.623  -6.780  -6.649  1.00 63.29  ? 33  G   X N1    1 
ATOM   619  C  C2    . G   A 1 29 ? -8.024  -7.500  -7.740  1.00 60.40  ? 33  G   X C2    1 
ATOM   620  N  N2    . G   A 1 29 ? -7.139  -7.649  -8.732  1.00 60.03  ? 33  G   X N2    1 
ATOM   621  N  N3    . G   A 1 29 ? -9.208  -8.049  -7.852  1.00 62.68  ? 33  G   X N3    1 
ATOM   622  C  C4    . G   A 1 29 ? -9.969  -7.793  -6.776  1.00 63.01  ? 33  G   X C4    1 
ATOM   623  P  P     . G   A 1 30 ? -11.443 -13.236 -5.336  1.00 72.87  ? 34  G   X P     1 
ATOM   624  O  OP1   . G   A 1 30 ? -11.971 -14.615 -5.277  1.00 71.97  ? 34  G   X OP1   1 
ATOM   625  O  OP2   . G   A 1 30 ? -11.290 -12.465 -4.068  1.00 67.69  ? 34  G   X OP2   1 
ATOM   626  O  "O5'" . G   A 1 30 ? -10.004 -13.185 -6.018  1.00 62.01  ? 34  G   X "O5'" 1 
ATOM   627  C  "C5'" . G   A 1 30 ? -9.785  -13.696 -7.323  1.00 63.65  ? 34  G   X "C5'" 1 
ATOM   628  C  "C4'" . G   A 1 30 ? -8.450  -13.248 -7.855  1.00 65.28  ? 34  G   X "C4'" 1 
ATOM   629  O  "O4'" . G   A 1 30 ? -8.388  -11.796 -7.824  1.00 65.25  ? 34  G   X "O4'" 1 
ATOM   630  C  "C3'" . G   A 1 30 ? -7.243  -13.675 -7.042  1.00 62.96  ? 34  G   X "C3'" 1 
ATOM   631  O  "O3'" . G   A 1 30 ? -6.829  -15.006 -7.295  1.00 69.57  ? 34  G   X "O3'" 1 
ATOM   632  C  "C2'" . G   A 1 30 ? -6.204  -12.626 -7.410  1.00 63.48  ? 34  G   X "C2'" 1 
ATOM   633  O  "O2'" . G   A 1 30 ? -5.653  -12.903 -8.690  1.00 68.10  ? 34  G   X "O2'" 1 
ATOM   634  C  "C1'" . G   A 1 30 ? -7.073  -11.375 -7.522  1.00 64.98  ? 34  G   X "C1'" 1 
ATOM   635  N  N9    . G   A 1 30 ? -7.085  -10.571 -6.279  1.00 62.99  ? 34  G   X N9    1 
ATOM   636  C  C8    . G   A 1 30 ? -8.122  -10.320 -5.409  1.00 61.30  ? 34  G   X C8    1 
ATOM   637  N  N7    . G   A 1 30 ? -7.793  -9.545  -4.405  1.00 60.71  ? 34  G   X N7    1 
ATOM   638  C  C5    . G   A 1 30 ? -6.448  -9.268  -4.622  1.00 59.42  ? 34  G   X C5    1 
ATOM   639  C  C6    . G   A 1 30 ? -5.530  -8.480  -3.883  1.00 60.75  ? 34  G   X C6    1 
ATOM   640  O  O6    . G   A 1 30 ? -5.702  -7.826  -2.847  1.00 62.25  ? 34  G   X O6    1 
ATOM   641  N  N1    . G   A 1 30 ? -4.274  -8.494  -4.462  1.00 60.92  ? 34  G   X N1    1 
ATOM   642  C  C2    . G   A 1 30 ? -3.949  -9.157  -5.614  1.00 62.41  ? 34  G   X C2    1 
ATOM   643  N  N2    . G   A 1 30 ? -2.685  -9.036  -6.034  1.00 64.29  ? 34  G   X N2    1 
ATOM   644  N  N3    . G   A 1 30 ? -4.791  -9.879  -6.322  1.00 61.63  ? 34  G   X N3    1 
ATOM   645  C  C4    . G   A 1 30 ? -6.011  -9.888  -5.770  1.00 60.09  ? 34  G   X C4    1 
ATOM   646  P  P     . G   A 1 31 ? -6.272  -15.904 -6.084  1.00 69.84  ? 35  G   X P     1 
ATOM   647  O  OP1   . G   A 1 31 ? -5.910  -17.236 -6.640  1.00 76.37  ? 35  G   X OP1   1 
ATOM   648  O  OP2   . G   A 1 31 ? -7.234  -15.851 -4.947  1.00 64.82  ? 35  G   X OP2   1 
ATOM   649  O  "O5'" . G   A 1 31 ? -4.947  -15.130 -5.622  1.00 66.08  ? 35  G   X "O5'" 1 
ATOM   650  C  "C5'" . G   A 1 31 ? -3.843  -14.950 -6.499  1.00 61.74  ? 35  G   X "C5'" 1 
ATOM   651  C  "C4'" . G   A 1 31 ? -2.740  -14.160 -5.837  1.00 65.12  ? 35  G   X "C4'" 1 
ATOM   652  O  "O4'" . G   A 1 31 ? -3.163  -12.783 -5.655  1.00 64.77  ? 35  G   X "O4'" 1 
ATOM   653  C  "C3'" . G   A 1 31 ? -2.337  -14.612 -4.437  1.00 63.61  ? 35  G   X "C3'" 1 
ATOM   654  O  "O3'" . G   A 1 31 ? -1.440  -15.712 -4.461  1.00 76.12  ? 35  G   X "O3'" 1 
ATOM   655  C  "C2'" . G   A 1 31 ? -1.739  -13.353 -3.842  1.00 60.98  ? 35  G   X "C2'" 1 
ATOM   656  O  "O2'" . G   A 1 31 ? -0.441  -13.137 -4.370  1.00 61.48  ? 35  G   X "O2'" 1 
ATOM   657  C  "C1'" . G   A 1 31 ? -2.660  -12.284 -4.429  1.00 65.15  ? 35  G   X "C1'" 1 
ATOM   658  N  N9    . G   A 1 31 ? -3.812  -11.957 -3.558  1.00 57.86  ? 35  G   X N9    1 
ATOM   659  C  C8    . G   A 1 31 ? -5.061  -12.511 -3.657  1.00 57.16  ? 35  G   X C8    1 
ATOM   660  N  N7    . G   A 1 31 ? -5.897  -12.036 -2.780  1.00 58.94  ? 35  G   X N7    1 
ATOM   661  C  C5    . G   A 1 31 ? -5.164  -11.093 -2.074  1.00 52.66  ? 35  G   X C5    1 
ATOM   662  C  C6    . G   A 1 31 ? -5.550  -10.258 -1.001  1.00 54.71  ? 35  G   X C6    1 
ATOM   663  O  O6    . G   A 1 31 ? -6.653  -10.162 -0.448  1.00 54.46  ? 35  G   X O6    1 
ATOM   664  N  N1    . G   A 1 31 ? -4.506  -9.458  -0.564  1.00 56.71  ? 35  G   X N1    1 
ATOM   665  C  C2    . G   A 1 31 ? -3.251  -9.467  -1.098  1.00 59.24  ? 35  G   X C2    1 
ATOM   666  N  N2    . G   A 1 31 ? -2.372  -8.637  -0.532  1.00 57.72  ? 35  G   X N2    1 
ATOM   667  N  N3    . G   A 1 31 ? -2.876  -10.259 -2.087  1.00 64.90  ? 35  G   X N3    1 
ATOM   668  C  C4    . G   A 1 31 ? -3.876  -11.046 -2.530  1.00 55.75  ? 35  G   X C4    1 
ATOM   669  P  P     . C   A 1 32 ? -1.251  -16.701 -3.200  1.00 74.60  ? 36  C   X P     1 
ATOM   670  O  OP1   . C   A 1 32 ? -0.583  -15.972 -2.098  1.00 67.21  ? 36  C   X OP1   1 
ATOM   671  O  OP2   . C   A 1 32 ? -0.665  -17.935 -3.782  1.00 82.95  ? 36  C   X OP2   1 
ATOM   672  O  "O5'" . C   A 1 32 ? -2.720  -17.066 -2.698  1.00 75.10  ? 36  C   X "O5'" 1 
ATOM   673  C  "C5'" . C   A 1 32 ? -3.684  -17.579 -3.598  1.00 81.96  ? 36  C   X "C5'" 1 
ATOM   674  C  "C4'" . C   A 1 32 ? -4.452  -18.735 -3.016  1.00 90.64  ? 36  C   X "C4'" 1 
ATOM   675  O  "O4'" . C   A 1 32 ? -5.030  -19.500 -4.115  1.00 94.61  ? 36  C   X "O4'" 1 
ATOM   676  C  "C3'" . C   A 1 32 ? -3.621  -19.746 -2.229  1.00 95.10  ? 36  C   X "C3'" 1 
ATOM   677  O  "O3'" . C   A 1 32 ? -3.470  -19.372 -0.862  1.00 91.71  ? 36  C   X "O3'" 1 
ATOM   678  C  "C2'" . C   A 1 32 ? -4.362  -21.064 -2.471  1.00 99.15  ? 36  C   X "C2'" 1 
ATOM   679  O  "O2'" . C   A 1 32 ? -5.518  -21.166 -1.645  1.00 92.95  ? 36  C   X "O2'" 1 
ATOM   680  C  "C1'" . C   A 1 32 ? -4.827  -20.879 -3.917  1.00 102.62 ? 36  C   X "C1'" 1 
ATOM   681  N  N1    . C   A 1 32 ? -3.815  -21.321 -4.918  1.00 106.43 ? 36  C   X N1    1 
ATOM   682  C  C2    . C   A 1 32 ? -3.665  -22.678 -5.246  1.00 105.40 ? 36  C   X C2    1 
ATOM   683  O  O2    . C   A 1 32 ? -4.381  -23.526 -4.677  1.00 100.93 ? 36  C   X O2    1 
ATOM   684  N  N3    . C   A 1 32 ? -2.727  -23.013 -6.180  1.00 109.71 ? 36  C   X N3    1 
ATOM   685  C  C4    . C   A 1 32 ? -1.969  -22.074 -6.778  1.00 110.45 ? 36  C   X C4    1 
ATOM   686  N  N4    . C   A 1 32 ? -1.059  -22.442 -7.689  1.00 110.99 ? 36  C   X N4    1 
ATOM   687  C  C5    . C   A 1 32 ? -2.105  -20.692 -6.468  1.00 106.52 ? 36  C   X C5    1 
ATOM   688  C  C6    . C   A 1 32 ? -3.033  -20.379 -5.556  1.00 102.26 ? 36  C   X C6    1 
ATOM   689  P  P     . A   A 1 33 ? -2.672  -20.294 0.193   1.00 100.04 ? 37  A   X P     1 
ATOM   690  O  OP1   . A   A 1 33 ? -1.848  -19.399 1.048   1.00 89.08  ? 37  A   X OP1   1 
ATOM   691  O  OP2   . A   A 1 33 ? -1.943  -21.351 -0.567  1.00 91.92  ? 37  A   X OP2   1 
ATOM   692  O  "O5'" . A   A 1 33 ? -3.838  -20.898 1.128   1.00 85.00  ? 37  A   X "O5'" 1 
ATOM   693  C  "C5'" . A   A 1 33 ? -4.599  -20.048 1.997   1.00 75.08  ? 37  A   X "C5'" 1 
ATOM   694  C  "C4'" . A   A 1 33 ? -5.855  -20.702 2.542   1.00 68.43  ? 37  A   X "C4'" 1 
ATOM   695  O  "O4'" . A   A 1 33 ? -5.506  -21.573 3.657   1.00 68.18  ? 37  A   X "O4'" 1 
ATOM   696  C  "C3'" . A   A 1 33 ? -6.899  -19.754 3.137   1.00 66.71  ? 37  A   X "C3'" 1 
ATOM   697  O  "O3'" . A   A 1 33 ? -7.752  -19.135 2.180   1.00 63.94  ? 37  A   X "O3'" 1 
ATOM   698  C  "C2'" . A   A 1 33 ? -7.630  -20.646 4.124   1.00 58.59  ? 37  A   X "C2'" 1 
ATOM   699  O  "O2'" . A   A 1 33 ? -8.514  -21.520 3.438   1.00 62.40  ? 37  A   X "O2'" 1 
ATOM   700  C  "C1'" . A   A 1 33 ? -6.474  -21.469 4.682   1.00 60.87  ? 37  A   X "C1'" 1 
ATOM   701  N  N9    . A   A 1 33 ? -5.854  -20.779 5.831   1.00 63.77  ? 37  A   X N9    1 
ATOM   702  C  C8    . A   A 1 33 ? -4.558  -20.317 5.937   1.00 63.29  ? 37  A   X C8    1 
ATOM   703  N  N7    . A   A 1 33 ? -4.299  -19.708 7.072   1.00 59.25  ? 37  A   X N7    1 
ATOM   704  C  C5    . A   A 1 33 ? -5.504  -19.759 7.753   1.00 59.64  ? 37  A   X C5    1 
ATOM   705  C  C6    . A   A 1 33 ? -5.894  -19.276 9.012   1.00 62.86  ? 37  A   X C6    1 
ATOM   706  N  N6    . A   A 1 33 ? -5.065  -18.626 9.830   1.00 58.69  ? 37  A   X N6    1 
ATOM   707  N  N1    . A   A 1 33 ? -7.174  -19.489 9.409   1.00 62.94  ? 37  A   X N1    1 
ATOM   708  C  C2    . A   A 1 33 ? -7.982  -20.142 8.579   1.00 57.87  ? 37  A   X C2    1 
ATOM   709  N  N3    . A   A 1 33 ? -7.734  -20.626 7.366   1.00 57.51  ? 37  A   X N3    1 
ATOM   710  C  C4    . A   A 1 33 ? -6.467  -20.408 7.004   1.00 58.45  ? 37  A   X C4    1 
ATOM   711  P  P     . A   A 1 34 ? -7.889  -17.522 2.139   1.00 69.37  ? 38  A   X P     1 
ATOM   712  O  OP1   . A   A 1 34 ? -8.931  -17.194 1.133   1.00 66.86  ? 38  A   X OP1   1 
ATOM   713  O  OP2   . A   A 1 34 ? -6.558  -16.877 2.003   1.00 61.69  ? 38  A   X OP2   1 
ATOM   714  O  "O5'" . A   A 1 34 ? -8.505  -17.157 3.560   1.00 57.72  ? 38  A   X "O5'" 1 
ATOM   715  C  "C5'" . A   A 1 34 ? -9.859  -17.464 3.827   1.00 58.09  ? 38  A   X "C5'" 1 
ATOM   716  C  "C4'" . A   A 1 34 ? -10.185 -17.249 5.276   1.00 58.57  ? 38  A   X "C4'" 1 
ATOM   717  O  "O4'" . A   A 1 34 ? -9.223  -17.958 6.102   1.00 60.23  ? 38  A   X "O4'" 1 
ATOM   718  C  "C3'" . A   A 1 34 ? -10.105 -15.819 5.770   1.00 56.90  ? 38  A   X "C3'" 1 
ATOM   719  O  "O3'" . A   A 1 34 ? -11.256 -15.054 5.477   1.00 63.21  ? 38  A   X "O3'" 1 
ATOM   720  C  "C2'" . A   A 1 34 ? -9.894  -16.002 7.255   1.00 59.41  ? 38  A   X "C2'" 1 
ATOM   721  O  "O2'" . A   A 1 34 ? -11.117 -16.325 7.894   1.00 57.13  ? 38  A   X "O2'" 1 
ATOM   722  C  "C1'" . A   A 1 34 ? -8.968  -17.219 7.271   1.00 58.96  ? 38  A   X "C1'" 1 
ATOM   723  N  N9    . A   A 1 34 ? -7.571  -16.779 7.210   1.00 59.16  ? 38  A   X N9    1 
ATOM   724  C  C8    . A   A 1 34 ? -6.672  -16.914 6.184   1.00 59.87  ? 38  A   X C8    1 
ATOM   725  N  N7    . A   A 1 34 ? -5.516  -16.375 6.450   1.00 56.46  ? 38  A   X N7    1 
ATOM   726  C  C5    . A   A 1 34 ? -5.689  -15.835 7.720   1.00 57.55  ? 38  A   X C5    1 
ATOM   727  C  C6    . A   A 1 34 ? -4.832  -15.129 8.587   1.00 62.34  ? 38  A   X C6    1 
ATOM   728  N  N6    . A   A 1 34 ? -3.563  -14.804 8.288   1.00 60.42  ? 38  A   X N6    1 
ATOM   729  N  N1    . A   A 1 34 ? -5.330  -14.752 9.790   1.00 59.52  ? 38  A   X N1    1 
ATOM   730  C  C2    . A   A 1 34 ? -6.596  -15.066 10.094  1.00 60.02  ? 38  A   X C2    1 
ATOM   731  N  N3    . A   A 1 34 ? -7.495  -15.723 9.368   1.00 56.96  ? 38  A   X N3    1 
ATOM   732  C  C4    . A   A 1 34 ? -6.957  -16.073 8.190   1.00 55.84  ? 38  A   X C4    1 
ATOM   733  P  P     . U   A 1 35 ? -11.088 -13.613 4.811   1.00 61.32  ? 39  U   X P     1 
ATOM   734  O  OP1   . U   A 1 35 ? -12.416 -13.069 4.433   1.00 65.89  ? 39  U   X OP1   1 
ATOM   735  O  OP2   . U   A 1 35 ? -10.034 -13.819 3.778   1.00 60.37  ? 39  U   X OP2   1 
ATOM   736  O  "O5'" . U   A 1 35 ? -10.477 -12.694 5.961   1.00 61.32  ? 39  U   X "O5'" 1 
ATOM   737  C  "C5'" . U   A 1 35 ? -11.152 -12.457 7.189   1.00 59.37  ? 39  U   X "C5'" 1 
ATOM   738  C  "C4'" . U   A 1 35 ? -10.205 -11.873 8.217   1.00 59.31  ? 39  U   X "C4'" 1 
ATOM   739  O  "O4'" . U   A 1 35 ? -9.088  -12.786 8.410   1.00 61.22  ? 39  U   X "O4'" 1 
ATOM   740  C  "C3'" . U   A 1 35 ? -9.546  -10.547 7.849   1.00 60.78  ? 39  U   X "C3'" 1 
ATOM   741  O  "O3'" . U   A 1 35 ? -10.342 -9.424  8.181   1.00 64.25  ? 39  U   X "O3'" 1 
ATOM   742  C  "C2'" . U   A 1 35 ? -8.235  -10.586 8.621   1.00 60.42  ? 39  U   X "C2'" 1 
ATOM   743  O  "O2'" . U   A 1 35 ? -8.457  -10.286 9.989   1.00 66.11  ? 39  U   X "O2'" 1 
ATOM   744  C  "C1'" . U   A 1 35 ? -7.884  -12.062 8.548   1.00 59.41  ? 39  U   X "C1'" 1 
ATOM   745  N  N1    . U   A 1 35 ? -7.004  -12.412 7.412   1.00 57.32  ? 39  U   X N1    1 
ATOM   746  C  C2    . U   A 1 35 ? -5.670  -12.098 7.482   1.00 57.37  ? 39  U   X C2    1 
ATOM   747  O  O2    . U   A 1 35 ? -5.165  -11.489 8.411   1.00 57.51  ? 39  U   X O2    1 
ATOM   748  N  N3    . U   A 1 35 ? -4.946  -12.518 6.402   1.00 55.86  ? 39  U   X N3    1 
ATOM   749  C  C4    . U   A 1 35 ? -5.404  -13.210 5.306   1.00 56.46  ? 39  U   X C4    1 
ATOM   750  O  O4    . U   A 1 35 ? -4.615  -13.534 4.426   1.00 57.60  ? 39  U   X O4    1 
ATOM   751  C  C5    . U   A 1 35 ? -6.797  -13.496 5.304   1.00 55.14  ? 39  U   X C5    1 
ATOM   752  C  C6    . U   A 1 35 ? -7.522  -13.111 6.347   1.00 55.91  ? 39  U   X C6    1 
ATOM   753  P  P     . A   A 1 36 ? -10.380 -8.161  7.198   1.00 62.91  ? 40  A   X P     1 
ATOM   754  O  OP1   . A   A 1 36 ? -11.299 -7.156  7.783   1.00 70.50  ? 40  A   X OP1   1 
ATOM   755  O  OP2   . A   A 1 36 ? -10.540 -8.673  5.817   1.00 63.31  ? 40  A   X OP2   1 
ATOM   756  O  "O5'" . A   A 1 36 ? -8.915  -7.539  7.273   1.00 59.11  ? 40  A   X "O5'" 1 
ATOM   757  C  "C5'" . A   A 1 36 ? -8.412  -7.029  8.490   1.00 61.70  ? 40  A   X "C5'" 1 
ATOM   758  C  "C4'" . A   A 1 36 ? -6.946  -6.725  8.374   1.00 64.48  ? 40  A   X "C4'" 1 
ATOM   759  O  "O4'" . A   A 1 36 ? -6.216  -7.941  8.084   1.00 66.36  ? 40  A   X "O4'" 1 
ATOM   760  C  "C3'" . A   A 1 36 ? -6.579  -5.785  7.246   1.00 60.79  ? 40  A   X "C3'" 1 
ATOM   761  O  "O3'" . A   A 1 36 ? -6.730  -4.433  7.635   1.00 64.60  ? 40  A   X "O3'" 1 
ATOM   762  C  "C2'" . A   A 1 36 ? -5.144  -6.178  6.926   1.00 59.06  ? 40  A   X "C2'" 1 
ATOM   763  O  "O2'" . A   A 1 36 ? -4.254  -5.612  7.873   1.00 66.70  ? 40  A   X "O2'" 1 
ATOM   764  C  "C1'" . A   A 1 36 ? -5.172  -7.675  7.182   1.00 62.00  ? 40  A   X "C1'" 1 
ATOM   765  N  N9    . A   A 1 36 ? -5.384  -8.504  5.983   1.00 59.92  ? 40  A   X N9    1 
ATOM   766  C  C8    . A   A 1 36 ? -6.523  -9.162  5.584   1.00 58.40  ? 40  A   X C8    1 
ATOM   767  N  N7    . A   A 1 36 ? -6.369  -9.895  4.507   1.00 54.66  ? 40  A   X N7    1 
ATOM   768  C  C5    . A   A 1 36 ? -5.030  -9.718  4.202   1.00 55.85  ? 40  A   X C5    1 
ATOM   769  C  C6    . A   A 1 36 ? -4.229  -10.220 3.178   1.00 57.51  ? 40  A   X C6    1 
ATOM   770  N  N6    . A   A 1 36 ? -4.690  -11.045 2.239   1.00 58.93  ? 40  A   X N6    1 
ATOM   771  N  N1    . A   A 1 36 ? -2.928  -9.831  3.143   1.00 59.31  ? 40  A   X N1    1 
ATOM   772  C  C2    . A   A 1 36 ? -2.468  -9.004  4.090   1.00 57.43  ? 40  A   X C2    1 
ATOM   773  N  N3    . A   A 1 36 ? -3.128  -8.473  5.115   1.00 58.82  ? 40  A   X N3    1 
ATOM   774  C  C4    . A   A 1 36 ? -4.411  -8.872  5.102   1.00 59.49  ? 40  A   X C4    1 
ATOM   775  P  P     . C   A 1 37 ? -7.061  -3.286  6.555   1.00 62.07  ? 41  C   X P     1 
ATOM   776  O  OP1   . C   A 1 37 ? -6.938  -1.983  7.278   1.00 56.17  ? 41  C   X OP1   1 
ATOM   777  O  OP2   . C   A 1 37 ? -8.304  -3.651  5.838   1.00 62.08  ? 41  C   X OP2   1 
ATOM   778  O  "O5'" . C   A 1 37 ? -5.855  -3.365  5.526   1.00 57.68  ? 41  C   X "O5'" 1 
ATOM   779  C  "C5'" . C   A 1 37 ? -4.611  -2.770  5.840   1.00 60.19  ? 41  C   X "C5'" 1 
ATOM   780  C  "C4'" . C   A 1 37 ? -3.594  -3.085  4.779   1.00 65.36  ? 41  C   X "C4'" 1 
ATOM   781  O  "O4'" . C   A 1 37 ? -3.500  -4.520  4.622   1.00 60.08  ? 41  C   X "O4'" 1 
ATOM   782  C  "C3'" . C   A 1 37 ? -3.918  -2.581  3.381   1.00 64.53  ? 41  C   X "C3'" 1 
ATOM   783  O  "O3'" . C   A 1 37 ? -3.538  -1.227  3.212   1.00 65.80  ? 41  C   X "O3'" 1 
ATOM   784  C  "C2'" . C   A 1 37 ? -3.134  -3.542  2.492   1.00 61.40  ? 41  C   X "C2'" 1 
ATOM   785  O  "O2'" . C   A 1 37 ? -1.760  -3.188  2.494   1.00 68.60  ? 41  C   X "O2'" 1 
ATOM   786  C  "C1'" . C   A 1 37 ? -3.249  -4.844  3.273   1.00 58.03  ? 41  C   X "C1'" 1 
ATOM   787  N  N1    . C   A 1 37 ? -4.326  -5.735  2.812   1.00 57.70  ? 41  C   X N1    1 
ATOM   788  C  C2    . C   A 1 37 ? -4.036  -6.676  1.829   1.00 56.88  ? 41  C   X C2    1 
ATOM   789  O  O2    . C   A 1 37 ? -2.896  -6.689  1.335   1.00 53.37  ? 41  C   X O2    1 
ATOM   790  N  N3    . C   A 1 37 ? -5.015  -7.515  1.435   1.00 55.52  ? 41  C   X N3    1 
ATOM   791  C  C4    . C   A 1 37 ? -6.224  -7.449  2.000   1.00 55.11  ? 41  C   X C4    1 
ATOM   792  N  N4    . C   A 1 37 ? -7.169  -8.308  1.590   1.00 52.93  ? 41  C   X N4    1 
ATOM   793  C  C5    . C   A 1 37 ? -6.535  -6.508  3.016   1.00 51.48  ? 41  C   X C5    1 
ATOM   794  C  C6    . C   A 1 37 ? -5.559  -5.680  3.393   1.00 55.74  ? 41  C   X C6    1 
ATOM   795  P  P     . A   A 1 38 ? -4.635  -0.071  3.001   1.00 78.58  ? 42  A   X P     1 
ATOM   796  O  OP1   . A   A 1 38 ? -5.919  -0.665  2.503   1.00 70.50  ? 42  A   X OP1   1 
ATOM   797  O  OP2   . A   A 1 38 ? -3.951  0.956   2.177   1.00 69.58  ? 42  A   X OP2   1 
ATOM   798  O  "O5'" . A   A 1 38 ? -4.876  0.520   4.467   1.00 71.33  ? 42  A   X "O5'" 1 
ATOM   799  C  "C5'" . A   A 1 38 ? -3.798  0.718   5.370   1.00 70.17  ? 42  A   X "C5'" 1 
ATOM   800  C  "C4'" . A   A 1 38 ? -4.272  0.952   6.789   1.00 72.57  ? 42  A   X "C4'" 1 
ATOM   801  O  "O4'" . A   A 1 38 ? -3.670  -0.036  7.683   1.00 65.24  ? 42  A   X "O4'" 1 
ATOM   802  C  "C3'" . A   A 1 38 ? -3.874  2.301   7.383   1.00 72.00  ? 42  A   X "C3'" 1 
ATOM   803  O  "O3'" . A   A 1 38 ? -4.801  3.330   7.075   1.00 77.96  ? 42  A   X "O3'" 1 
ATOM   804  C  "C2'" . A   A 1 38 ? -3.780  2.015   8.875   1.00 72.18  ? 42  A   X "C2'" 1 
ATOM   805  O  "O2'" . A   A 1 38 ? -5.074  2.038   9.465   1.00 68.13  ? 42  A   X "O2'" 1 
ATOM   806  C  "C1'" . A   A 1 38 ? -3.245  0.583   8.881   1.00 72.51  ? 42  A   X "C1'" 1 
ATOM   807  N  N9    . A   A 1 38 ? -1.763  0.549   8.935   1.00 69.09  ? 42  A   X N9    1 
ATOM   808  C  C8    . A   A 1 38 ? -0.902  0.126   7.952   1.00 70.66  ? 42  A   X C8    1 
ATOM   809  N  N7    . A   A 1 38 ? 0.373   0.183   8.270   1.00 70.44  ? 42  A   X N7    1 
ATOM   810  C  C5    . A   A 1 38 ? 0.369   0.691   9.554   1.00 69.22  ? 42  A   X C5    1 
ATOM   811  C  C6    . A   A 1 38 ? 1.416   1.001   10.441  1.00 70.85  ? 42  A   X C6    1 
ATOM   812  N  N6    . A   A 1 38 ? 2.709   0.848   10.163  1.00 69.65  ? 42  A   X N6    1 
ATOM   813  N  N1    . A   A 1 38 ? 1.082   1.485   11.651  1.00 75.89  ? 42  A   X N1    1 
ATOM   814  C  C2    . A   A 1 38 ? -0.223  1.652   11.923  1.00 76.95  ? 42  A   X C2    1 
ATOM   815  N  N3    . A   A 1 38 ? -1.297  1.412   11.169  1.00 73.63  ? 42  A   X N3    1 
ATOM   816  C  C4    . A   A 1 38 ? -0.936  0.920   9.975   1.00 69.68  ? 42  A   X C4    1 
ATOM   817  P  P     . U   A 1 39 ? -4.304  4.800   6.631   1.00 77.89  ? 43  U   X P     1 
ATOM   818  O  OP1   . U   A 1 39 ? -5.518  5.655   6.643   1.00 79.77  ? 43  U   X OP1   1 
ATOM   819  O  OP2   . U   A 1 39 ? -3.490  4.704   5.393   1.00 81.26  ? 43  U   X OP2   1 
ATOM   820  O  "O5'" . U   A 1 39 ? -3.270  5.243   7.761   1.00 69.80  ? 43  U   X "O5'" 1 
ATOM   821  C  "C5'" . U   A 1 39 ? -3.675  5.443   9.106   1.00 72.23  ? 43  U   X "C5'" 1 
ATOM   822  C  "C4'" . U   A 1 39 ? -2.485  5.759   9.969   1.00 72.47  ? 43  U   X "C4'" 1 
ATOM   823  O  "O4'" . U   A 1 39 ? -1.666  4.575   10.119  1.00 73.28  ? 43  U   X "O4'" 1 
ATOM   824  C  "C3'" . U   A 1 39 ? -1.532  6.795   9.396   1.00 73.28  ? 43  U   X "C3'" 1 
ATOM   825  O  "O3'" . U   A 1 39 ? -1.960  8.119   9.623   1.00 79.72  ? 43  U   X "O3'" 1 
ATOM   826  C  "C2'" . U   A 1 39 ? -0.220  6.457   10.082  1.00 74.21  ? 43  U   X "C2'" 1 
ATOM   827  O  "O2'" . U   A 1 39 ? -0.195  6.968   11.408  1.00 75.58  ? 43  U   X "O2'" 1 
ATOM   828  C  "C1'" . U   A 1 39 ? -0.301  4.934   10.139  1.00 76.80  ? 43  U   X "C1'" 1 
ATOM   829  N  N1    . U   A 1 39 ? 0.349   4.311   8.969   1.00 74.72  ? 43  U   X N1    1 
ATOM   830  C  C2    . U   A 1 39 ? 1.718   4.190   9.005   1.00 73.74  ? 43  U   X C2    1 
ATOM   831  O  O2    . U   A 1 39 ? 2.382   4.577   9.952   1.00 71.75  ? 43  U   X O2    1 
ATOM   832  N  N3    . U   A 1 39 ? 2.267   3.599   7.892   1.00 73.66  ? 43  U   X N3    1 
ATOM   833  C  C4    . U   A 1 39 ? 1.588   3.139   6.782   1.00 71.79  ? 43  U   X C4    1 
ATOM   834  O  O4    . U   A 1 39 ? 2.214   2.627   5.856   1.00 74.02  ? 43  U   X O4    1 
ATOM   835  C  C5    . U   A 1 39 ? 0.173   3.312   6.826   1.00 70.29  ? 43  U   X C5    1 
ATOM   836  C  C6    . U   A 1 39 ? -0.386  3.875   7.895   1.00 72.01  ? 43  U   X C6    1 
ATOM   837  P  P     . A   A 1 40 ? -1.445  9.294   8.670   1.00 76.49  ? 44  A   X P     1 
ATOM   838  O  OP1   . A   A 1 40 ? -2.136  10.526  9.117   1.00 83.38  ? 44  A   X OP1   1 
ATOM   839  O  OP2   . A   A 1 40 ? -1.630  8.846   7.268   1.00 75.30  ? 44  A   X OP2   1 
ATOM   840  O  "O5'" . A   A 1 40 ? 0.116   9.405   8.995   1.00 69.00  ? 44  A   X "O5'" 1 
ATOM   841  C  "C5'" . A   A 1 40 ? 0.562   9.993   10.205  1.00 72.23  ? 44  A   X "C5'" 1 
ATOM   842  C  "C4'" . A   A 1 40 ? 2.023   9.721   10.470  1.00 76.28  ? 44  A   X "C4'" 1 
ATOM   843  O  "O4'" . A   A 1 40 ? 2.288   8.289   10.425  1.00 75.89  ? 44  A   X "O4'" 1 
ATOM   844  C  "C3'" . A   A 1 40 ? 3.024   10.300  9.483   1.00 73.19  ? 44  A   X "C3'" 1 
ATOM   845  O  "O3'" . A   A 1 40 ? 3.277   11.681  9.669   1.00 86.06  ? 44  A   X "O3'" 1 
ATOM   846  C  "C2'" . A   A 1 40 ? 4.244   9.425   9.718   1.00 76.16  ? 44  A   X "C2'" 1 
ATOM   847  O  "O2'" . A   A 1 40 ? 4.899   9.780   10.930  1.00 77.99  ? 44  A   X "O2'" 1 
ATOM   848  C  "C1'" . A   A 1 40 ? 3.584   8.060   9.902   1.00 78.03  ? 44  A   X "C1'" 1 
ATOM   849  N  N9    . A   A 1 40 ? 3.450   7.378   8.600   1.00 78.52  ? 44  A   X N9    1 
ATOM   850  C  C8    . A   A 1 40 ? 2.328   7.281   7.808   1.00 74.10  ? 44  A   X C8    1 
ATOM   851  N  N7    . A   A 1 40 ? 2.530   6.629   6.685   1.00 72.82  ? 44  A   X N7    1 
ATOM   852  C  C5    . A   A 1 40 ? 3.876   6.289   6.727   1.00 74.88  ? 44  A   X C5    1 
ATOM   853  C  C6    . A   A 1 40 ? 4.708   5.586   5.838   1.00 71.19  ? 44  A   X C6    1 
ATOM   854  N  N6    . A   A 1 40 ? 4.303   5.076   4.676   1.00 69.39  ? 44  A   X N6    1 
ATOM   855  N  N1    . A   A 1 40 ? 6.000   5.435   6.178   1.00 71.75  ? 44  A   X N1    1 
ATOM   856  C  C2    . A   A 1 40 ? 6.417   5.946   7.341   1.00 74.49  ? 44  A   X C2    1 
ATOM   857  N  N3    . A   A 1 40 ? 5.735   6.614   8.264   1.00 73.61  ? 44  A   X N3    1 
ATOM   858  C  C4    . A   A 1 40 ? 4.455   6.752   7.897   1.00 75.44  ? 44  A   X C4    1 
ATOM   859  P  P     . G   A 1 41 ? 3.753   12.592  8.422   1.00 87.52  ? 45  G   X P     1 
ATOM   860  O  OP1   . G   A 1 41 ? 3.797   14.000  8.905   1.00 90.86  ? 45  G   X OP1   1 
ATOM   861  O  OP2   . G   A 1 41 ? 2.932   12.260  7.227   1.00 71.67  ? 45  G   X OP2   1 
ATOM   862  O  "O5'" . G   A 1 41 ? 5.242   12.097  8.119   1.00 78.43  ? 45  G   X "O5'" 1 
ATOM   863  C  "C5'" . G   A 1 41 ? 6.282   12.318  9.054   1.00 80.03  ? 45  G   X "C5'" 1 
ATOM   864  C  "C4'" . G   A 1 41 ? 7.578   11.661  8.641   1.00 83.87  ? 45  G   X "C4'" 1 
ATOM   865  O  "O4'" . G   A 1 41 ? 7.419   10.217  8.538   1.00 78.16  ? 45  G   X "O4'" 1 
ATOM   866  C  "C3'" . G   A 1 41 ? 8.177   12.028  7.289   1.00 81.12  ? 45  G   X "C3'" 1 
ATOM   867  O  "O3'" . G   A 1 41 ? 8.778   13.309  7.227   1.00 89.98  ? 45  G   X "O3'" 1 
ATOM   868  C  "C2'" . G   A 1 41 ? 9.166   10.892  7.096   1.00 79.75  ? 45  G   X "C2'" 1 
ATOM   869  O  "O2'" . G   A 1 41 ? 10.251  11.024  8.003   1.00 82.63  ? 45  G   X "O2'" 1 
ATOM   870  C  "C1'" . G   A 1 41 ? 8.314   9.717   7.558   1.00 76.61  ? 45  G   X "C1'" 1 
ATOM   871  N  N9    . G   A 1 41 ? 7.550   9.196   6.410   1.00 76.53  ? 45  G   X N9    1 
ATOM   872  C  C8    . G   A 1 41 ? 6.231   9.394   6.056   1.00 77.12  ? 45  G   X C8    1 
ATOM   873  N  N7    . G   A 1 41 ? 5.903   8.793   4.938   1.00 74.44  ? 45  G   X N7    1 
ATOM   874  C  C5    . G   A 1 41 ? 7.079   8.180   4.518   1.00 74.55  ? 45  G   X C5    1 
ATOM   875  C  C6    . G   A 1 41 ? 7.359   7.388   3.375   1.00 72.51  ? 45  G   X C6    1 
ATOM   876  O  O6    . G   A 1 41 ? 6.601   7.053   2.454   1.00 66.21  ? 45  G   X O6    1 
ATOM   877  N  N1    . G   A 1 41 ? 8.691   6.987   3.362   1.00 71.25  ? 45  G   X N1    1 
ATOM   878  C  C2    . G   A 1 41 ? 9.621   7.306   4.317   1.00 71.61  ? 45  G   X C2    1 
ATOM   879  N  N2    . G   A 1 41 ? 10.851  6.809   4.142   1.00 78.30  ? 45  G   X N2    1 
ATOM   880  N  N3    . G   A 1 41 ? 9.379   8.034   5.382   1.00 68.65  ? 45  G   X N3    1 
ATOM   881  C  C4    . G   A 1 41 ? 8.100   8.435   5.412   1.00 73.35  ? 45  G   X C4    1 
ATOM   882  P  P     . A   A 1 42 ? 8.844   14.129  5.831   1.00 87.29  ? 46  A   X P     1 
ATOM   883  O  OP1   . A   A 1 42 ? 9.488   15.399  6.249   1.00 86.41  ? 46  A   X OP1   1 
ATOM   884  O  OP2   . A   A 1 42 ? 7.526   14.089  5.112   1.00 76.47  ? 46  A   X OP2   1 
ATOM   885  O  "O5'" . A   A 1 42 ? 9.905   13.358  4.923   1.00 79.99  ? 46  A   X "O5'" 1 
ATOM   886  C  "C5'" . A   A 1 42 ? 11.266  13.289  5.315   1.00 82.35  ? 46  A   X "C5'" 1 
ATOM   887  C  "C4'" . A   A 1 42 ? 12.094  12.433  4.384   1.00 81.72  ? 46  A   X "C4'" 1 
ATOM   888  O  "O4'" . A   A 1 42 ? 11.588  11.069  4.360   1.00 79.44  ? 46  A   X "O4'" 1 
ATOM   889  C  "C3'" . A   A 1 42 ? 12.110  12.822  2.914   1.00 80.10  ? 46  A   X "C3'" 1 
ATOM   890  O  "O3'" . A   A 1 42 ? 12.902  13.960  2.616   1.00 86.81  ? 46  A   X "O3'" 1 
ATOM   891  C  "C2'" . A   A 1 42 ? 12.595  11.534  2.266   1.00 80.06  ? 46  A   X "C2'" 1 
ATOM   892  O  "O2'" . A   A 1 42 ? 13.976  11.326  2.538   1.00 75.44  ? 46  A   X "O2'" 1 
ATOM   893  C  "C1'" . A   A 1 42 ? 11.800  10.509  3.073   1.00 76.61  ? 46  A   X "C1'" 1 
ATOM   894  N  N9    . A   A 1 42 ? 10.489  10.251  2.444   1.00 73.53  ? 46  A   X N9    1 
ATOM   895  C  C8    . A   A 1 42 ? 9.265   10.747  2.813   1.00 75.83  ? 46  A   X C8    1 
ATOM   896  N  N7    . A   A 1 42 ? 8.283   10.356  2.035   1.00 76.36  ? 46  A   X N7    1 
ATOM   897  C  C5    . A   A 1 42 ? 8.900   9.551   1.092   1.00 70.16  ? 46  A   X C5    1 
ATOM   898  C  C6    . A   A 1 42 ? 8.403   8.837   -0.007  1.00 73.12  ? 46  A   X C6    1 
ATOM   899  N  N6    . A   A 1 42 ? 7.114   8.806   -0.357  1.00 72.29  ? 46  A   X N6    1 
ATOM   900  N  N1    . A   A 1 42 ? 9.287   8.139   -0.750  1.00 75.63  ? 46  A   X N1    1 
ATOM   901  C  C2    . A   A 1 42 ? 10.579  8.167   -0.412  1.00 73.11  ? 46  A   X C2    1 
ATOM   902  N  N3    . A   A 1 42 ? 11.158  8.805   0.595   1.00 75.13  ? 46  A   X N3    1 
ATOM   903  C  C4    . A   A 1 42 ? 10.256  9.489   1.320   1.00 72.39  ? 46  A   X C4    1 
ATOM   904  P  P     . A   A 1 43 ? 12.360  15.049  1.560   1.00 84.99  ? 47  A   X P     1 
ATOM   905  O  OP1   . A   A 1 43 ? 13.290  16.198  1.677   1.00 86.00  ? 47  A   X OP1   1 
ATOM   906  O  OP2   . A   A 1 43 ? 10.886  15.220  1.703   1.00 77.18  ? 47  A   X OP2   1 
ATOM   907  O  "O5'" . A   A 1 43 ? 12.606  14.369  0.139   1.00 84.20  ? 47  A   X "O5'" 1 
ATOM   908  C  "C5'" . A   A 1 43 ? 13.927  14.102  -0.300  1.00 81.68  ? 47  A   X "C5'" 1 
ATOM   909  C  "C4'" . A   A 1 43 ? 13.974  13.064  -1.394  1.00 77.10  ? 47  A   X "C4'" 1 
ATOM   910  O  "O4'" . A   A 1 43 ? 13.246  11.875  -0.986  1.00 83.54  ? 47  A   X "O4'" 1 
ATOM   911  C  "C3'" . A   A 1 43 ? 13.334  13.410  -2.732  1.00 79.16  ? 47  A   X "C3'" 1 
ATOM   912  O  "O3'" . A   A 1 43 ? 14.068  14.323  -3.542  1.00 83.81  ? 47  A   X "O3'" 1 
ATOM   913  C  "C2'" . A   A 1 43 ? 13.181  12.032  -3.349  1.00 79.52  ? 47  A   X "C2'" 1 
ATOM   914  O  "O2'" . A   A 1 43 ? 14.447  11.527  -3.748  1.00 81.55  ? 47  A   X "O2'" 1 
ATOM   915  C  "C1'" . A   A 1 43 ? 12.701  11.241  -2.133  1.00 79.80  ? 47  A   X "C1'" 1 
ATOM   916  N  N9    . A   A 1 43 ? 11.231  11.307  -2.070  1.00 75.14  ? 47  A   X N9    1 
ATOM   917  C  C8    . A   A 1 43 ? 10.450  12.152  -1.319  1.00 77.91  ? 47  A   X C8    1 
ATOM   918  N  N7    . A   A 1 43 ? 9.165   12.005  -1.533  1.00 77.78  ? 47  A   X N7    1 
ATOM   919  C  C5    . A   A 1 43 ? 9.104   11.008  -2.502  1.00 78.67  ? 47  A   X C5    1 
ATOM   920  C  C6    . A   A 1 43 ? 8.024   10.394  -3.157  1.00 76.04  ? 47  A   X C6    1 
ATOM   921  N  N6    . A   A 1 43 ? 6.760   10.725  -2.909  1.00 73.01  ? 47  A   X N6    1 
ATOM   922  N  N1    . A   A 1 43 ? 8.290   9.437   -4.076  1.00 74.47  ? 47  A   X N1    1 
ATOM   923  C  C2    . A   A 1 43 ? 9.568   9.118   -4.314  1.00 74.21  ? 47  A   X C2    1 
ATOM   924  N  N3    . A   A 1 43 ? 10.671  9.622   -3.761  1.00 75.75  ? 47  A   X N3    1 
ATOM   925  C  C4    . A   A 1 43 ? 10.369  10.577  -2.855  1.00 76.21  ? 47  A   X C4    1 
ATOM   926  P  P     . A   A 1 44 ? 13.323  15.141  -4.717  1.00 78.75  ? 48  A   X P     1 
ATOM   927  O  OP1   . A   A 1 44 ? 14.344  16.074  -5.248  1.00 91.76  ? 48  A   X OP1   1 
ATOM   928  O  OP2   . A   A 1 44 ? 12.029  15.701  -4.222  1.00 70.18  ? 48  A   X OP2   1 
ATOM   929  O  "O5'" . A   A 1 44 ? 13.012  14.054  -5.848  1.00 70.12  ? 48  A   X "O5'" 1 
ATOM   930  C  "C5'" . A   A 1 44 ? 14.048  13.523  -6.659  1.00 72.23  ? 48  A   X "C5'" 1 
ATOM   931  C  "C4'" . A   A 1 44 ? 13.566  12.388  -7.536  1.00 78.38  ? 48  A   X "C4'" 1 
ATOM   932  O  "O4'" . A   A 1 44 ? 12.779  11.440  -6.761  1.00 81.98  ? 48  A   X "O4'" 1 
ATOM   933  C  "C3'" . A   A 1 44 ? 12.658  12.767  -8.695  1.00 80.30  ? 48  A   X "C3'" 1 
ATOM   934  O  "O3'" . A   A 1 44 ? 13.382  13.245  -9.810  1.00 88.65  ? 48  A   X "O3'" 1 
ATOM   935  C  "C2'" . A   A 1 44 ? 11.919  11.467  -8.972  1.00 85.21  ? 48  A   X "C2'" 1 
ATOM   936  O  "O2'" . A   A 1 44 ? 12.740  10.567  -9.702  1.00 85.99  ? 48  A   X "O2'" 1 
ATOM   937  C  "C1'" . A   A 1 44 ? 11.730  10.921  -7.557  1.00 81.25  ? 48  A   X "C1'" 1 
ATOM   938  N  N9    . A   A 1 44 ? 10.451  11.381  -6.984  1.00 81.86  ? 48  A   X N9    1 
ATOM   939  C  C8    . A   A 1 44 ? 10.262  12.220  -5.911  1.00 81.92  ? 48  A   X C8    1 
ATOM   940  N  N7    . A   A 1 44 ? 9.007   12.483  -5.643  1.00 81.19  ? 48  A   X N7    1 
ATOM   941  C  C5    . A   A 1 44 ? 8.327   11.771  -6.613  1.00 80.37  ? 48  A   X C5    1 
ATOM   942  C  C6    . A   A 1 44 ? 6.963   11.630  -6.863  1.00 80.65  ? 48  A   X C6    1 
ATOM   943  N  N6    . A   A 1 44 ? 6.020   12.220  -6.128  1.00 82.41  ? 48  A   X N6    1 
ATOM   944  N  N1    . A   A 1 44 ? 6.609   10.855  -7.904  1.00 81.51  ? 48  A   X N1    1 
ATOM   945  C  C2    . A   A 1 44 ? 7.565   10.268  -8.636  1.00 79.96  ? 48  A   X C2    1 
ATOM   946  N  N3    . A   A 1 44 ? 8.882   10.311  -8.494  1.00 77.44  ? 48  A   X N3    1 
ATOM   947  C  C4    . A   A 1 44 ? 9.195   11.092  -7.449  1.00 80.77  ? 48  A   X C4    1 
ATOM   948  P  P     . C   A 1 45 ? 12.955  14.611  -10.540 1.00 88.72  ? 49  C   X P     1 
ATOM   949  O  OP1   . C   A 1 45 ? 13.921  14.804  -11.644 1.00 96.39  ? 49  C   X OP1   1 
ATOM   950  O  OP2   . C   A 1 45 ? 12.784  15.694  -9.531  1.00 77.47  ? 49  C   X OP2   1 
ATOM   951  O  "O5'" . C   A 1 45 ? 11.553  14.253  -11.214 1.00 86.87  ? 49  C   X "O5'" 1 
ATOM   952  C  "C5'" . C   A 1 45 ? 11.435  13.146  -12.096 1.00 85.42  ? 49  C   X "C5'" 1 
ATOM   953  C  "C4'" . C   A 1 45 ? 9.991   12.819  -12.375 1.00 89.66  ? 49  C   X "C4'" 1 
ATOM   954  O  "O4'" . C   A 1 45 ? 9.332   12.364  -11.158 1.00 82.54  ? 49  C   X "O4'" 1 
ATOM   955  C  "C3'" . C   A 1 45 ? 9.149   13.992  -12.847 1.00 87.73  ? 49  C   X "C3'" 1 
ATOM   956  O  "O3'" . C   A 1 45 ? 9.286   14.221  -14.240 1.00 87.97  ? 49  C   X "O3'" 1 
ATOM   957  C  "C2'" . C   A 1 45 ? 7.737   13.599  -12.422 1.00 89.14  ? 49  C   X "C2'" 1 
ATOM   958  O  "O2'" . C   A 1 45 ? 7.155   12.709  -13.365 1.00 89.85  ? 49  C   X "O2'" 1 
ATOM   959  C  "C1'" . C   A 1 45 ? 8.001   12.832  -11.121 1.00 85.17  ? 49  C   X "C1'" 1 
ATOM   960  N  N1    . C   A 1 45 ? 7.825   13.670  -9.908  1.00 84.69  ? 49  C   X N1    1 
ATOM   961  C  C2    . C   A 1 45 ? 6.539   13.999  -9.464  1.00 83.53  ? 49  C   X C2    1 
ATOM   962  O  O2    . C   A 1 45 ? 5.562   13.595  -10.101 1.00 89.49  ? 49  C   X O2    1 
ATOM   963  N  N3    . C   A 1 45 ? 6.376   14.753  -8.356  1.00 82.08  ? 49  C   X N3    1 
ATOM   964  C  C4    . C   A 1 45 ? 7.445   15.185  -7.690  1.00 84.23  ? 49  C   X C4    1 
ATOM   965  N  N4    . C   A 1 45 ? 7.247   15.929  -6.599  1.00 84.89  ? 49  C   X N4    1 
ATOM   966  C  C5    . C   A 1 45 ? 8.767   14.873  -8.112  1.00 84.29  ? 49  C   X C5    1 
ATOM   967  C  C6    . C   A 1 45 ? 8.912   14.119  -9.211  1.00 86.16  ? 49  C   X C6    1 
ATOM   968  P  P     . C   A 1 46 ? 9.196   15.715  -14.822 1.00 90.04  ? 50  C   X P     1 
ATOM   969  O  OP1   . C   A 1 46 ? 9.605   15.660  -16.248 1.00 92.10  ? 50  C   X OP1   1 
ATOM   970  O  OP2   . C   A 1 46 ? 9.914   16.607  -13.873 1.00 88.11  ? 50  C   X OP2   1 
ATOM   971  O  "O5'" . C   A 1 46 ? 7.637   16.062  -14.777 1.00 88.68  ? 50  C   X "O5'" 1 
ATOM   972  C  "C5'" . C   A 1 46 ? 6.708   15.304  -15.540 1.00 91.25  ? 50  C   X "C5'" 1 
ATOM   973  C  "C4'" . C   A 1 46 ? 5.276   15.608  -15.172 1.00 91.71  ? 50  C   X "C4'" 1 
ATOM   974  O  "O4'" . C   A 1 46 ? 5.014   15.230  -13.801 1.00 90.48  ? 50  C   X "O4'" 1 
ATOM   975  C  "C3'" . C   A 1 46 ? 4.853   17.067  -15.236 1.00 95.23  ? 50  C   X "C3'" 1 
ATOM   976  O  "O3'" . C   A 1 46 ? 4.554   17.481  -16.558 1.00 94.52  ? 50  C   X "O3'" 1 
ATOM   977  C  "C2'" . C   A 1 46 ? 3.640   17.109  -14.312 1.00 97.48  ? 50  C   X "C2'" 1 
ATOM   978  O  "O2'" . C   A 1 46 ? 2.471   16.676  -14.993 1.00 101.31 ? 50  C   X "O2'" 1 
ATOM   979  C  "C1'" . C   A 1 46 ? 4.001   16.051  -13.263 1.00 92.49  ? 50  C   X "C1'" 1 
ATOM   980  N  N1    . C   A 1 46 ? 4.458   16.635  -11.982 1.00 90.07  ? 50  C   X N1    1 
ATOM   981  C  C2    . C   A 1 46 ? 3.479   17.125  -11.120 1.00 91.42  ? 50  C   X C2    1 
ATOM   982  O  O2    . C   A 1 46 ? 2.298   17.059  -11.468 1.00 96.28  ? 50  C   X O2    1 
ATOM   983  N  N3    . C   A 1 46 ? 3.825   17.659  -9.935  1.00 89.96  ? 50  C   X N3    1 
ATOM   984  C  C4    . C   A 1 46 ? 5.104   17.703  -9.594  1.00 90.22  ? 50  C   X C4    1 
ATOM   985  N  N4    . C   A 1 46 ? 5.392   18.240  -8.408  1.00 91.40  ? 50  C   X N4    1 
ATOM   986  C  C5    . C   A 1 46 ? 6.132   17.208  -10.448 1.00 87.59  ? 50  C   X C5    1 
ATOM   987  C  C6    . C   A 1 46 ? 5.773   16.682  -11.626 1.00 88.62  ? 50  C   X C6    1 
ATOM   988  P  P     . A   A 1 47 ? 5.331   18.716  -17.214 1.00 95.47  ? 51  A   X P     1 
ATOM   989  O  OP1   . A   A 1 47 ? 4.902   18.812  -18.632 1.00 95.92  ? 51  A   X OP1   1 
ATOM   990  O  OP2   . A   A 1 47 ? 6.770   18.548  -16.886 1.00 86.74  ? 51  A   X OP2   1 
ATOM   991  O  "O5'" . A   A 1 47 ? 4.767   19.976  -16.417 1.00 96.35  ? 51  A   X "O5'" 1 
ATOM   992  C  "C5'" . A   A 1 47 ? 4.805   21.286  -16.969 1.00 97.66  ? 51  A   X "C5'" 1 
ATOM   993  C  "C4'" . A   A 1 47 ? 3.699   22.142  -16.405 1.00 102.95 ? 51  A   X "C4'" 1 
ATOM   994  O  "O4'" . A   A 1 47 ? 3.837   22.206  -14.959 1.00 98.50  ? 51  A   X "O4'" 1 
ATOM   995  C  "C3'" . A   A 1 47 ? 3.668   23.589  -16.898 1.00 108.24 ? 51  A   X "C3'" 1 
ATOM   996  O  "O3'" . A   A 1 47 ? 2.312   24.030  -17.013 1.00 114.13 ? 51  A   X "O3'" 1 
ATOM   997  C  "C2'" . A   A 1 47 ? 4.366   24.349  -15.772 1.00 104.50 ? 51  A   X "C2'" 1 
ATOM   998  O  "O2'" . A   A 1 47 ? 4.010   25.716  -15.674 1.00 104.13 ? 51  A   X "O2'" 1 
ATOM   999  C  "C1'" . A   A 1 47 ? 3.929   23.556  -14.542 1.00 99.53  ? 51  A   X "C1'" 1 
ATOM   1000 N  N9    . A   A 1 47 ? 4.875   23.618  -13.426 1.00 97.25  ? 51  A   X N9    1 
ATOM   1001 C  C8    . A   A 1 47 ? 6.186   23.198  -13.415 1.00 96.44  ? 51  A   X C8    1 
ATOM   1002 N  N7    . A   A 1 47 ? 6.785   23.367  -12.261 1.00 97.07  ? 51  A   X N7    1 
ATOM   1003 C  C5    . A   A 1 47 ? 5.801   23.936  -11.455 1.00 96.99  ? 51  A   X C5    1 
ATOM   1004 C  C6    . A   A 1 47 ? 5.801   24.360  -10.109 1.00 97.15  ? 51  A   X C6    1 
ATOM   1005 N  N6    . A   A 1 47 ? 6.862   24.269  -9.297  1.00 95.54  ? 51  A   X N6    1 
ATOM   1006 N  N1    . A   A 1 47 ? 4.653   24.882  -9.618  1.00 94.57  ? 51  A   X N1    1 
ATOM   1007 C  C2    . A   A 1 47 ? 3.584   24.964  -10.425 1.00 95.61  ? 51  A   X C2    1 
ATOM   1008 N  N3    . A   A 1 47 ? 3.463   24.603  -11.702 1.00 94.87  ? 51  A   X N3    1 
ATOM   1009 C  C4    . A   A 1 47 ? 4.618   24.089  -12.161 1.00 95.79  ? 51  A   X C4    1 
ATOM   1010 P  P     . C   A 1 48 ? 1.752   24.556  -18.426 1.00 114.43 ? 52  C   X P     1 
ATOM   1011 O  OP1   . C   A 1 48 ? 1.121   23.394  -19.123 1.00 110.09 ? 52  C   X OP1   1 
ATOM   1012 O  OP2   . C   A 1 48 ? 2.887   25.242  -19.106 1.00 117.09 ? 52  C   X OP2   1 
ATOM   1013 O  "O5'" . C   A 1 48 ? 0.712   25.711  -18.030 1.00 120.89 ? 52  C   X "O5'" 1 
ATOM   1014 C  "C5'" . C   A 1 48 ? -0.701  25.530  -18.104 1.00 120.74 ? 52  C   X "C5'" 1 
ATOM   1015 C  "C4'" . C   A 1 48 ? -1.130  24.293  -17.361 1.00 117.48 ? 52  C   X "C4'" 1 
ATOM   1016 O  "O4'" . C   A 1 48 ? -0.650  24.331  -15.998 1.00 118.25 ? 52  C   X "O4'" 1 
ATOM   1017 C  "C3'" . C   A 1 48 ? -2.615  24.018  -17.204 1.00 117.70 ? 52  C   X "C3'" 1 
ATOM   1018 O  "O3'" . C   A 1 48 ? -3.206  23.530  -18.404 1.00 122.63 ? 52  C   X "O3'" 1 
ATOM   1019 C  "C2'" . C   A 1 48 ? -2.616  22.993  -16.072 1.00 116.14 ? 52  C   X "C2'" 1 
ATOM   1020 O  "O2'" . C   A 1 48 ? -2.260  21.724  -16.593 1.00 114.34 ? 52  C   X "O2'" 1 
ATOM   1021 C  "C1'" . C   A 1 48 ? -1.444  23.478  -15.203 1.00 114.30 ? 52  C   X "C1'" 1 
ATOM   1022 N  N1    . C   A 1 48 ? -1.863  24.166  -13.951 1.00 112.29 ? 52  C   X N1    1 
ATOM   1023 C  C2    . C   A 1 48 ? -1.007  24.061  -12.832 1.00 112.09 ? 52  C   X C2    1 
ATOM   1024 O  O2    . C   A 1 48 ? 0.073   23.445  -12.934 1.00 111.10 ? 52  C   X O2    1 
ATOM   1025 N  N3    . C   A 1 48 ? -1.341  24.652  -11.657 1.00 108.84 ? 52  C   X N3    1 
ATOM   1026 C  C4    . C   A 1 48 ? -2.495  25.309  -11.553 1.00 107.97 ? 52  C   X C4    1 
ATOM   1027 N  N4    . C   A 1 48 ? -2.770  25.862  -10.366 1.00 103.38 ? 52  C   X N4    1 
ATOM   1028 C  C5    . C   A 1 48 ? -3.398  25.418  -12.661 1.00 110.99 ? 52  C   X C5    1 
ATOM   1029 C  C6    . C   A 1 48 ? -3.054  24.836  -13.826 1.00 112.25 ? 52  C   X C6    1 
ATOM   1030 P  P     . A   A 1 49 ? -4.761  23.102  -18.476 1.00 125.23 ? 53  A   X P     1 
ATOM   1031 O  OP1   . A   A 1 49 ? -5.081  22.866  -19.908 1.00 123.08 ? 53  A   X OP1   1 
ATOM   1032 O  OP2   . A   A 1 49 ? -5.549  24.091  -17.686 1.00 118.55 ? 53  A   X OP2   1 
ATOM   1033 O  "O5'" . A   A 1 49 ? -4.826  21.680  -17.743 1.00 122.02 ? 53  A   X "O5'" 1 
ATOM   1034 C  "C5'" . A   A 1 49 ? -5.557  20.582  -18.285 1.00 120.54 ? 53  A   X "C5'" 1 
ATOM   1035 C  "C4'" . A   A 1 49 ? -4.818  19.275  -18.098 1.00 118.39 ? 53  A   X "C4'" 1 
ATOM   1036 O  "O4'" . A   A 1 49 ? -3.420  19.559  -17.779 1.00 117.44 ? 53  A   X "O4'" 1 
ATOM   1037 C  "C3'" . A   A 1 49 ? -5.263  18.382  -16.941 1.00 120.97 ? 53  A   X "C3'" 1 
ATOM   1038 O  "O3'" . A   A 1 49 ? -6.479  17.645  -17.110 1.00 122.71 ? 53  A   X "O3'" 1 
ATOM   1039 C  "C2'" . A   A 1 49 ? -4.012  17.539  -16.693 1.00 119.43 ? 53  A   X "C2'" 1 
ATOM   1040 O  "O2'" . A   A 1 49 ? -3.829  16.567  -17.714 1.00 118.26 ? 53  A   X "O2'" 1 
ATOM   1041 C  "C1'" . A   A 1 49 ? -2.925  18.589  -16.866 1.00 115.84 ? 53  A   X "C1'" 1 
ATOM   1042 N  N9    . A   A 1 49 ? -2.602  19.228  -15.570 1.00 113.15 ? 53  A   X N9    1 
ATOM   1043 C  C8    . A   A 1 49 ? -3.469  19.814  -14.671 1.00 110.62 ? 53  A   X C8    1 
ATOM   1044 N  N7    . A   A 1 49 ? -2.899  20.296  -13.599 1.00 107.05 ? 53  A   X N7    1 
ATOM   1045 C  C5    . A   A 1 49 ? -1.559  19.996  -13.793 1.00 108.62 ? 53  A   X C5    1 
ATOM   1046 C  C6    . A   A 1 49 ? -0.427  20.244  -13.004 1.00 105.00 ? 53  A   X C6    1 
ATOM   1047 N  N6    . A   A 1 49 ? -0.489  20.868  -11.825 1.00 102.62 ? 53  A   X N6    1 
ATOM   1048 N  N1    . A   A 1 49 ? 0.769   19.826  -13.475 1.00 103.20 ? 53  A   X N1    1 
ATOM   1049 C  C2    . A   A 1 49 ? 0.813   19.202  -14.659 1.00 104.03 ? 53  A   X C2    1 
ATOM   1050 N  N3    . A   A 1 49 ? -0.183  18.907  -15.491 1.00 109.46 ? 53  A   X N3    1 
ATOM   1051 C  C4    . A   A 1 49 ? -1.357  19.337  -14.995 1.00 110.48 ? 53  A   X C4    1 
ATOM   1052 P  P     . A   A 1 50 ? -6.795  16.758  -18.418 1.00 126.59 ? 54  A   X P     1 
ATOM   1053 O  OP1   . A   A 1 50 ? -5.564  16.147  -18.987 1.00 122.68 ? 54  A   X OP1   1 
ATOM   1054 O  OP2   . A   A 1 50 ? -7.601  17.666  -19.277 1.00 121.26 ? 54  A   X OP2   1 
ATOM   1055 O  "O5'" . A   A 1 50 ? -7.743  15.570  -17.904 1.00 118.38 ? 54  A   X "O5'" 1 
ATOM   1056 C  "C5'" . A   A 1 50 ? -7.503  14.828  -16.705 1.00 116.95 ? 54  A   X "C5'" 1 
ATOM   1057 C  "C4'" . A   A 1 50 ? -6.278  13.947  -16.789 1.00 114.23 ? 54  A   X "C4'" 1 
ATOM   1058 O  "O4'" . A   A 1 50 ? -5.132  14.751  -16.472 1.00 117.44 ? 54  A   X "O4'" 1 
ATOM   1059 C  "C3'" . A   A 1 50 ? -6.218  12.768  -15.819 1.00 115.28 ? 54  A   X "C3'" 1 
ATOM   1060 O  "O3'" . A   A 1 50 ? -6.775  11.600  -16.415 1.00 115.43 ? 54  A   X "O3'" 1 
ATOM   1061 C  "C2'" . A   A 1 50 ? -4.726  12.619  -15.480 1.00 115.01 ? 54  A   X "C2'" 1 
ATOM   1062 O  "O2'" . A   A 1 50 ? -4.102  11.660  -16.318 1.00 116.79 ? 54  A   X "O2'" 1 
ATOM   1063 C  "C1'" . A   A 1 50 ? -4.145  13.986  -15.832 1.00 116.33 ? 54  A   X "C1'" 1 
ATOM   1064 N  N9    . A   A 1 50 ? -3.577  14.770  -14.712 1.00 112.78 ? 54  A   X N9    1 
ATOM   1065 C  C8    . A   A 1 50 ? -4.206  15.634  -13.844 1.00 111.00 ? 54  A   X C8    1 
ATOM   1066 N  N7    . A   A 1 50 ? -3.389  16.234  -13.009 1.00 107.33 ? 54  A   X N7    1 
ATOM   1067 C  C5    . A   A 1 50 ? -2.138  15.748  -13.368 1.00 107.62 ? 54  A   X C5    1 
ATOM   1068 C  C6    . A   A 1 50 ? -0.849  15.994  -12.869 1.00 106.02 ? 54  A   X C6    1 
ATOM   1069 N  N6    . A   A 1 50 ? -0.605  16.827  -11.853 1.00 104.06 ? 54  A   X N6    1 
ATOM   1070 N  N1    . A   A 1 50 ? 0.188   15.351  -13.453 1.00 105.45 ? 54  A   X N1    1 
ATOM   1071 C  C2    . A   A 1 50 ? -0.062  14.520  -14.472 1.00 106.00 ? 54  A   X C2    1 
ATOM   1072 N  N3    . A   A 1 50 ? -1.229  14.207  -15.028 1.00 108.45 ? 54  A   X N3    1 
ATOM   1073 C  C4    . A   A 1 50 ? -2.237  14.861  -14.424 1.00 108.41 ? 54  A   X C4    1 
ATOM   1074 P  P     . A   A 1 51 ? -6.667  10.139  -15.740 1.00 122.21 ? 55  A   X P     1 
ATOM   1075 O  OP1   . A   A 1 51 ? -7.448  9.207   -16.587 1.00 120.67 ? 55  A   X OP1   1 
ATOM   1076 O  OP2   . A   A 1 51 ? -6.969  10.238  -14.288 1.00 122.81 ? 55  A   X OP2   1 
ATOM   1077 O  "O5'" . A   A 1 51 ? -5.146  9.700   -15.918 1.00 117.26 ? 55  A   X "O5'" 1 
ATOM   1078 C  "C5'" . A   A 1 51 ? -4.516  8.862   -14.957 1.00 114.94 ? 55  A   X "C5'" 1 
ATOM   1079 C  "C4'" . A   A 1 51 ? -3.015  8.949   -15.047 1.00 111.96 ? 55  A   X "C4'" 1 
ATOM   1080 O  "O4'" . A   A 1 51 ? -2.600  10.341  -15.145 1.00 112.38 ? 55  A   X "O4'" 1 
ATOM   1081 C  "C3'" . A   A 1 51 ? -2.251  8.440   -13.843 1.00 107.92 ? 55  A   X "C3'" 1 
ATOM   1082 O  "O3'" . A   A 1 51 ? -2.166  7.035   -13.774 1.00 109.37 ? 55  A   X "O3'" 1 
ATOM   1083 C  "C2'" . A   A 1 51 ? -0.917  9.142   -13.996 1.00 109.47 ? 55  A   X "C2'" 1 
ATOM   1084 O  "O2'" . A   A 1 51 ? -0.168  8.548   -15.045 1.00 107.68 ? 55  A   X "O2'" 1 
ATOM   1085 C  "C1'" . A   A 1 51 ? -1.383  10.524  -14.448 1.00 109.81 ? 55  A   X "C1'" 1 
ATOM   1086 N  N9    . A   A 1 51 ? -1.630  11.410  -13.286 1.00 109.10 ? 55  A   X N9    1 
ATOM   1087 C  C8    . A   A 1 51 ? -2.835  11.782  -12.737 1.00 108.63 ? 55  A   X C8    1 
ATOM   1088 N  N7    . A   A 1 51 ? -2.737  12.569  -11.690 1.00 103.43 ? 55  A   X N7    1 
ATOM   1089 C  C5    . A   A 1 51 ? -1.369  12.727  -11.527 1.00 103.13 ? 55  A   X C5    1 
ATOM   1090 C  C6    . A   A 1 51 ? -0.600  13.446  -10.594 1.00 98.77  ? 55  A   X C6    1 
ATOM   1091 N  N6    . A   A 1 51 ? -1.111  14.175  -9.604  1.00 97.77  ? 55  A   X N6    1 
ATOM   1092 N  N1    . A   A 1 51 ? 0.739   13.398  -10.706 1.00 97.42  ? 55  A   X N1    1 
ATOM   1093 C  C2    . A   A 1 51 ? 1.267   12.671  -11.692 1.00 100.51 ? 55  A   X C2    1 
ATOM   1094 N  N3    . A   A 1 51 ? 0.654   11.951  -12.626 1.00 107.14 ? 55  A   X N3    1 
ATOM   1095 C  C4    . A   A 1 51 ? -0.680  12.018  -12.493 1.00 106.62 ? 55  A   X C4    1 
ATOM   1096 P  P     . U   A 1 52 ? -2.718  6.292   -12.455 1.00 123.76 ? 56  U   X P     1 
ATOM   1097 O  OP1   . U   A 1 52 ? -2.051  4.967   -12.313 1.00 112.00 ? 56  U   X OP1   1 
ATOM   1098 O  OP2   . U   A 1 52 ? -4.203  6.360   -12.515 1.00 122.25 ? 56  U   X OP2   1 
ATOM   1099 O  "O5'" . U   A 1 52 ? -2.245  7.236   -11.254 1.00 117.14 ? 56  U   X "O5'" 1 
ATOM   1100 C  "C5'" . U   A 1 52 ? -1.090  6.930   -10.478 1.00 110.24 ? 56  U   X "C5'" 1 
ATOM   1101 C  "C4'" . U   A 1 52 ? 0.176   7.314   -11.202 1.00 106.12 ? 56  U   X "C4'" 1 
ATOM   1102 O  "O4'" . U   A 1 52 ? 0.366   8.757   -11.169 1.00 107.97 ? 56  U   X "O4'" 1 
ATOM   1103 C  "C3'" . U   A 1 52 ? 1.472   6.771   -10.631 1.00 99.36  ? 56  U   X "C3'" 1 
ATOM   1104 O  "O3'" . U   A 1 52 ? 1.721   5.424   -10.962 1.00 96.25  ? 56  U   X "O3'" 1 
ATOM   1105 C  "C2'" . U   A 1 52 ? 2.499   7.723   -11.208 1.00 97.04  ? 56  U   X "C2'" 1 
ATOM   1106 O  "O2'" . U   A 1 52 ? 2.735   7.433   -12.576 1.00 100.28 ? 56  U   X "O2'" 1 
ATOM   1107 C  "C1'" . U   A 1 52 ? 1.749   9.050   -11.123 1.00 101.97 ? 56  U   X "C1'" 1 
ATOM   1108 N  N1    . U   A 1 52 ? 2.044   9.780   -9.865  1.00 101.72 ? 56  U   X N1    1 
ATOM   1109 C  C2    . U   A 1 52 ? 3.376   9.973   -9.464  1.00 96.53  ? 56  U   X C2    1 
ATOM   1110 O  O2    . U   A 1 52 ? 4.369   9.571   -10.057 1.00 92.22  ? 56  U   X O2    1 
ATOM   1111 N  N3    . U   A 1 52 ? 3.540   10.673  -8.291  1.00 93.28  ? 56  U   X N3    1 
ATOM   1112 C  C4    . U   A 1 52 ? 2.556   11.205  -7.485  1.00 96.39  ? 56  U   X C4    1 
ATOM   1113 O  O4    . U   A 1 52 ? 2.895   11.811  -6.457  1.00 92.26  ? 56  U   X O4    1 
ATOM   1114 C  C5    . U   A 1 52 ? 1.215   10.976  -7.970  1.00 100.05 ? 56  U   X C5    1 
ATOM   1115 C  C6    . U   A 1 52 ? 1.008   10.299  -9.113  1.00 99.62  ? 56  U   X C6    1 
ATOM   1116 P  P     . U   A 1 53 ? 2.374   4.470   -9.854  1.00 98.93  ? 57  U   X P     1 
ATOM   1117 O  OP1   . U   A 1 53 ? 2.292   3.057   -10.310 1.00 100.61 ? 57  U   X OP1   1 
ATOM   1118 O  OP2   . U   A 1 53 ? 1.754   4.892   -8.570  1.00 96.92  ? 57  U   X OP2   1 
ATOM   1119 O  "O5'" . U   A 1 53 ? 3.913   4.896   -9.816  1.00 95.96  ? 57  U   X "O5'" 1 
ATOM   1120 C  "C5'" . U   A 1 53 ? 4.773   4.650   -10.920 1.00 92.03  ? 57  U   X "C5'" 1 
ATOM   1121 C  "C4'" . U   A 1 53 ? 6.223   4.832   -10.540 1.00 88.19  ? 57  U   X "C4'" 1 
ATOM   1122 O  "O4'" . U   A 1 53 ? 6.493   6.234   -10.293 1.00 89.36  ? 57  U   X "O4'" 1 
ATOM   1123 C  "C3'" . U   A 1 53 ? 6.659   4.144   -9.256  1.00 87.99  ? 57  U   X "C3'" 1 
ATOM   1124 O  "O3'" . U   A 1 53 ? 6.957   2.770   -9.419  1.00 88.80  ? 57  U   X "O3'" 1 
ATOM   1125 C  "C2'" . U   A 1 53 ? 7.860   4.967   -8.824  1.00 83.78  ? 57  U   X "C2'" 1 
ATOM   1126 O  "O2'" . U   A 1 53 ? 9.011   4.601   -9.568  1.00 83.94  ? 57  U   X "O2'" 1 
ATOM   1127 C  "C1'" . U   A 1 53 ? 7.427   6.370   -9.241  1.00 86.54  ? 57  U   X "C1'" 1 
ATOM   1128 N  N1    . U   A 1 53 ? 6.777   7.083   -8.120  1.00 85.57  ? 57  U   X N1    1 
ATOM   1129 C  C2    . U   A 1 53 ? 7.586   7.497   -7.086  1.00 80.05  ? 57  U   X C2    1 
ATOM   1130 O  O2    . U   A 1 53 ? 8.789   7.304   -7.075  1.00 80.87  ? 57  U   X O2    1 
ATOM   1131 N  N3    . U   A 1 53 ? 6.937   8.148   -6.065  1.00 77.96  ? 57  U   X N3    1 
ATOM   1132 C  C4    . U   A 1 53 ? 5.590   8.418   -5.972  1.00 79.28  ? 57  U   X C4    1 
ATOM   1133 O  O4    . U   A 1 53 ? 5.159   9.014   -4.984  1.00 75.95  ? 57  U   X O4    1 
ATOM   1134 C  C5    . U   A 1 53 ? 4.815   7.955   -7.083  1.00 84.87  ? 57  U   X C5    1 
ATOM   1135 C  C6    . U   A 1 53 ? 5.419   7.314   -8.091  1.00 88.79  ? 57  U   X C6    1 
ATOM   1136 P  P     . U   A 1 54 ? 6.838   1.801   -8.151  1.00 89.04  ? 58  U   X P     1 
ATOM   1137 O  OP1   . U   A 1 54 ? 7.073   0.415   -8.634  1.00 89.37  ? 58  U   X OP1   1 
ATOM   1138 O  OP2   . U   A 1 54 ? 5.558   2.160   -7.483  1.00 83.88  ? 58  U   X OP2   1 
ATOM   1139 O  "O5'" . U   A 1 54 ? 8.065   2.221   -7.211  1.00 81.32  ? 58  U   X "O5'" 1 
ATOM   1140 C  "C5'" . U   A 1 54 ? 9.402   1.941   -7.607  1.00 81.84  ? 58  U   X "C5'" 1 
ATOM   1141 C  "C4'" . U   A 1 54 ? 10.447  2.608   -6.734  1.00 83.44  ? 58  U   X "C4'" 1 
ATOM   1142 O  "O4'" . U   A 1 54 ? 10.214  4.038   -6.632  1.00 86.29  ? 58  U   X "O4'" 1 
ATOM   1143 C  "C3'" . U   A 1 54 ? 10.529  2.167   -5.287  1.00 83.46  ? 58  U   X "C3'" 1 
ATOM   1144 O  "O3'" . U   A 1 54 ? 11.152  0.913   -5.109  1.00 86.11  ? 58  U   X "O3'" 1 
ATOM   1145 C  "C2'" . U   A 1 54 ? 11.287  3.319   -4.644  1.00 77.95  ? 58  U   X "C2'" 1 
ATOM   1146 O  "O2'" . U   A 1 54 ? 12.663  3.273   -4.977  1.00 79.83  ? 58  U   X "O2'" 1 
ATOM   1147 C  "C1'" . U   A 1 54 ? 10.671  4.503   -5.372  1.00 81.23  ? 58  U   X "C1'" 1 
ATOM   1148 N  N1    . U   A 1 54 ? 9.523   5.057   -4.624  1.00 82.87  ? 58  U   X N1    1 
ATOM   1149 C  C2    . U   A 1 54 ? 9.797   5.749   -3.453  1.00 77.70  ? 58  U   X C2    1 
ATOM   1150 O  O2    . U   A 1 54 ? 10.924  5.914   -3.010  1.00 75.00  ? 58  U   X O2    1 
ATOM   1151 N  N3    . U   A 1 54 ? 8.689   6.242   -2.811  1.00 74.75  ? 58  U   X N3    1 
ATOM   1152 C  C4    . U   A 1 54 ? 7.376   6.122   -3.223  1.00 79.17  ? 58  U   X C4    1 
ATOM   1153 O  O4    . U   A 1 54 ? 6.486   6.632   -2.542  1.00 80.11  ? 58  U   X O4    1 
ATOM   1154 C  C5    . U   A 1 54 ? 7.177   5.391   -4.440  1.00 79.54  ? 58  U   X C5    1 
ATOM   1155 C  C6    . U   A 1 54 ? 8.236   4.896   -5.086  1.00 80.82  ? 58  U   X C6    1 
ATOM   1156 P  P     . C   A 1 55 ? 10.665  -0.036  -3.908  1.00 85.59  ? 59  C   X P     1 
ATOM   1157 O  OP1   . C   A 1 55 ? 11.265  -1.373  -4.133  1.00 85.00  ? 59  C   X OP1   1 
ATOM   1158 O  OP2   . C   A 1 55 ? 9.196   0.125   -3.758  1.00 79.69  ? 59  C   X OP2   1 
ATOM   1159 O  "O5'" . C   A 1 55 ? 11.371  0.587   -2.624  1.00 82.14  ? 59  C   X "O5'" 1 
ATOM   1160 C  "C5'" . C   A 1 55 ? 12.783  0.701   -2.557  1.00 77.13  ? 59  C   X "C5'" 1 
ATOM   1161 C  "C4'" . C   A 1 55 ? 13.207  1.636   -1.456  1.00 77.52  ? 59  C   X "C4'" 1 
ATOM   1162 O  "O4'" . C   A 1 55 ? 12.669  2.968   -1.691  1.00 78.67  ? 59  C   X "O4'" 1 
ATOM   1163 C  "C3'" . C   A 1 55 ? 12.706  1.307   -0.064  1.00 75.27  ? 59  C   X "C3'" 1 
ATOM   1164 O  "O3'" . C   A 1 55 ? 13.371  0.231   0.564   1.00 78.03  ? 59  C   X "O3'" 1 
ATOM   1165 C  "C2'" . C   A 1 55 ? 12.861  2.641   0.644   1.00 75.46  ? 59  C   X "C2'" 1 
ATOM   1166 O  "O2'" . C   A 1 55 ? 14.227  2.925   0.893   1.00 78.82  ? 59  C   X "O2'" 1 
ATOM   1167 C  "C1'" . C   A 1 55 ? 12.391  3.590   -0.448  1.00 74.41  ? 59  C   X "C1'" 1 
ATOM   1168 N  N1    . C   A 1 55 ? 10.939  3.815   -0.345  1.00 73.07  ? 59  C   X N1    1 
ATOM   1169 C  C2    . C   A 1 55 ? 10.459  4.583   0.714   1.00 72.81  ? 59  C   X C2    1 
ATOM   1170 O  O2    . C   A 1 55 ? 11.259  5.065   1.526   1.00 73.44  ? 59  C   X O2    1 
ATOM   1171 N  N3    . C   A 1 55 ? 9.134   4.791   0.831   1.00 72.12  ? 59  C   X N3    1 
ATOM   1172 C  C4    . C   A 1 55 ? 8.304   4.253   -0.062  1.00 75.88  ? 59  C   X C4    1 
ATOM   1173 N  N4    . C   A 1 55 ? 6.991   4.474   0.076   1.00 76.31  ? 59  C   X N4    1 
ATOM   1174 C  C5    . C   A 1 55 ? 8.772   3.456   -1.147  1.00 75.81  ? 59  C   X C5    1 
ATOM   1175 C  C6    . C   A 1 55 ? 10.088  3.263   -1.248  1.00 74.84  ? 59  C   X C6    1 
ATOM   1176 P  P     . U   A 1 56 ? 12.516  -0.753  1.499   1.00 81.94  ? 60  U   X P     1 
ATOM   1177 O  OP1   . U   A 1 56 ? 13.368  -1.900  1.916   1.00 80.98  ? 60  U   X OP1   1 
ATOM   1178 O  OP2   . U   A 1 56 ? 11.194  -0.945  0.852   1.00 74.83  ? 60  U   X OP2   1 
ATOM   1179 O  "O5'" . U   A 1 56 ? 12.259  0.109   2.809   1.00 79.79  ? 60  U   X "O5'" 1 
ATOM   1180 C  "C5'" . U   A 1 56 ? 13.314  0.347   3.727   1.00 78.87  ? 60  U   X "C5'" 1 
ATOM   1181 C  "C4'" . U   A 1 56 ? 12.878  1.250   4.844   1.00 72.94  ? 60  U   X "C4'" 1 
ATOM   1182 O  "O4'" . U   A 1 56 ? 12.261  2.444   4.297   1.00 68.99  ? 60  U   X "O4'" 1 
ATOM   1183 C  "C3'" . U   A 1 56 ? 11.811  0.715   5.782   1.00 70.23  ? 60  U   X "C3'" 1 
ATOM   1184 O  "O3'" . U   A 1 56 ? 12.288  -0.234  6.719   1.00 74.60  ? 60  U   X "O3'" 1 
ATOM   1185 C  "C2'" . U   A 1 56 ? 11.300  1.997   6.419   1.00 74.44  ? 60  U   X "C2'" 1 
ATOM   1186 O  "O2'" . U   A 1 56 ? 12.243  2.477   7.367   1.00 77.00  ? 60  U   X "O2'" 1 
ATOM   1187 C  "C1'" . U   A 1 56 ? 11.318  2.947   5.221   1.00 70.03  ? 60  U   X "C1'" 1 
ATOM   1188 N  N1    . U   A 1 56 ? 9.991   3.055   4.576   1.00 70.75  ? 60  U   X N1    1 
ATOM   1189 C  C2    . U   A 1 56 ? 9.044   3.850   5.194   1.00 70.71  ? 60  U   X C2    1 
ATOM   1190 O  O2    . U   A 1 56 ? 9.231   4.472   6.225   1.00 71.61  ? 60  U   X O2    1 
ATOM   1191 N  N3    . U   A 1 56 ? 7.840   3.904   4.563   1.00 69.65  ? 60  U   X N3    1 
ATOM   1192 C  C4    . U   A 1 56 ? 7.490   3.274   3.402   1.00 67.70  ? 60  U   X C4    1 
ATOM   1193 O  O4    . U   A 1 56 ? 6.357   3.440   2.958   1.00 67.92  ? 60  U   X O4    1 
ATOM   1194 C  C5    . U   A 1 56 ? 8.517   2.471   2.829   1.00 67.96  ? 60  U   X C5    1 
ATOM   1195 C  C6    . U   A 1 56 ? 9.708   2.388   3.419   1.00 69.67  ? 60  U   X C6    1 
ATOM   1196 P  P     . U   A 1 57 ? 11.345  -1.461  7.191   1.00 70.79  ? 61  U   X P     1 
ATOM   1197 O  OP1   . U   A 1 57 ? 12.158  -2.271  8.138   1.00 64.24  ? 61  U   X OP1   1 
ATOM   1198 O  OP2   . U   A 1 57 ? 10.743  -2.088  5.979   1.00 63.55  ? 61  U   X OP2   1 
ATOM   1199 O  "O5'" . U   A 1 57 ? 10.178  -0.761  8.029   1.00 68.79  ? 61  U   X "O5'" 1 
ATOM   1200 C  "C5'" . U   A 1 57 ? 10.483  0.069   9.144   1.00 72.38  ? 61  U   X "C5'" 1 
ATOM   1201 C  "C4'" . U   A 1 57 ? 9.268   0.791   9.688   1.00 73.28  ? 61  U   X "C4'" 1 
ATOM   1202 O  "O4'" . U   A 1 57 ? 8.775   1.781   8.748   1.00 62.11  ? 61  U   X "O4'" 1 
ATOM   1203 C  "C3'" . U   A 1 57 ? 8.056   -0.069  9.980   1.00 70.98  ? 61  U   X "C3'" 1 
ATOM   1204 O  "O3'" . U   A 1 57 ? 8.190   -0.794  11.187  1.00 75.76  ? 61  U   X "O3'" 1 
ATOM   1205 C  "C2'" . U   A 1 57 ? 6.917   0.946   9.977   1.00 73.23  ? 61  U   X "C2'" 1 
ATOM   1206 O  "O2'" . U   A 1 57 ? 6.875   1.664   11.202  1.00 75.14  ? 61  U   X "O2'" 1 
ATOM   1207 C  "C1'" . U   A 1 57 ? 7.376   1.909   8.880   1.00 66.83  ? 61  U   X "C1'" 1 
ATOM   1208 N  N1    . U   A 1 57 ? 6.758   1.620   7.568   1.00 69.07  ? 61  U   X N1    1 
ATOM   1209 C  C2    . U   A 1 57 ? 5.510   2.154   7.328   1.00 68.11  ? 61  U   X C2    1 
ATOM   1210 O  O2    . U   A 1 57 ? 4.912   2.818   8.152   1.00 68.47  ? 61  U   X O2    1 
ATOM   1211 N  N3    . U   A 1 57 ? 4.975   1.885   6.098   1.00 66.40  ? 61  U   X N3    1 
ATOM   1212 C  C4    . U   A 1 57 ? 5.562   1.157   5.089   1.00 68.02  ? 61  U   X C4    1 
ATOM   1213 O  O4    . U   A 1 57 ? 4.953   1.006   4.022   1.00 67.18  ? 61  U   X O4    1 
ATOM   1214 C  C5    . U   A 1 57 ? 6.856   0.639   5.418   1.00 67.09  ? 61  U   X C5    1 
ATOM   1215 C  C6    . U   A 1 57 ? 7.402   0.880   6.612   1.00 68.08  ? 61  U   X C6    1 
ATOM   1216 P  P     . A   A 1 58 ? 7.917   -2.383  11.198  1.00 77.39  ? 62  A   X P     1 
ATOM   1217 O  OP1   . A   A 1 58 ? 8.289   -2.909  12.533  1.00 74.78  ? 62  A   X OP1   1 
ATOM   1218 O  OP2   . A   A 1 58 ? 8.463   -3.031  9.973   1.00 70.89  ? 62  A   X OP2   1 
ATOM   1219 O  "O5'" . A   A 1 58 ? 6.342   -2.464  11.084  1.00 71.80  ? 62  A   X "O5'" 1 
ATOM   1220 C  "C5'" . A   A 1 58 ? 5.594   -2.864  12.209  1.00 75.52  ? 62  A   X "C5'" 1 
ATOM   1221 C  "C4'" . A   A 1 58 ? 4.179   -2.383  12.133  1.00 73.51  ? 62  A   X "C4'" 1 
ATOM   1222 O  "O4'" . A   A 1 58 ? 3.832   -1.994  10.779  1.00 70.11  ? 62  A   X "O4'" 1 
ATOM   1223 C  "C3'" . A   A 1 58 ? 3.161   -3.435  12.497  1.00 65.72  ? 62  A   X "C3'" 1 
ATOM   1224 O  "O3'" . A   A 1 58 ? 3.031   -3.534  13.893  1.00 71.06  ? 62  A   X "O3'" 1 
ATOM   1225 C  "C2'" . A   A 1 58 ? 1.903   -2.954  11.789  1.00 71.41  ? 62  A   X "C2'" 1 
ATOM   1226 O  "O2'" . A   A 1 58 ? 1.259   -1.942  12.549  1.00 74.72  ? 62  A   X "O2'" 1 
ATOM   1227 C  "C1'" . A   A 1 58 ? 2.489   -2.339  10.510  1.00 71.59  ? 62  A   X "C1'" 1 
ATOM   1228 N  N9    . A   A 1 58 ? 2.494   -3.316  9.412   1.00 68.71  ? 62  A   X N9    1 
ATOM   1229 C  C8    . A   A 1 58 ? 3.593   -3.951  8.883   1.00 71.76  ? 62  A   X C8    1 
ATOM   1230 N  N7    . A   A 1 58 ? 3.289   -4.803  7.932   1.00 70.88  ? 62  A   X N7    1 
ATOM   1231 C  C5    . A   A 1 58 ? 1.911   -4.706  7.844   1.00 64.54  ? 62  A   X C5    1 
ATOM   1232 C  C6    . A   A 1 58 ? 1.005   -5.365  7.023   1.00 70.05  ? 62  A   X C6    1 
ATOM   1233 N  N6    . A   A 1 58 ? 1.399   -6.275  6.115   1.00 74.09  ? 62  A   X N6    1 
ATOM   1234 N  N1    . A   A 1 58 ? -0.310  -5.068  7.190   1.00 70.25  ? 62  A   X N1    1 
ATOM   1235 C  C2    . A   A 1 58 ? -0.648  -4.161  8.119   1.00 66.62  ? 62  A   X C2    1 
ATOM   1236 N  N3    . A   A 1 58 ? 0.129   -3.477  8.953   1.00 64.43  ? 62  A   X N3    1 
ATOM   1237 C  C4    . A   A 1 58 ? 1.404   -3.806  8.755   1.00 62.48  ? 62  A   X C4    1 
ATOM   1238 P  P     . C   A 1 59 ? 3.111   -4.971  14.593  1.00 66.78  ? 63  C   X P     1 
ATOM   1239 O  OP1   . C   A 1 59 ? 3.243   -4.710  16.051  1.00 76.17  ? 63  C   X OP1   1 
ATOM   1240 O  OP2   . C   A 1 59 ? 4.146   -5.808  13.917  1.00 60.27  ? 63  C   X OP2   1 
ATOM   1241 O  "O5'" . C   A 1 59 ? 1.685   -5.596  14.252  1.00 63.13  ? 63  C   X "O5'" 1 
ATOM   1242 C  "C5'" . C   A 1 59 ? 0.487   -4.909  14.584  1.00 64.01  ? 63  C   X "C5'" 1 
ATOM   1243 C  "C4'" . C   A 1 59 ? -0.713  -5.481  13.863  1.00 65.14  ? 63  C   X "C4'" 1 
ATOM   1244 O  "O4'" . C   A 1 59 ? -0.651  -5.166  12.441  1.00 65.44  ? 63  C   X "O4'" 1 
ATOM   1245 C  "C3'" . C   A 1 59 ? -0.852  -6.992  13.898  1.00 58.81  ? 63  C   X "C3'" 1 
ATOM   1246 O  "O3'" . C   A 1 59 ? -1.386  -7.488  15.119  1.00 64.44  ? 63  C   X "O3'" 1 
ATOM   1247 C  "C2'" . C   A 1 59 ? -1.735  -7.264  12.685  1.00 64.60  ? 63  C   X "C2'" 1 
ATOM   1248 O  "O2'" . C   A 1 59 ? -3.101  -6.982  12.973  1.00 69.38  ? 63  C   X "O2'" 1 
ATOM   1249 C  "C1'" . C   A 1 59 ? -1.217  -6.223  11.691  1.00 59.25  ? 63  C   X "C1'" 1 
ATOM   1250 N  N1    . C   A 1 59 ? -0.179  -6.799  10.804  1.00 59.63  ? 63  C   X N1    1 
ATOM   1251 C  C2    . C   A 1 59 ? -0.563  -7.539  9.682   1.00 58.17  ? 63  C   X C2    1 
ATOM   1252 O  O2    . C   A 1 59 ? -1.753  -7.707  9.435   1.00 59.10  ? 63  C   X O2    1 
ATOM   1253 N  N3    . C   A 1 59 ? 0.362   -8.082  8.873   1.00 61.41  ? 63  C   X N3    1 
ATOM   1254 C  C4    . C   A 1 59 ? 1.648   -7.917  9.147   1.00 59.24  ? 63  C   X C4    1 
ATOM   1255 N  N4    . C   A 1 59 ? 2.519   -8.485  8.319   1.00 60.88  ? 63  C   X N4    1 
ATOM   1256 C  C5    . C   A 1 59 ? 2.083   -7.182  10.280  1.00 59.57  ? 63  C   X C5    1 
ATOM   1257 C  C6    . C   A 1 59 ? 1.151   -6.650  11.076  1.00 60.93  ? 63  C   X C6    1 
ATOM   1258 P  P     . U   A 1 60 ? -0.892  -8.916  15.693  1.00 60.26  ? 64  U   X P     1 
ATOM   1259 O  OP1   . U   A 1 60 ? -1.504  -9.105  17.027  1.00 60.63  ? 64  U   X OP1   1 
ATOM   1260 O  OP2   . U   A 1 60 ? 0.580   -8.966  15.549  1.00 63.55  ? 64  U   X OP2   1 
ATOM   1261 O  "O5'" . U   A 1 60 ? -1.549  -9.975  14.713  1.00 54.44  ? 64  U   X "O5'" 1 
ATOM   1262 C  "C5'" . U   A 1 60 ? -2.961  -9.967  14.517  1.00 65.41  ? 64  U   X "C5'" 1 
ATOM   1263 C  "C4'" . U   A 1 60 ? -3.390  -10.949 13.458  1.00 57.62  ? 64  U   X "C4'" 1 
ATOM   1264 O  "O4'" . U   A 1 60 ? -3.075  -10.419 12.139  1.00 55.40  ? 64  U   X "O4'" 1 
ATOM   1265 C  "C3'" . U   A 1 60 ? -2.689  -12.298 13.490  1.00 53.09  ? 64  U   X "C3'" 1 
ATOM   1266 O  "O3'" . U   A 1 60 ? -3.225  -13.171 14.476  1.00 52.14  ? 64  U   X "O3'" 1 
ATOM   1267 C  "C2'" . U   A 1 60 ? -2.875  -12.773 12.053  1.00 56.81  ? 64  U   X "C2'" 1 
ATOM   1268 O  "O2'" . U   A 1 60 ? -4.218  -13.163 11.815  1.00 54.94  ? 64  U   X "O2'" 1 
ATOM   1269 C  "C1'" . U   A 1 60 ? -2.660  -11.465 11.290  1.00 53.93  ? 64  U   X "C1'" 1 
ATOM   1270 N  N1    . U   A 1 60 ? -1.232  -11.274 10.967  1.00 50.98  ? 64  U   X N1    1 
ATOM   1271 C  C2    . U   A 1 60 ? -0.714  -12.084 9.991   1.00 54.08  ? 64  U   X C2    1 
ATOM   1272 O  O2    . U   A 1 60 ? -1.369  -12.916 9.384   1.00 57.50  ? 64  U   X O2    1 
ATOM   1273 N  N3    . U   A 1 60 ? 0.609   -11.897 9.743   1.00 55.64  ? 64  U   X N3    1 
ATOM   1274 C  C4    . U   A 1 60 ? 1.460   -11.022 10.368  1.00 56.75  ? 64  U   X C4    1 
ATOM   1275 O  O4    . U   A 1 60 ? 2.635   -11.006 10.013  1.00 57.38  ? 64  U   X O4    1 
ATOM   1276 C  C5    . U   A 1 60 ? 0.858   -10.229 11.388  1.00 55.66  ? 64  U   X C5    1 
ATOM   1277 C  C6    . U   A 1 60 ? -0.440  -10.381 11.646  1.00 55.55  ? 64  U   X C6    1 
ATOM   1278 P  P     . G   A 1 61 ? -2.307  -14.276 15.203  1.00 56.54  ? 65  G   X P     1 
ATOM   1279 O  OP1   . G   A 1 61 ? -3.124  -14.845 16.314  1.00 65.47  ? 65  G   X OP1   1 
ATOM   1280 O  OP2   . G   A 1 61 ? -0.981  -13.689 15.526  1.00 59.70  ? 65  G   X OP2   1 
ATOM   1281 O  "O5'" . G   A 1 61 ? -2.126  -15.422 14.113  1.00 55.77  ? 65  G   X "O5'" 1 
ATOM   1282 C  "C5'" . G   A 1 61 ? -3.267  -16.025 13.513  1.00 53.42  ? 65  G   X "C5'" 1 
ATOM   1283 C  "C4'" . G   A 1 61 ? -2.900  -16.835 12.299  1.00 50.49  ? 65  G   X "C4'" 1 
ATOM   1284 O  "O4'" . G   A 1 61 ? -2.337  -15.980 11.268  1.00 56.15  ? 65  G   X "O4'" 1 
ATOM   1285 C  "C3'" . G   A 1 61 ? -1.839  -17.896 12.508  1.00 52.52  ? 65  G   X "C3'" 1 
ATOM   1286 O  "O3'" . G   A 1 61 ? -2.372  -19.071 13.083  1.00 60.18  ? 65  G   X "O3'" 1 
ATOM   1287 C  "C2'" . G   A 1 61 ? -1.309  -18.110 11.098  1.00 58.47  ? 65  G   X "C2'" 1 
ATOM   1288 O  "O2'" . G   A 1 61 ? -2.233  -18.884 10.345  1.00 53.99  ? 65  G   X "O2'" 1 
ATOM   1289 C  "C1'" . G   A 1 61 ? -1.349  -16.687 10.545  1.00 55.99  ? 65  G   X "C1'" 1 
ATOM   1290 N  N9    . G   A 1 61 ? -0.059  -15.967 10.651  1.00 55.44  ? 65  G   X N9    1 
ATOM   1291 C  C8    . G   A 1 61 ? 0.233   -14.910 11.491  1.00 58.11  ? 65  G   X C8    1 
ATOM   1292 N  N7    . G   A 1 61 ? 1.440   -14.409 11.333  1.00 59.36  ? 65  G   X N7    1 
ATOM   1293 C  C5    . G   A 1 61 ? 1.978   -15.184 10.309  1.00 58.81  ? 65  G   X C5    1 
ATOM   1294 C  C6    . G   A 1 61 ? 3.264   -15.110 9.711   1.00 59.06  ? 65  G   X C6    1 
ATOM   1295 O  O6    . G   A 1 61 ? 4.184   -14.319 9.994   1.00 58.90  ? 65  G   X O6    1 
ATOM   1296 N  N1    . G   A 1 61 ? 3.404   -16.066 8.702   1.00 56.27  ? 65  G   X N1    1 
ATOM   1297 C  C2    . G   A 1 61 ? 2.417   -16.959 8.325   1.00 57.65  ? 65  G   X C2    1 
ATOM   1298 N  N2    . G   A 1 61 ? 2.720   -17.811 7.335   1.00 56.02  ? 65  G   X N2    1 
ATOM   1299 N  N3    . G   A 1 61 ? 1.218   -17.040 8.880   1.00 51.40  ? 65  G   X N3    1 
ATOM   1300 C  C4    . G   A 1 61 ? 1.065   -16.136 9.868   1.00 55.07  ? 65  G   X C4    1 
ATOM   1301 P  P     . C   A 1 62 ? -1.427  -20.077 13.907  1.00 53.88  ? 66  C   X P     1 
ATOM   1302 O  OP1   . C   A 1 62 ? -2.167  -21.342 14.136  1.00 64.88  ? 66  C   X OP1   1 
ATOM   1303 O  OP2   . C   A 1 62 ? -0.830  -19.308 15.034  1.00 53.46  ? 66  C   X OP2   1 
ATOM   1304 O  "O5'" . C   A 1 62 ? -0.316  -20.521 12.860  1.00 57.21  ? 66  C   X "O5'" 1 
ATOM   1305 C  "C5'" . C   A 1 62 ? -0.603  -21.520 11.894  1.00 56.16  ? 66  C   X "C5'" 1 
ATOM   1306 C  "C4'" . C   A 1 62 ? 0.557   -21.705 10.956  1.00 59.03  ? 66  C   X "C4'" 1 
ATOM   1307 O  "O4'" . C   A 1 62 ? 0.895   -20.426 10.356  1.00 58.42  ? 66  C   X "O4'" 1 
ATOM   1308 C  "C3'" . C   A 1 62 ? 1.857   -22.142 11.598  1.00 57.79  ? 66  C   X "C3'" 1 
ATOM   1309 O  "O3'" . C   A 1 62 ? 1.901   -23.523 11.871  1.00 67.04  ? 66  C   X "O3'" 1 
ATOM   1310 C  "C2'" . C   A 1 62 ? 2.889   -21.688 10.576  1.00 63.86  ? 66  C   X "C2'" 1 
ATOM   1311 O  "O2'" . C   A 1 62 ? 2.905   -22.563 9.456   1.00 66.65  ? 66  C   X "O2'" 1 
ATOM   1312 C  "C1'" . C   A 1 62 ? 2.288   -20.357 10.130  1.00 57.61  ? 66  C   X "C1'" 1 
ATOM   1313 N  N1    . C   A 1 62 ? 2.830   -19.225 10.906  1.00 55.57  ? 66  C   X N1    1 
ATOM   1314 C  C2    . C   A 1 62 ? 4.035   -18.663 10.473  1.00 61.83  ? 66  C   X C2    1 
ATOM   1315 O  O2    . C   A 1 62 ? 4.569   -19.152 9.463   1.00 61.64  ? 66  C   X O2    1 
ATOM   1316 N  N3    . C   A 1 62 ? 4.574   -17.612 11.148  1.00 59.57  ? 66  C   X N3    1 
ATOM   1317 C  C4    . C   A 1 62 ? 3.942   -17.136 12.222  1.00 58.99  ? 66  C   X C4    1 
ATOM   1318 N  N4    . C   A 1 62 ? 4.499   -16.109 12.870  1.00 53.45  ? 66  C   X N4    1 
ATOM   1319 C  C5    . C   A 1 62 ? 2.716   -17.714 12.694  1.00 57.87  ? 66  C   X C5    1 
ATOM   1320 C  C6    . C   A 1 62 ? 2.194   -18.743 12.015  1.00 52.98  ? 66  C   X C6    1 
ATOM   1321 P  P     . G   A 1 63 ? 2.696   -24.077 13.155  1.00 66.24  ? 67  G   X P     1 
ATOM   1322 O  OP1   . G   A 1 63 ? 2.403   -25.535 13.116  1.00 64.17  ? 67  G   X OP1   1 
ATOM   1323 O  OP2   . G   A 1 63 ? 2.410   -23.267 14.378  1.00 58.59  ? 67  G   X OP2   1 
ATOM   1324 O  "O5'" . G   A 1 63 ? 4.224   -23.855 12.768  1.00 68.74  ? 67  G   X "O5'" 1 
ATOM   1325 C  "C5'" . G   A 1 63 ? 4.811   -24.604 11.714  1.00 69.94  ? 67  G   X "C5'" 1 
ATOM   1326 C  "C4'" . G   A 1 63 ? 6.238   -24.197 11.491  1.00 67.80  ? 67  G   X "C4'" 1 
ATOM   1327 O  "O4'" . G   A 1 63 ? 6.274   -22.819 11.033  1.00 66.25  ? 67  G   X "O4'" 1 
ATOM   1328 C  "C3'" . G   A 1 63 ? 7.123   -24.188 12.730  1.00 68.30  ? 67  G   X "C3'" 1 
ATOM   1329 O  "O3'" . G   A 1 63 ? 7.602   -25.468 13.090  1.00 67.62  ? 67  G   X "O3'" 1 
ATOM   1330 C  "C2'" . G   A 1 63 ? 8.221   -23.221 12.328  1.00 66.25  ? 67  G   X "C2'" 1 
ATOM   1331 O  "O2'" . G   A 1 63 ? 9.123   -23.854 11.432  1.00 67.07  ? 67  G   X "O2'" 1 
ATOM   1332 C  "C1'" . G   A 1 63 ? 7.423   -22.178 11.540  1.00 67.23  ? 67  G   X "C1'" 1 
ATOM   1333 N  N9    . G   A 1 63 ? 7.011   -21.040 12.380  1.00 64.10  ? 67  G   X N9    1 
ATOM   1334 C  C8    . G   A 1 63 ? 5.794   -20.785 12.962  1.00 63.23  ? 67  G   X C8    1 
ATOM   1335 N  N7    . G   A 1 63 ? 5.776   -19.673 13.653  1.00 62.71  ? 67  G   X N7    1 
ATOM   1336 C  C5    . G   A 1 63 ? 7.070   -19.183 13.527  1.00 61.60  ? 67  G   X C5    1 
ATOM   1337 C  C6    . G   A 1 63 ? 7.662   -18.005 14.052  1.00 68.46  ? 67  G   X C6    1 
ATOM   1338 O  O6    . G   A 1 63 ? 7.153   -17.117 14.767  1.00 61.94  ? 67  G   X O6    1 
ATOM   1339 N  N1    . G   A 1 63 ? 8.999   -17.915 13.666  1.00 69.89  ? 67  G   X N1    1 
ATOM   1340 C  C2    . G   A 1 63 ? 9.679   -18.818 12.886  1.00 69.72  ? 67  G   X C2    1 
ATOM   1341 N  N2    . G   A 1 63 ? 10.966  -18.509 12.636  1.00 65.54  ? 67  G   X N2    1 
ATOM   1342 N  N3    . G   A 1 63 ? 9.135   -19.919 12.390  1.00 61.84  ? 67  G   X N3    1 
ATOM   1343 C  C4    . G   A 1 63 ? 7.841   -20.017 12.747  1.00 62.56  ? 67  G   X C4    1 
ATOM   1344 P  P     . U   A 1 64 ? 7.775   -25.879 14.640  1.00 76.08  ? 68  U   X P     1 
ATOM   1345 O  OP1   . U   A 1 64 ? 8.040   -27.333 14.667  1.00 75.60  ? 68  U   X OP1   1 
ATOM   1346 O  OP2   . U   A 1 64 ? 6.645   -25.351 15.448  1.00 77.28  ? 68  U   X OP2   1 
ATOM   1347 O  "O5'" . U   A 1 64 ? 9.101   -25.121 15.107  1.00 71.06  ? 68  U   X "O5'" 1 
ATOM   1348 C  "C5'" . U   A 1 64 ? 10.312  -25.223 14.372  1.00 68.73  ? 68  U   X "C5'" 1 
ATOM   1349 C  "C4'" . U   A 1 64 ? 11.289  -24.149 14.781  1.00 75.71  ? 68  U   X "C4'" 1 
ATOM   1350 O  "O4'" . U   A 1 64 ? 10.812  -22.848 14.329  1.00 70.49  ? 68  U   X "O4'" 1 
ATOM   1351 C  "C3'" . U   A 1 64 ? 11.486  -23.972 16.283  1.00 77.43  ? 68  U   X "C3'" 1 
ATOM   1352 O  "O3'" . U   A 1 64 ? 12.379  -24.932 16.851  1.00 76.50  ? 68  U   X "O3'" 1 
ATOM   1353 C  "C2'" . U   A 1 64 ? 11.961  -22.524 16.382  1.00 74.12  ? 68  U   X "C2'" 1 
ATOM   1354 O  "O2'" . U   A 1 64 ? 13.332  -22.424 16.024  1.00 77.43  ? 68  U   X "O2'" 1 
ATOM   1355 C  "C1'" . U   A 1 64 ? 11.128  -21.857 15.284  1.00 71.69  ? 68  U   X "C1'" 1 
ATOM   1356 N  N1    . U   A 1 64 ? 9.863   -21.278 15.798  1.00 66.29  ? 68  U   X N1    1 
ATOM   1357 C  C2    . U   A 1 64 ? 9.887   -19.996 16.315  1.00 73.07  ? 68  U   X C2    1 
ATOM   1358 O  O2    . U   A 1 64 ? 10.923  -19.342 16.366  1.00 74.03  ? 68  U   X O2    1 
ATOM   1359 N  N3    . U   A 1 64 ? 8.666   -19.509 16.759  1.00 71.18  ? 68  U   X N3    1 
ATOM   1360 C  C4    . U   A 1 64 ? 7.446   -20.171 16.738  1.00 69.94  ? 68  U   X C4    1 
ATOM   1361 O  O4    . U   A 1 64 ? 6.416   -19.641 17.175  1.00 65.40  ? 68  U   X O4    1 
ATOM   1362 C  C5    . U   A 1 64 ? 7.520   -21.490 16.186  1.00 68.22  ? 68  U   X C5    1 
ATOM   1363 C  C6    . U   A 1 64 ? 8.685   -21.977 15.743  1.00 65.69  ? 68  U   X C6    1 
HETATM 1364 P  PC    . CCC A 1 65 ? 15.209  -21.076 22.930  1.00 107.90 ? 69  CCC X PC    1 
HETATM 1365 O  O1C   . CCC A 1 65 ? 16.474  -20.344 22.536  1.00 99.13  ? 69  CCC X O1C   1 
HETATM 1366 O  O2C   . CCC A 1 65 ? 14.942  -21.520 24.357  1.00 93.03  ? 69  CCC X O2C   1 
HETATM 1367 P  P     . CCC A 1 65 ? 12.332  -25.297 18.423  1.00 81.39  ? 69  CCC X P     1 
HETATM 1368 O  OP1   . CCC A 1 65 ? 13.427  -26.312 18.700  1.00 93.03  ? 69  CCC X OP1   1 
HETATM 1369 O  OP2   . CCC A 1 65 ? 10.936  -25.652 18.889  1.00 72.08  ? 69  CCC X OP2   1 
HETATM 1370 O  "O5'" . CCC A 1 65 ? 12.777  -23.933 19.152  1.00 77.99  ? 69  CCC X "O5'" 1 
HETATM 1371 C  "C5'" . CCC A 1 65 ? 14.082  -23.424 18.933  1.00 80.29  ? 69  CCC X "C5'" 1 
HETATM 1372 C  "C4'" . CCC A 1 65 ? 14.201  -22.100 19.666  1.00 85.07  ? 69  CCC X "C4'" 1 
HETATM 1373 O  "O4'" . CCC A 1 65 ? 13.404  -21.057 19.076  1.00 83.55  ? 69  CCC X "O4'" 1 
HETATM 1374 C  "C3'" . CCC A 1 65 ? 13.782  -22.219 21.124  1.00 84.47  ? 69  CCC X "C3'" 1 
HETATM 1375 O  "O3'" . CCC A 1 65 ? 14.934  -22.335 21.955  1.00 97.85  ? 69  CCC X "O3'" 1 
HETATM 1376 C  "C2'" . CCC A 1 65 ? 13.138  -20.881 21.440  1.00 89.18  ? 69  CCC X "C2'" 1 
HETATM 1377 O  "O2'" . CCC A 1 65 ? 14.003  -20.175 22.335  1.00 95.15  ? 69  CCC X "O2'" 1 
HETATM 1378 C  "C1'" . CCC A 1 65 ? 13.012  -20.151 20.112  1.00 82.20  ? 69  CCC X "C1'" 1 
HETATM 1379 N  N1    . CCC A 1 65 ? 11.602  -19.809 20.037  1.00 78.77  ? 69  CCC X N1    1 
HETATM 1380 C  C2    . CCC A 1 65 ? 11.226  -18.505 20.373  1.00 76.95  ? 69  CCC X C2    1 
HETATM 1381 O  O2    . CCC A 1 65 ? 12.117  -17.696 20.688  1.00 70.10  ? 69  CCC X O2    1 
HETATM 1382 N  N3    . CCC A 1 65 ? 9.928   -18.144 20.336  1.00 76.38  ? 69  CCC X N3    1 
HETATM 1383 C  C4    . CCC A 1 65 ? 8.989   -19.042 19.979  1.00 75.11  ? 69  CCC X C4    1 
HETATM 1384 N  N4    . CCC A 1 65 ? 7.688   -18.677 19.939  1.00 74.82  ? 69  CCC X N4    1 
HETATM 1385 C  C5    . CCC A 1 65 ? 9.351   -20.344 19.658  1.00 77.92  ? 69  CCC X C5    1 
HETATM 1386 C  C6    . CCC A 1 65 ? 10.689  -20.718 19.694  1.00 76.14  ? 69  CCC X C6    1 
HETATM 1387 N  N9    . GUN B 2 .  ? -1.512  -13.128 4.360   1.00 56.27  ? 101 GUN X N9    1 
HETATM 1388 C  C8    . GUN B 2 .  ? -0.375  -13.203 3.621   1.00 57.38  ? 101 GUN X C8    1 
HETATM 1389 N  N7    . GUN B 2 .  ? 0.538   -12.326 3.975   1.00 59.79  ? 101 GUN X N7    1 
HETATM 1390 C  C5    . GUN B 2 .  ? -0.041  -11.630 5.024   1.00 55.86  ? 101 GUN X C5    1 
HETATM 1391 C  C6    . GUN B 2 .  ? 0.482   -10.579 5.820   1.00 55.55  ? 101 GUN X C6    1 
HETATM 1392 O  O6    . GUN B 2 .  ? 1.597   -10.044 5.739   1.00 59.43  ? 101 GUN X O6    1 
HETATM 1393 N  N1    . GUN B 2 .  ? -0.439  -10.150 6.775   1.00 58.60  ? 101 GUN X N1    1 
HETATM 1394 C  C2    . GUN B 2 .  ? -1.689  -10.688 6.958   1.00 58.48  ? 101 GUN X C2    1 
HETATM 1395 N  N2    . GUN B 2 .  ? -2.438  -10.169 7.939   1.00 58.08  ? 101 GUN X N2    1 
HETATM 1396 N  N3    . GUN B 2 .  ? -2.169  -11.686 6.219   1.00 55.06  ? 101 GUN X N3    1 
HETATM 1397 C  C4    . GUN B 2 .  ? -1.315  -12.127 5.262   1.00 56.20  ? 101 GUN X C4    1 
HETATM 1398 MG MG    . MG  C 3 .  ? 5.286   -12.415 11.463  1.00 56.73  ? 102 MG  X MG    1 
HETATM 1399 O  O     . HOH D 4 .  ? 4.463   -20.960 17.269  1.00 59.72  ? 201 HOH X O     1 
HETATM 1400 O  O     . HOH D 4 .  ? 6.283   -15.782 17.011  1.00 59.70  ? 202 HOH X O     1 
HETATM 1401 O  O     . HOH D 4 .  ? 4.212   -9.492  4.831   1.00 61.82  ? 203 HOH X O     1 
HETATM 1402 O  O     . HOH D 4 .  ? 4.749   -10.786 12.364  1.00 64.72  ? 204 HOH X O     1 
# 
